data_9F01
#
_entry.id   9F01
#
_cell.length_a   76.637
_cell.length_b   62.290
_cell.length_c   116.664
_cell.angle_alpha   90.00
_cell.angle_beta   98.06
_cell.angle_gamma   90.00
#
_symmetry.space_group_name_H-M   'P 1 21 1'
#
loop_
_entity.id
_entity.type
_entity.pdbx_description
1 polymer 'synthetic D-SH2 domain NS1-10'
2 polymer 'nanobody DAM21.3'
3 non-polymer 'CHLORIDE ION'
4 water water
#
loop_
_entity_poly.entity_id
_entity_poly.type
_entity_poly.pdbx_seq_one_letter_code
_entity_poly.pdbx_strand_id
1 'polypeptide(L)'
;(DGL)(DLY)(DHI)(DSN)(DTR)(DTY)(DHI)G(DPR)(DVA)(DSN)(DAR)(DSG)(DAL)(DAL)(DGL)
(DTY)(DLE)(DLE)(DSN)(DSN)G(DIL)(DSG)G(DSN)(DPN)(DLE)(DVA)(DAR)(DGL)(DSN)(DGL)
(DSN)(DSN)(DPR)G(DGN)(DAR)(DSN)(DIL)(DSN)(DLE)(DAR)(DTY)(DGL)G(DAR)(DVA)(DTY)
(DHI)(DTY)(DAR)(DIL)(DSG)(DTH)(DCY)(DSN)(DAS)G(DLY)(DLE)(DTY)(DVA)(DSN)(DSN)
(DGL)(DSN)(DAR)(DPN)(DSG)(DTH)(DLE)(DAL)(DGL)(DLE)(DVA)(DHI)(DHI)(DHI)(DSN)(DTH)
(DVA)(DAL)(DAS)G(DLE)(DIL)(DTH)(DTH)(DLE)(DHI)(DTY)(DPR)(DAL)(DPR)(DLY)(DAR)
(DSG)
;
A,B,C,D
2 'polypeptide(L)'
;GSMAASSVPTKLEVVAATPTSLLISWDAPAVTVDHYVITYGETGGNSPVQEFTVPGSKSTATISGLKPGVDYTITVYASD
YYDGEISWYSPISINYRT
;
E,F,G,H
#
loop_
_chem_comp.id
_chem_comp.type
_chem_comp.name
_chem_comp.formula
CL non-polymer 'CHLORIDE ION' 'Cl -1'
#
# COMPACT_ATOMS: atom_id res chain seq x y z
N DGL A 1 -16.48 9.32 8.35
CA DGL A 1 -17.22 10.58 8.18
C DGL A 1 -18.25 10.80 9.30
O DGL A 1 -17.95 11.34 10.35
CB DGL A 1 -16.25 11.77 8.08
CG DGL A 1 -15.33 11.95 9.28
CD DGL A 1 -14.34 13.10 9.11
OE1 DGL A 1 -13.19 12.97 9.58
OE2 DGL A 1 -14.74 14.14 8.53
N DLY A 2 -19.48 10.37 9.04
CA DLY A 2 -20.58 10.77 9.89
C DLY A 2 -21.22 12.03 9.34
O DLY A 2 -22.28 12.00 8.70
CB DLY A 2 -21.62 9.66 10.02
N DHI A 3 -20.52 13.16 9.54
CA DHI A 3 -21.08 14.48 9.31
C DHI A 3 -21.77 14.87 10.62
O DHI A 3 -21.43 14.34 11.67
CB DHI A 3 -19.96 15.49 9.04
CG DHI A 3 -19.39 15.44 7.66
ND1 DHI A 3 -19.93 16.16 6.61
CD2 DHI A 3 -18.34 14.76 7.15
CE1 DHI A 3 -19.22 15.92 5.51
NE2 DHI A 3 -18.26 15.08 5.81
N DSN A 4 -22.75 15.77 10.56
CA DSN A 4 -23.51 16.12 11.76
C DSN A 4 -22.60 16.77 12.78
O DSN A 4 -22.82 16.67 13.99
CB DSN A 4 -24.65 17.07 11.41
OG DSN A 4 -24.39 17.71 10.17
N DTR A 5 -21.56 17.41 12.27
CA DTR A 5 -20.66 18.20 13.10
CB DTR A 5 -20.23 19.45 12.33
CG DTR A 5 -19.84 19.21 10.89
CD1 DTR A 5 -20.56 19.48 9.78
NE1 DTR A 5 -19.87 19.15 8.65
CE2 DTR A 5 -18.63 18.68 9.01
CZ2 DTR A 5 -17.56 18.23 8.23
CH2 DTR A 5 -16.43 17.81 8.88
CZ3 DTR A 5 -16.34 17.83 10.28
CE3 DTR A 5 -17.40 18.27 11.06
CD2 DTR A 5 -18.57 18.71 10.42
C DTR A 5 -19.45 17.41 13.61
O DTR A 5 -18.63 17.93 14.36
N DTY A 6 -19.34 16.16 13.17
CA DTY A 6 -18.20 15.35 13.57
C DTY A 6 -18.58 14.41 14.72
O DTY A 6 -19.29 13.41 14.51
CB DTY A 6 -17.66 14.52 12.41
CG DTY A 6 -16.28 13.97 12.67
CD1 DTY A 6 -15.17 14.79 12.56
CD2 DTY A 6 -16.09 12.63 13.03
CE1 DTY A 6 -13.90 14.31 12.79
CE2 DTY A 6 -14.81 12.14 13.27
CZ DTY A 6 -13.72 12.99 13.15
OH DTY A 6 -12.44 12.55 13.36
N DHI A 7 -18.13 14.72 15.92
CA DHI A 7 -18.47 13.88 17.07
C DHI A 7 -17.42 12.81 17.33
O DHI A 7 -17.64 11.89 18.11
CB DHI A 7 -18.71 14.72 18.31
CG DHI A 7 -20.01 15.47 18.30
ND1 DHI A 7 -20.87 15.50 19.38
CD2 DHI A 7 -20.59 16.22 17.33
CE1 DHI A 7 -21.92 16.23 19.08
NE2 DHI A 7 -21.79 16.67 17.84
N GLY A 8 -16.26 12.93 16.69
CA GLY A 8 -15.22 11.94 16.82
C GLY A 8 -14.46 11.98 18.14
N DPR A 9 -14.31 10.82 18.79
CA DPR A 9 -13.54 10.66 20.02
CB DPR A 9 -13.30 9.15 20.08
CG DPR A 9 -14.43 8.55 19.32
CD DPR A 9 -14.80 9.54 18.25
C DPR A 9 -14.29 11.13 21.27
O DPR A 9 -14.87 10.34 22.02
N DVA A 10 -14.26 12.44 21.50
CA DVA A 10 -14.96 13.07 22.61
CB DVA A 10 -16.25 13.73 22.09
CG1 DVA A 10 -17.31 12.69 21.79
CG2 DVA A 10 -16.75 14.79 23.05
C DVA A 10 -14.00 14.07 23.25
O DVA A 10 -13.34 14.84 22.55
N DSN A 11 -13.92 14.07 24.58
CA DSN A 11 -13.00 14.94 25.30
C DSN A 11 -13.36 16.43 25.23
O DSN A 11 -14.48 16.81 24.85
CB DSN A 11 -12.87 14.53 26.77
OG DSN A 11 -13.88 15.12 27.59
N DAR A 12 -12.38 17.26 25.59
CA DAR A 12 -12.56 18.71 25.65
CB DAR A 12 -11.22 19.39 26.00
CG DAR A 12 -11.16 20.92 25.78
CD DAR A 12 -9.81 21.52 26.24
NE DAR A 12 -9.87 22.13 27.57
CZ DAR A 12 -9.39 21.58 28.68
NH1 DAR A 12 -9.56 22.23 29.83
NH2 DAR A 12 -8.75 20.43 28.66
C DAR A 12 -13.68 19.04 26.62
O DAR A 12 -14.55 19.85 26.32
N DSG A 13 -13.70 18.35 27.77
CA DSG A 13 -14.75 18.53 28.76
C DSG A 13 -16.13 18.09 28.22
O DSG A 13 -17.14 18.80 28.34
CB DSG A 13 -14.42 17.74 30.00
CG DSG A 13 -13.50 18.48 30.93
OD1 DSG A 13 -12.85 19.44 30.53
ND2 DSG A 13 -13.46 18.06 32.19
N DAL A 14 -16.16 16.90 27.65
CA DAL A 14 -17.36 16.33 27.08
CB DAL A 14 -17.06 14.98 26.49
C DAL A 14 -17.95 17.26 26.03
O DAL A 14 -19.17 17.43 25.96
N DAL A 15 -17.09 17.86 25.23
CA DAL A 15 -17.55 18.82 24.22
CB DAL A 15 -16.38 19.34 23.40
C DAL A 15 -18.29 19.98 24.89
O DAL A 15 -19.38 20.36 24.46
N DGL A 16 -17.70 20.53 25.94
CA DGL A 16 -18.26 21.70 26.60
C DGL A 16 -19.63 21.40 27.16
O DGL A 16 -20.49 22.29 27.21
CB DGL A 16 -17.36 22.19 27.73
CG DGL A 16 -15.97 22.46 27.28
CD DGL A 16 -15.23 23.36 28.23
OE1 DGL A 16 -14.13 23.81 27.86
OE2 DGL A 16 -15.74 23.58 29.35
N DTY A 17 -19.83 20.17 27.63
CA DTY A 17 -21.14 19.73 28.08
C DTY A 17 -22.08 19.66 26.87
O DTY A 17 -23.17 20.21 26.90
CB DTY A 17 -21.07 18.37 28.80
CG DTY A 17 -22.42 17.71 28.95
CD1 DTY A 17 -23.29 18.09 29.96
CD2 DTY A 17 -22.82 16.71 28.07
CE1 DTY A 17 -24.53 17.48 30.10
CE2 DTY A 17 -24.07 16.10 28.21
CZ DTY A 17 -24.91 16.49 29.21
OH DTY A 17 -26.14 15.90 29.35
N DLE A 18 -21.63 18.98 25.83
CA DLE A 18 -22.42 18.82 24.61
CB DLE A 18 -21.63 18.04 23.56
CG DLE A 18 -21.44 16.54 23.82
CD1 DLE A 18 -22.71 15.74 23.49
CD2 DLE A 18 -20.24 16.01 23.04
C DLE A 18 -22.88 20.17 24.04
O DLE A 18 -23.88 20.24 23.34
N DLE A 19 -22.15 21.24 24.35
CA DLE A 19 -22.48 22.57 23.85
CB DLE A 19 -21.23 23.28 23.33
CG DLE A 19 -20.54 22.71 22.09
CD1 DLE A 19 -21.41 22.87 20.85
CD2 DLE A 19 -19.18 23.37 21.93
C DLE A 19 -23.12 23.44 24.92
O DLE A 19 -23.40 24.62 24.68
N DSN A 20 -23.34 22.88 26.11
CA DSN A 20 -23.79 23.70 27.22
C DSN A 20 -25.22 24.23 27.07
O DSN A 20 -25.58 25.24 27.68
CB DSN A 20 -23.59 22.98 28.56
OG DSN A 20 -24.00 21.64 28.48
N DSN A 21 -26.01 23.57 26.23
CA DSN A 21 -27.37 24.06 25.98
C DSN A 21 -27.49 24.66 24.58
O DSN A 21 -28.58 24.78 24.03
CB DSN A 21 -28.39 22.94 26.18
OG DSN A 21 -27.96 21.77 25.51
N GLY A 22 -26.35 25.06 24.00
CA GLY A 22 -26.34 25.61 22.65
C GLY A 22 -26.53 27.12 22.55
N DIL A 23 -26.30 27.65 21.36
CA DIL A 23 -26.34 29.11 21.12
C DIL A 23 -25.11 29.57 20.34
O DIL A 23 -24.19 28.79 20.08
CB DIL A 23 -27.63 29.54 20.42
CG1 DIL A 23 -27.76 28.87 19.07
CG2 DIL A 23 -28.85 29.22 21.29
CD1 DIL A 23 -29.03 29.24 18.34
N DSG A 24 -25.10 30.85 19.97
CA DSG A 24 -24.00 31.40 19.20
C DSG A 24 -23.87 30.70 17.86
O DSG A 24 -24.80 30.73 17.04
CB DSG A 24 -24.17 32.92 18.98
CG DSG A 24 -24.23 33.70 20.29
OD1 DSG A 24 -23.20 34.12 20.83
ND2 DSG A 24 -25.44 33.91 20.79
N GLY A 25 -22.75 30.03 17.65
CA GLY A 25 -22.53 29.30 16.42
C GLY A 25 -22.64 27.79 16.61
N DSN A 26 -23.03 27.38 17.80
CA DSN A 26 -23.10 25.95 18.13
C DSN A 26 -21.68 25.41 18.19
O DSN A 26 -20.80 26.00 18.81
CB DSN A 26 -23.79 25.73 19.47
OG DSN A 26 -25.19 25.63 19.29
N DPN A 27 -21.46 24.29 17.52
CA DPN A 27 -20.12 23.76 17.39
C DPN A 27 -20.11 22.28 17.11
O DPN A 27 -21.11 21.70 16.73
CB DPN A 27 -19.35 24.49 16.27
CG DPN A 27 -19.65 23.98 14.88
CD1 DPN A 27 -20.80 24.36 14.21
CD2 DPN A 27 -18.77 23.11 14.25
CE1 DPN A 27 -21.06 23.90 12.93
CE2 DPN A 27 -19.03 22.64 12.97
CZ DPN A 27 -20.18 23.04 12.31
N DLE A 28 -18.94 21.69 17.32
CA DLE A 28 -18.70 20.30 16.99
CB DLE A 28 -19.03 19.42 18.20
CG DLE A 28 -18.12 19.55 19.43
CD1 DLE A 28 -18.92 19.37 20.69
CD2 DLE A 28 -17.03 18.48 19.38
C DLE A 28 -17.23 20.17 16.66
O DLE A 28 -16.42 21.05 17.00
N DVA A 29 -16.87 19.08 16.00
CA DVA A 29 -15.48 18.74 15.75
CB DVA A 29 -15.19 18.62 14.26
CG1 DVA A 29 -15.59 19.92 13.53
CG2 DVA A 29 -13.72 18.25 14.02
C DVA A 29 -15.17 17.46 16.50
O DVA A 29 -15.94 16.49 16.45
N DAR A 30 -14.06 17.45 17.21
CA DAR A 30 -13.70 16.32 18.05
CB DAR A 30 -13.93 16.66 19.53
CG DAR A 30 -13.02 17.75 20.04
CD DAR A 30 -13.33 18.17 21.44
NE DAR A 30 -12.67 19.44 21.77
CZ DAR A 30 -11.38 19.56 22.05
NH1 DAR A 30 -10.89 20.77 22.31
NH2 DAR A 30 -10.58 18.53 22.10
C DAR A 30 -12.25 15.93 17.85
O DAR A 30 -11.40 16.77 17.55
N DGL A 31 -11.96 14.65 18.01
CA DGL A 31 -10.59 14.17 17.89
C DGL A 31 -10.07 13.63 19.21
O DGL A 31 -10.86 13.22 20.08
CB DGL A 31 -10.50 13.05 16.86
CG DGL A 31 -11.26 11.81 17.27
CD DGL A 31 -11.35 10.79 16.17
OE1 DGL A 31 -11.22 9.59 16.48
OE2 DGL A 31 -11.55 11.20 15.01
N DSN A 32 -8.77 13.62 19.36
CA DSN A 32 -8.13 12.94 20.45
C DSN A 32 -8.21 11.42 20.30
O DSN A 32 -7.85 10.87 19.25
CB DSN A 32 -6.65 13.34 20.48
OG DSN A 32 -5.85 12.32 21.05
N DGL A 33 -8.72 10.74 21.33
CA DGL A 33 -8.53 9.29 21.41
C DGL A 33 -7.03 9.03 21.49
O DGL A 33 -6.27 9.91 21.89
CB DGL A 33 -9.30 8.68 22.60
CG DGL A 33 -8.57 8.72 23.94
CD DGL A 33 -9.20 7.80 24.98
OE1 DGL A 33 -8.46 7.32 25.87
OE2 DGL A 33 -10.42 7.55 24.91
N DSN A 34 -6.58 7.86 21.05
CA DSN A 34 -5.15 7.50 21.01
C DSN A 34 -4.35 8.25 19.94
O DSN A 34 -3.20 7.91 19.67
CB DSN A 34 -4.47 7.63 22.38
OG DSN A 34 -4.02 8.96 22.60
N DSN A 35 -4.98 9.26 19.33
CA DSN A 35 -4.35 9.99 18.24
C DSN A 35 -5.43 10.67 17.39
O DSN A 35 -5.55 11.88 17.39
CB DSN A 35 -3.39 11.05 18.78
OG DSN A 35 -3.02 11.96 17.75
N DPR A 36 -6.19 9.85 16.65
CA DPR A 36 -7.39 10.38 15.97
CB DPR A 36 -8.12 9.12 15.47
CG DPR A 36 -7.26 7.95 15.80
CD DPR A 36 -6.00 8.41 16.46
C DPR A 36 -7.10 11.31 14.79
O DPR A 36 -8.03 11.87 14.23
N GLY A 37 -5.83 11.46 14.42
CA GLY A 37 -5.46 12.34 13.31
C GLY A 37 -5.26 13.79 13.71
N DGN A 38 -5.36 14.04 15.01
CA DGN A 38 -5.08 15.36 15.59
C DGN A 38 -6.39 15.83 16.23
O DGN A 38 -6.92 15.18 17.13
CB DGN A 38 -3.92 15.20 16.57
CG DGN A 38 -4.01 15.92 17.90
CD DGN A 38 -2.77 15.65 18.76
OE1 DGN A 38 -2.05 14.67 18.53
NE2 DGN A 38 -2.50 16.53 19.72
N DAR A 39 -6.94 16.94 15.74
CA DAR A 39 -8.32 17.28 16.06
CB DAR A 39 -9.21 16.95 14.87
CG DAR A 39 -9.26 15.48 14.56
CD DAR A 39 -10.20 15.22 13.43
NE DAR A 39 -9.48 15.25 12.17
CZ DAR A 39 -9.23 14.17 11.45
NH1 DAR A 39 -8.52 14.30 10.33
NH2 DAR A 39 -9.66 12.98 11.80
C DAR A 39 -8.57 18.72 16.46
O DAR A 39 -7.69 19.57 16.34
N DSN A 40 -9.80 18.98 16.91
CA DSN A 40 -10.17 20.32 17.36
C DSN A 40 -11.63 20.69 17.11
O DSN A 40 -12.52 19.84 17.03
CB DSN A 40 -9.82 20.51 18.83
OG DSN A 40 -8.42 20.44 19.02
N DIL A 41 -11.83 21.99 16.99
CA DIL A 41 -13.15 22.59 16.95
C DIL A 41 -13.50 23.13 18.32
O DIL A 41 -12.66 23.78 18.98
CB DIL A 41 -13.18 23.71 15.91
CG1 DIL A 41 -12.81 23.15 14.52
CG2 DIL A 41 -14.53 24.41 15.91
CD1 DIL A 41 -12.72 24.22 13.46
N DSN A 42 -14.71 22.86 18.76
CA DSN A 42 -15.22 23.49 19.96
C DSN A 42 -16.45 24.28 19.53
O DSN A 42 -17.34 23.75 18.87
CB DSN A 42 -15.56 22.47 21.04
OG DSN A 42 -14.37 21.87 21.54
N DLE A 43 -16.45 25.55 19.89
CA DLE A 43 -17.41 26.51 19.37
CB DLE A 43 -16.73 27.39 18.31
CG DLE A 43 -17.34 28.72 17.88
CD1 DLE A 43 -16.34 29.50 17.05
CD2 DLE A 43 -18.60 28.49 17.07
C DLE A 43 -17.97 27.37 20.52
O DLE A 43 -17.22 27.89 21.36
N DAR A 44 -19.29 27.50 20.56
CA DAR A 44 -19.96 28.22 21.63
CB DAR A 44 -21.30 27.53 21.98
CG DAR A 44 -22.35 28.41 22.64
CD DAR A 44 -22.92 27.72 23.87
NE DAR A 44 -24.14 28.33 24.40
CZ DAR A 44 -24.67 28.03 25.58
NH1 DAR A 44 -25.82 28.60 25.94
NH2 DAR A 44 -24.11 27.15 26.38
C DAR A 44 -20.24 29.66 21.21
O DAR A 44 -20.89 29.93 20.19
N DTY A 45 -19.72 30.60 21.99
CA DTY A 45 -20.03 31.99 21.75
C DTY A 45 -20.31 32.69 23.06
O DTY A 45 -19.52 32.61 24.01
CB DTY A 45 -18.90 32.69 21.02
CG DTY A 45 -19.12 34.16 20.84
CD1 DTY A 45 -19.97 34.64 19.85
CD2 DTY A 45 -18.47 35.09 21.66
CE1 DTY A 45 -20.16 36.01 19.67
CE2 DTY A 45 -18.67 36.45 21.49
CZ DTY A 45 -19.51 36.91 20.50
OH DTY A 45 -19.70 38.27 20.34
N DGL A 46 -21.45 33.38 23.10
CA DGL A 46 -21.87 34.13 24.26
C DGL A 46 -21.70 33.39 25.56
O DGL A 46 -21.15 33.92 26.53
CB DGL A 46 -21.21 35.51 24.28
CG DGL A 46 -21.78 36.44 23.20
CD DGL A 46 -23.21 36.84 23.46
OE1 DGL A 46 -23.81 36.39 24.47
OE2 DGL A 46 -23.79 37.60 22.66
N GLY A 47 -22.15 32.14 25.57
CA GLY A 47 -22.19 31.36 26.80
C GLY A 47 -20.96 30.55 27.14
N DAR A 48 -19.85 30.87 26.50
CA DAR A 48 -18.60 30.11 26.70
CB DAR A 48 -17.43 31.06 26.91
CG DAR A 48 -17.62 32.12 27.95
CD DAR A 48 -16.98 33.37 27.48
NE DAR A 48 -18.00 34.41 27.44
CZ DAR A 48 -17.95 35.48 26.66
NH1 DAR A 48 -18.92 36.38 26.75
NH2 DAR A 48 -16.96 35.67 25.82
C DAR A 48 -18.26 29.21 25.53
O DAR A 48 -18.80 29.36 24.42
N DVA A 49 -17.36 28.28 25.78
CA DVA A 49 -16.88 27.41 24.73
CB DVA A 49 -17.11 25.93 25.02
CG1 DVA A 49 -18.59 25.67 25.14
CG2 DVA A 49 -16.50 25.09 23.93
C DVA A 49 -15.43 27.73 24.36
O DVA A 49 -14.52 27.72 25.20
N DTY A 50 -15.24 28.04 23.09
CA DTY A 50 -13.94 28.29 22.51
C DTY A 50 -13.41 27.05 21.78
O DTY A 50 -14.10 26.45 20.95
CB DTY A 50 -14.04 29.46 21.52
CG DTY A 50 -14.40 30.78 22.17
CD1 DTY A 50 -15.69 31.03 22.61
CD2 DTY A 50 -13.45 31.78 22.33
CE1 DTY A 50 -16.02 32.24 23.20
CE2 DTY A 50 -13.77 33.00 22.92
CZ DTY A 50 -15.06 33.22 23.36
OH DTY A 50 -15.39 34.43 23.94
N DHI A 51 -12.18 26.66 22.13
CA DHI A 51 -11.56 25.50 21.52
C DHI A 51 -10.45 25.93 20.58
O DHI A 51 -9.68 26.83 20.90
CB DHI A 51 -10.98 24.60 22.61
CG DHI A 51 -12.00 24.11 23.60
ND1 DHI A 51 -12.90 23.12 23.30
CD2 DHI A 51 -12.22 24.47 24.88
CE1 DHI A 51 -13.65 22.89 24.36
NE2 DHI A 51 -13.26 23.69 25.33
N DTY A 52 -10.37 25.28 19.43
CA DTY A 52 -9.36 25.63 18.46
C DTY A 52 -8.73 24.36 17.94
O DTY A 52 -9.43 23.51 17.38
CB DTY A 52 -9.95 26.40 17.28
CG DTY A 52 -10.65 27.67 17.69
CD1 DTY A 52 -11.99 27.66 18.07
CD2 DTY A 52 -9.98 28.90 17.72
CE1 DTY A 52 -12.65 28.81 18.45
CE2 DTY A 52 -10.64 30.06 18.10
CZ DTY A 52 -11.97 30.01 18.47
OH DTY A 52 -12.65 31.16 18.84
N DAR A 53 -7.42 24.21 18.14
CA DAR A 53 -6.68 23.11 17.54
CB DAR A 53 -5.24 23.10 18.04
CG DAR A 53 -4.38 21.99 17.45
CD DAR A 53 -2.95 22.11 17.94
NE DAR A 53 -2.41 23.43 17.58
CZ DAR A 53 -1.31 23.95 18.11
NH1 DAR A 53 -0.90 25.15 17.68
NH2 DAR A 53 -0.61 23.31 19.04
C DAR A 53 -6.65 23.26 16.02
O DAR A 53 -6.39 24.35 15.50
N DIL A 54 -6.93 22.17 15.33
CA DIL A 54 -6.79 22.14 13.88
C DIL A 54 -5.37 21.77 13.53
O DIL A 54 -4.92 20.65 13.81
CB DIL A 54 -7.76 21.16 13.27
CG1 DIL A 54 -9.19 21.57 13.61
CG2 DIL A 54 -7.56 21.10 11.77
CD1 DIL A 54 -10.20 20.58 13.11
N DSG A 55 -4.64 22.68 12.91
CA DSG A 55 -3.26 22.39 12.55
C DSG A 55 -3.18 21.55 11.28
O DSG A 55 -4.10 21.50 10.47
CB DSG A 55 -2.48 23.69 12.40
CG DSG A 55 -2.60 24.57 13.62
OD1 DSG A 55 -2.14 24.21 14.72
ND2 DSG A 55 -3.25 25.72 13.46
N DTH A 56 -2.05 20.86 11.11
CA DTH A 56 -1.86 20.05 9.92
CB DTH A 56 -1.75 18.57 10.32
CG2 DTH A 56 -2.92 18.18 11.20
OG1 DTH A 56 -0.55 18.39 11.07
C DTH A 56 -0.61 20.44 9.15
O DTH A 56 0.15 21.33 9.53
N DCY A 57 -0.40 19.76 8.03
CA DCY A 57 0.83 19.90 7.26
C DCY A 57 1.18 18.48 6.86
O DCY A 57 0.30 17.62 6.84
CB DCY A 57 0.60 20.77 6.02
SG DCY A 57 0.23 22.53 6.36
N DSN A 58 2.44 18.23 6.56
CA DSN A 58 2.89 16.88 6.19
C DSN A 58 2.04 16.27 5.09
O DSN A 58 1.66 15.09 5.17
CB DSN A 58 4.36 16.88 5.80
OG DSN A 58 5.16 17.44 6.83
N DAS A 59 1.72 17.06 4.07
CA DAS A 59 0.94 16.55 2.94
C DAS A 59 -0.57 16.50 3.18
O DAS A 59 -1.35 16.29 2.26
CB DAS A 59 1.29 17.30 1.64
CG DAS A 59 0.84 18.75 1.67
OD1 DAS A 59 1.16 19.48 0.70
OD2 DAS A 59 0.20 19.18 2.65
N GLY A 60 -0.99 16.72 4.42
CA GLY A 60 -2.37 16.49 4.80
C GLY A 60 -3.32 17.67 4.84
N DLY A 61 -2.84 18.84 4.40
CA DLY A 61 -3.70 20.03 4.41
C DLY A 61 -3.96 20.47 5.86
O DLY A 61 -3.07 20.40 6.71
CB DLY A 61 -3.09 21.15 3.54
CG DLY A 61 -3.56 21.12 2.07
CD DLY A 61 -3.03 22.30 1.23
CE DLY A 61 -4.06 23.41 0.99
NZ DLY A 61 -4.79 23.30 -0.33
N DLE A 62 -5.19 20.87 6.15
CA DLE A 62 -5.60 21.29 7.49
CB DLE A 62 -6.89 20.57 7.88
CG DLE A 62 -6.96 19.07 7.57
CD1 DLE A 62 -6.08 18.27 8.53
CD2 DLE A 62 -8.40 18.59 7.61
C DLE A 62 -5.87 22.78 7.51
O DLE A 62 -6.15 23.39 6.48
N DTY A 63 -5.81 23.39 8.70
CA DTY A 63 -6.21 24.78 8.84
C DTY A 63 -6.45 25.16 10.30
O DTY A 63 -6.03 24.45 11.21
CB DTY A 63 -5.18 25.74 8.23
CG DTY A 63 -3.78 25.71 8.85
CD1 DTY A 63 -3.50 26.45 9.99
CD2 DTY A 63 -2.75 24.99 8.27
CE1 DTY A 63 -2.23 26.45 10.55
CE2 DTY A 63 -1.47 24.99 8.82
CZ DTY A 63 -1.23 25.71 9.96
OH DTY A 63 0.04 25.72 10.53
N DVA A 64 -7.14 26.28 10.51
CA DVA A 64 -7.14 26.91 11.83
CB DVA A 64 -8.56 27.18 12.35
CG1 DVA A 64 -9.29 25.87 12.58
CG2 DVA A 64 -8.50 27.98 13.63
C DVA A 64 -6.28 28.17 11.78
O DVA A 64 -5.41 28.37 12.63
N DSN A 65 -6.52 29.01 10.78
CA DSN A 65 -5.69 30.19 10.52
C DSN A 65 -4.71 29.88 9.41
O DSN A 65 -5.07 29.37 8.36
CB DSN A 65 -6.55 31.38 10.11
OG DSN A 65 -7.67 31.48 10.96
N DSN A 66 -3.44 30.22 9.65
CA DSN A 66 -2.37 29.88 8.72
C DSN A 66 -2.61 30.38 7.30
O DSN A 66 -2.10 29.80 6.33
CB DSN A 66 -1.04 30.44 9.23
OG DSN A 66 -0.75 31.70 8.66
N DGL A 67 -3.41 31.43 7.15
CA DGL A 67 -3.62 32.02 5.85
C DGL A 67 -4.52 31.14 4.97
O DGL A 67 -4.22 30.93 3.80
CB DGL A 67 -4.17 33.44 5.97
CG DGL A 67 -4.25 34.21 4.65
CD DGL A 67 -5.61 34.21 3.97
OE1 DGL A 67 -6.12 33.13 3.60
OE2 DGL A 67 -6.16 35.32 3.79
N DSN A 68 -5.60 30.62 5.53
CA DSN A 68 -6.53 29.78 4.75
C DSN A 68 -6.46 28.28 5.08
O DSN A 68 -7.05 27.82 6.05
CB DSN A 68 -7.96 30.30 4.91
OG DSN A 68 -8.17 30.88 6.18
N DAR A 69 -5.75 27.53 4.24
CA DAR A 69 -5.56 26.10 4.50
CB DAR A 69 -4.06 25.74 4.41
CG DAR A 69 -3.13 26.72 5.13
CD DAR A 69 -1.67 26.38 4.83
NE DAR A 69 -1.14 26.93 3.60
CZ DAR A 69 -0.75 28.18 3.40
NH1 DAR A 69 -0.94 29.13 4.32
NH2 DAR A 69 -0.18 28.52 2.24
C DAR A 69 -6.37 25.24 3.53
O DAR A 69 -6.60 25.63 2.38
N DPN A 70 -6.81 24.06 3.99
CA DPN A 70 -7.72 23.23 3.19
C DPN A 70 -7.29 21.77 3.10
O DPN A 70 -6.47 21.30 3.88
CB DPN A 70 -9.14 23.32 3.74
CG DPN A 70 -9.63 24.72 3.87
CD1 DPN A 70 -9.71 25.32 5.11
CD2 DPN A 70 -9.95 25.46 2.75
CE1 DPN A 70 -10.14 26.62 5.24
CE2 DPN A 70 -10.38 26.77 2.86
CZ DPN A 70 -10.46 27.36 4.12
N DSG A 71 -7.87 21.05 2.15
CA DSG A 71 -7.48 19.68 1.89
C DSG A 71 -8.37 18.66 2.61
O DSG A 71 -7.95 17.55 2.86
CB DSG A 71 -7.47 19.40 0.39
CG DSG A 71 -6.33 20.10 -0.31
OD1 DSG A 71 -6.48 21.21 -0.83
ND2 DSG A 71 -5.16 19.46 -0.32
N DTH A 72 -9.59 19.07 2.93
CA DTH A 72 -10.47 18.18 3.68
CB DTH A 72 -11.62 17.61 2.83
CG2 DTH A 72 -11.08 17.00 1.54
OG1 DTH A 72 -12.54 18.65 2.50
C DTH A 72 -11.05 18.90 4.88
O DTH A 72 -11.17 20.12 4.90
N DLE A 73 -11.40 18.13 5.89
CA DLE A 73 -12.00 18.68 7.08
CB DLE A 73 -12.20 17.57 8.10
CG DLE A 73 -12.54 17.98 9.52
CD1 DLE A 73 -12.95 16.75 10.30
CD2 DLE A 73 -11.37 18.68 10.20
C DLE A 73 -13.33 19.38 6.75
O DLE A 73 -13.61 20.46 7.28
N DAL A 74 -14.11 18.80 5.85
CA DAL A 74 -15.39 19.40 5.47
CB DAL A 74 -16.16 18.48 4.55
C DAL A 74 -15.19 20.77 4.84
O DAL A 74 -15.92 21.72 5.16
N DGL A 75 -14.21 20.89 3.96
CA DGL A 75 -13.87 22.17 3.33
C DGL A 75 -13.55 23.21 4.41
O DGL A 75 -13.97 24.36 4.33
CB DGL A 75 -12.69 22.04 2.38
CG DGL A 75 -13.09 21.69 0.95
CD DGL A 75 -11.93 21.17 0.12
OE1 DGL A 75 -10.89 20.80 0.72
OE2 DGL A 75 -12.06 21.11 -1.12
N DLE A 76 -12.76 22.80 5.40
CA DLE A 76 -12.46 23.66 6.53
CB DLE A 76 -11.51 22.96 7.50
CG DLE A 76 -11.04 23.83 8.68
CD1 DLE A 76 -10.85 23.00 9.93
CD2 DLE A 76 -9.80 24.60 8.36
C DLE A 76 -13.73 24.12 7.25
O DLE A 76 -13.84 25.28 7.62
N DVA A 77 -14.69 23.21 7.41
CA DVA A 77 -15.91 23.54 8.14
CB DVA A 77 -16.62 22.29 8.68
CG1 DVA A 77 -15.87 21.76 9.87
CG2 DVA A 77 -18.06 22.59 9.09
C DVA A 77 -16.82 24.47 7.34
O DVA A 77 -17.44 25.38 7.89
N DHI A 78 -16.87 24.27 6.02
CA DHI A 78 -17.71 25.13 5.17
C DHI A 78 -17.19 26.57 5.11
O DHI A 78 -17.98 27.52 5.14
CB DHI A 78 -17.83 24.57 3.76
CG DHI A 78 -18.58 25.47 2.83
ND1 DHI A 78 -17.96 26.45 2.09
CD2 DHI A 78 -19.90 25.54 2.52
CE1 DHI A 78 -18.86 27.10 1.37
NE2 DHI A 78 -20.05 26.56 1.61
N DHI A 79 -15.88 26.71 4.98
CA DHI A 79 -15.23 28.03 4.96
C DHI A 79 -15.46 28.80 6.24
O DHI A 79 -15.78 29.99 6.22
CB DHI A 79 -13.74 27.84 4.81
CG DHI A 79 -12.96 29.11 4.98
ND1 DHI A 79 -12.09 29.31 6.03
CD2 DHI A 79 -12.91 30.24 4.24
CE1 DHI A 79 -11.54 30.50 5.94
NE2 DHI A 79 -12.02 31.09 4.86
N DHI A 80 -15.28 28.13 7.36
CA DHI A 80 -15.42 28.78 8.65
C DHI A 80 -16.86 28.83 9.08
O DHI A 80 -17.20 29.45 10.09
CB DHI A 80 -14.55 28.10 9.69
CG DHI A 80 -13.11 28.46 9.58
ND1 DHI A 80 -12.63 29.71 9.91
CD2 DHI A 80 -12.02 27.75 9.19
CE1 DHI A 80 -11.34 29.76 9.72
NE2 DHI A 80 -10.94 28.57 9.28
N DSN A 81 -17.72 28.18 8.32
CA DSN A 81 -19.14 28.34 8.54
C DSN A 81 -19.56 29.65 7.86
O DSN A 81 -20.63 30.20 8.15
CB DSN A 81 -19.90 27.17 7.95
OG DSN A 81 -21.18 27.55 7.47
N DTH A 82 -18.68 30.16 7.01
CA DTH A 82 -18.99 31.32 6.17
CB DTH A 82 -18.56 31.05 4.72
CG2 DTH A 82 -18.55 32.35 3.90
OG1 DTH A 82 -19.47 30.12 4.10
C DTH A 82 -18.33 32.62 6.65
O DTH A 82 -18.97 33.67 6.71
N DVA A 83 -17.04 32.53 6.98
CA DVA A 83 -16.30 33.67 7.52
CB DVA A 83 -15.33 34.24 6.44
CG1 DVA A 83 -14.85 35.62 6.82
CG2 DVA A 83 -14.15 33.29 6.23
C DVA A 83 -15.59 33.21 8.79
O DVA A 83 -15.15 32.07 8.86
N DAL A 84 -15.54 34.07 9.82
CA DAL A 84 -15.01 33.62 11.11
CB DAL A 84 -15.25 34.64 12.21
C DAL A 84 -13.54 33.29 10.98
O DAL A 84 -13.12 32.21 11.37
N DAS A 85 -12.77 34.23 10.42
CA DAS A 85 -11.36 34.01 10.07
C DAS A 85 -10.52 33.29 11.12
O DAS A 85 -9.96 32.23 10.85
CB DAS A 85 -11.27 33.32 8.70
CG DAS A 85 -9.89 33.40 8.10
OD1 DAS A 85 -9.40 32.37 7.58
OD2 DAS A 85 -9.34 34.52 8.06
N GLY A 86 -10.41 33.89 12.30
CA GLY A 86 -9.63 33.31 13.37
C GLY A 86 -10.48 32.72 14.47
N DLE A 87 -11.67 32.23 14.12
CA DLE A 87 -12.66 31.81 15.10
CB DLE A 87 -13.68 30.86 14.50
CG DLE A 87 -13.33 29.39 14.22
CD1 DLE A 87 -14.16 28.87 13.06
CD2 DLE A 87 -11.83 29.14 13.97
C DLE A 87 -13.34 33.05 15.66
O DLE A 87 -13.25 34.12 15.07
N DIL A 88 -14.04 32.92 16.78
CA DIL A 88 -14.69 34.10 17.35
C DIL A 88 -16.05 34.35 16.69
O DIL A 88 -16.64 35.42 16.83
CB DIL A 88 -14.79 34.05 18.87
CG1 DIL A 88 -14.99 35.47 19.41
CG2 DIL A 88 -15.93 33.15 19.29
CD1 DIL A 88 -15.10 35.57 20.89
N DTH A 89 -16.56 33.35 15.99
CA DTH A 89 -17.78 33.53 15.21
CB DTH A 89 -19.04 33.13 15.97
CG2 DTH A 89 -20.18 34.09 15.59
OG1 DTH A 89 -18.82 33.22 17.38
C DTH A 89 -17.67 32.50 14.14
O DTH A 89 -16.75 31.68 14.12
N DTH A 90 -18.66 32.53 13.25
CA DTH A 90 -18.79 31.51 12.25
CB DTH A 90 -19.69 32.00 11.12
CG2 DTH A 90 -19.02 33.11 10.34
OG1 DTH A 90 -20.92 32.47 11.69
C DTH A 90 -19.40 30.28 12.89
O DTH A 90 -20.25 30.37 13.76
N DLE A 91 -18.93 29.11 12.44
CA DLE A 91 -19.59 27.84 12.71
CB DLE A 91 -18.74 26.72 12.17
CG DLE A 91 -17.27 26.94 12.52
CD1 DLE A 91 -17.11 26.92 14.03
CD2 DLE A 91 -16.43 25.87 11.85
C DLE A 91 -20.98 27.82 12.04
O DLE A 91 -21.13 28.19 10.88
N DHI A 92 -21.99 27.35 12.77
CA DHI A 92 -23.36 27.52 12.32
C DHI A 92 -24.22 26.27 12.64
O DHI A 92 -24.82 25.68 11.74
CB DHI A 92 -23.95 28.77 13.01
CG DHI A 92 -25.09 29.40 12.27
ND1 DHI A 92 -25.48 30.70 12.49
CD2 DHI A 92 -25.94 28.90 11.35
CE1 DHI A 92 -26.51 30.99 11.72
NE2 DHI A 92 -26.81 29.91 11.01
N DTY A 93 -24.24 25.91 13.90
CA DTY A 93 -25.14 24.90 14.47
C DTY A 93 -24.44 23.66 15.01
O DTY A 93 -24.00 23.66 16.15
CB DTY A 93 -25.97 25.55 15.58
CG DTY A 93 -26.92 26.64 15.11
CD1 DTY A 93 -27.97 26.33 14.28
CD2 DTY A 93 -26.73 27.97 15.44
CE1 DTY A 93 -28.84 27.28 13.83
CE2 DTY A 93 -27.61 28.95 14.99
CZ DTY A 93 -28.66 28.59 14.17
OH DTY A 93 -29.56 29.53 13.71
N DPR A 94 -24.36 22.60 14.19
CA DPR A 94 -23.71 21.36 14.64
CB DPR A 94 -23.83 20.44 13.43
CG DPR A 94 -24.10 21.33 12.26
CD DPR A 94 -24.85 22.50 12.81
C DPR A 94 -24.46 20.74 15.83
O DPR A 94 -25.65 20.49 15.72
N DAL A 95 -23.75 20.52 16.93
CA DAL A 95 -24.35 19.94 18.14
CB DAL A 95 -23.33 19.90 19.26
C DAL A 95 -24.94 18.55 17.94
O DAL A 95 -24.29 17.68 17.34
N DPR A 96 -26.15 18.32 18.45
CA DPR A 96 -26.69 16.96 18.54
CB DPR A 96 -27.95 17.14 19.40
CG DPR A 96 -28.37 18.55 19.11
CD DPR A 96 -27.10 19.34 18.95
C DPR A 96 -25.68 16.06 19.23
O DPR A 96 -24.99 16.52 20.15
N DLY A 97 -25.57 14.81 18.83
CA DLY A 97 -24.43 13.98 19.20
C DLY A 97 -24.59 13.25 20.53
O DLY A 97 -23.62 13.04 21.27
CB DLY A 97 -24.13 13.01 18.07
CG DLY A 97 -23.56 13.72 16.84
CD DLY A 97 -22.70 12.83 16.01
CE DLY A 97 -22.84 13.20 14.55
NZ DLY A 97 -21.88 12.48 13.70
N DAR A 98 -25.83 12.87 20.83
CA DAR A 98 -26.13 12.31 22.13
CB DAR A 98 -26.65 10.87 22.02
CG DAR A 98 -25.54 9.85 22.21
CD DAR A 98 -24.51 10.43 23.18
NE DAR A 98 -23.13 10.26 22.74
CZ DAR A 98 -22.08 10.62 23.47
NH1 DAR A 98 -22.22 11.10 24.70
NH2 DAR A 98 -20.85 10.46 22.97
C DAR A 98 -27.11 13.22 22.86
O DAR A 98 -27.89 12.77 23.71
N DSG A 99 -27.02 14.51 22.53
CA DSG A 99 -27.98 15.49 23.01
C DSG A 99 -29.42 14.98 22.86
O DSG A 99 -29.76 14.35 21.85
CB DSG A 99 -27.66 15.87 24.48
CG DSG A 99 -26.77 17.10 24.58
OD1 DSG A 99 -25.96 17.39 23.67
ND2 DSG A 99 -26.88 17.82 25.69
N DGL B 1 23.86 23.37 10.81
CA DGL B 1 23.19 22.57 9.80
C DGL B 1 24.19 21.86 8.89
O DGL B 1 23.85 21.38 7.81
CB DGL B 1 22.26 21.54 10.44
CG DGL B 1 21.30 20.89 9.47
CD DGL B 1 19.94 21.58 9.46
OE1 DGL B 1 18.91 20.89 9.35
OE2 DGL B 1 19.92 22.83 9.53
N DLY B 2 25.44 21.80 9.35
CA DLY B 2 26.56 21.34 8.52
C DLY B 2 26.74 22.05 7.17
O DLY B 2 27.79 22.64 6.89
CB DLY B 2 27.86 21.42 9.32
N DHI B 3 25.70 22.00 6.32
CA DHI B 3 25.84 22.39 4.92
C DHI B 3 26.33 21.18 4.13
O DHI B 3 26.26 20.04 4.62
CB DHI B 3 24.52 22.90 4.35
CG DHI B 3 24.24 24.35 4.65
ND1 DHI B 3 24.68 25.36 3.83
CD2 DHI B 3 23.62 24.95 5.69
CE1 DHI B 3 24.31 26.52 4.34
NE2 DHI B 3 23.67 26.30 5.47
N DSN B 4 26.86 21.43 2.94
CA DSN B 4 27.45 20.38 2.11
C DSN B 4 26.44 19.29 1.81
O DSN B 4 26.76 18.10 1.81
CB DSN B 4 27.92 20.99 0.78
OG DSN B 4 27.28 22.22 0.53
N DTR B 5 25.20 19.71 1.57
CA DTR B 5 24.14 18.82 1.14
CB DTR B 5 23.15 19.57 0.26
CG DTR B 5 22.81 20.95 0.75
CD1 DTR B 5 23.22 22.14 0.21
NE1 DTR B 5 22.70 23.19 0.91
CE2 DTR B 5 21.93 22.71 1.94
CZ2 DTR B 5 21.20 23.39 2.92
CH2 DTR B 5 20.51 22.63 3.83
CZ3 DTR B 5 20.53 21.23 3.79
CE3 DTR B 5 21.26 20.55 2.81
CD2 DTR B 5 21.97 21.30 1.87
C DTR B 5 23.40 18.15 2.29
O DTR B 5 22.49 17.36 2.06
N DTY B 6 23.77 18.45 3.52
CA DTY B 6 23.04 17.85 4.65
C DTY B 6 23.76 16.61 5.17
O DTY B 6 24.78 16.72 5.87
CB DTY B 6 22.79 18.84 5.77
CG DTY B 6 21.78 18.33 6.76
CD1 DTY B 6 20.43 18.30 6.43
CD2 DTY B 6 22.17 17.88 8.01
CE1 DTY B 6 19.49 17.84 7.31
CE2 DTY B 6 21.22 17.42 8.91
CZ DTY B 6 19.89 17.40 8.55
OH DTY B 6 18.93 16.94 9.42
N DHI B 7 23.23 15.44 4.85
CA DHI B 7 23.85 14.19 5.25
C DHI B 7 23.25 13.63 6.53
O DHI B 7 23.74 12.62 7.06
CB DHI B 7 23.75 13.15 4.14
CG DHI B 7 24.61 13.45 2.95
ND1 DHI B 7 25.42 12.51 2.36
CD2 DHI B 7 24.76 14.59 2.22
CE1 DHI B 7 26.05 13.05 1.33
NE2 DHI B 7 25.66 14.30 1.23
N GLY B 8 22.20 14.27 7.01
CA GLY B 8 21.59 13.88 8.27
C GLY B 8 20.88 12.54 8.26
N DPR B 9 21.06 11.76 9.33
CA DPR B 9 20.37 10.48 9.56
CB DPR B 9 20.77 10.12 11.00
CG DPR B 9 22.04 10.83 11.22
CD DPR B 9 22.02 12.07 10.41
C DPR B 9 20.86 9.40 8.61
O DPR B 9 21.74 8.61 8.95
N DVA B 10 20.29 9.38 7.42
CA DVA B 10 20.67 8.46 6.38
CB DVA B 10 21.51 9.15 5.29
CG1 DVA B 10 22.91 9.44 5.79
CG2 DVA B 10 21.56 8.31 4.01
C DVA B 10 19.38 7.90 5.80
O DVA B 10 18.47 8.65 5.48
N DSN B 11 19.32 6.57 5.70
CA DSN B 11 18.13 5.91 5.17
C DSN B 11 17.95 6.19 3.68
O DSN B 11 18.91 6.54 2.98
CB DSN B 11 18.22 4.40 5.37
OG DSN B 11 18.94 3.78 4.32
N DAR B 12 16.72 6.05 3.20
CA DAR B 12 16.43 6.18 1.78
CB DAR B 12 14.94 6.04 1.52
CG DAR B 12 14.51 6.38 0.12
CD DAR B 12 13.01 6.24 -0.02
NE DAR B 12 12.56 4.96 -0.57
CZ DAR B 12 11.29 4.68 -0.79
NH1 DAR B 12 10.33 5.57 -0.57
NH2 DAR B 12 10.96 3.47 -1.26
C DAR B 12 17.28 5.24 0.90
O DAR B 12 17.84 5.68 -0.10
N DSG B 13 17.37 3.97 1.28
CA DSG B 13 18.21 3.04 0.53
C DSG B 13 19.65 3.48 0.51
O DSG B 13 20.32 3.37 -0.51
CB DSG B 13 18.13 1.62 1.13
CG DSG B 13 16.98 0.81 0.60
OD1 DSG B 13 16.04 1.35 0.01
ND2 DSG B 13 17.04 -0.50 0.82
N DAL B 14 20.14 4.01 1.63
CA DAL B 14 21.52 4.46 1.73
CB DAL B 14 21.89 4.75 3.17
C DAL B 14 21.76 5.70 0.86
O DAL B 14 22.83 5.83 0.24
N DAL B 15 20.80 6.60 0.82
CA DAL B 15 20.87 7.76 -0.06
CB DAL B 15 19.57 8.55 -0.03
C DAL B 15 21.17 7.29 -1.47
O DAL B 15 22.12 7.75 -2.09
N DGL B 16 20.34 6.36 -1.96
CA DGL B 16 20.48 5.86 -3.33
C DGL B 16 21.88 5.34 -3.61
O DGL B 16 22.43 5.58 -4.69
CB DGL B 16 19.43 4.78 -3.62
CG DGL B 16 18.00 5.26 -3.41
CD DGL B 16 16.97 4.41 -4.11
OE1 DGL B 16 17.30 3.27 -4.51
OE2 DGL B 16 15.82 4.88 -4.26
N DTY B 17 22.47 4.65 -2.65
CA DTY B 17 23.86 4.25 -2.79
C DTY B 17 24.80 5.46 -2.88
O DTY B 17 25.68 5.50 -3.72
CB DTY B 17 24.30 3.32 -1.66
CG DTY B 17 25.81 3.22 -1.53
CD1 DTY B 17 26.55 2.40 -2.37
CD2 DTY B 17 26.48 3.95 -0.55
CE1 DTY B 17 27.92 2.31 -2.24
CE2 DTY B 17 27.85 3.86 -0.43
CZ DTY B 17 28.57 3.05 -1.27
OH DTY B 17 29.93 2.98 -1.13
N DLE B 18 24.59 6.45 -2.02
CA DLE B 18 25.42 7.65 -2.00
CB DLE B 18 25.13 8.51 -0.76
CG DLE B 18 25.68 7.97 0.56
CD1 DLE B 18 27.19 8.18 0.61
CD2 DLE B 18 25.03 8.64 1.76
C DLE B 18 25.35 8.49 -3.27
O DLE B 18 26.25 9.31 -3.54
N DLE B 19 24.30 8.31 -4.07
CA DLE B 19 24.12 9.06 -5.30
CB DLE B 19 22.69 9.63 -5.40
CG DLE B 19 22.22 10.72 -4.44
CD1 DLE B 19 22.88 12.06 -4.75
CD2 DLE B 19 20.70 10.87 -4.42
C DLE B 19 24.46 8.27 -6.57
O DLE B 19 24.39 8.81 -7.68
N DSN B 20 24.85 7.01 -6.41
CA DSN B 20 25.07 6.13 -7.57
C DSN B 20 26.23 6.60 -8.46
O DSN B 20 26.25 6.34 -9.67
CB DSN B 20 25.29 4.68 -7.12
OG DSN B 20 26.20 4.59 -6.04
N DSN B 21 27.21 7.26 -7.85
CA DSN B 21 28.36 7.77 -8.59
C DSN B 21 28.20 9.26 -8.90
O DSN B 21 29.19 10.00 -8.98
CB DSN B 21 29.64 7.50 -7.81
OG DSN B 21 29.45 7.85 -6.45
N GLY B 22 26.97 9.70 -9.09
CA GLY B 22 26.69 11.10 -9.38
C GLY B 22 26.20 11.34 -10.80
N DIL B 23 25.89 12.60 -11.11
CA DIL B 23 25.30 12.96 -12.39
C DIL B 23 23.99 13.69 -12.11
O DIL B 23 23.65 13.91 -10.96
CB DIL B 23 26.28 13.80 -13.25
CG1 DIL B 23 25.84 13.82 -14.73
CG2 DIL B 23 26.40 15.21 -12.69
CD1 DIL B 23 26.75 14.64 -15.64
N DSG B 24 23.26 14.05 -13.16
CA DSG B 24 22.00 14.78 -13.01
C DSG B 24 22.14 16.00 -12.12
O DSG B 24 22.98 16.86 -12.35
CB DSG B 24 21.44 15.21 -14.38
CG DSG B 24 21.13 14.04 -15.28
OD1 DSG B 24 21.11 12.88 -14.83
ND2 DSG B 24 20.91 14.32 -16.55
N GLY B 25 21.31 16.07 -11.10
CA GLY B 25 21.35 17.19 -10.17
C GLY B 25 22.07 16.87 -8.88
N DSN B 26 22.75 15.72 -8.86
CA DSN B 26 23.41 15.28 -7.65
C DSN B 26 22.35 14.98 -6.63
O DSN B 26 21.39 14.28 -6.92
CB DSN B 26 24.27 14.03 -7.91
OG DSN B 26 25.58 14.39 -8.33
N DPN B 27 22.50 15.53 -5.43
CA DPN B 27 21.45 15.42 -4.43
C DPN B 27 21.97 15.50 -3.00
O DPN B 27 23.12 15.84 -2.76
CB DPN B 27 20.44 16.54 -4.63
CG DPN B 27 20.83 17.84 -3.99
CD1 DPN B 27 21.75 18.68 -4.59
CD2 DPN B 27 20.26 18.23 -2.78
CE1 DPN B 27 22.10 19.88 -4.00
CE2 DPN B 27 20.62 19.43 -2.18
CZ DPN B 27 21.54 20.26 -2.80
N DLE B 28 21.09 15.17 -2.07
CA DLE B 28 21.38 15.32 -0.66
CB DLE B 28 22.15 14.11 -0.12
CG DLE B 28 21.43 12.75 -0.09
CD1 DLE B 28 22.44 11.61 -0.29
CD2 DLE B 28 20.66 12.52 1.20
C DLE B 28 20.06 15.49 0.07
O DLE B 28 18.98 15.16 -0.44
N DVA B 29 20.14 16.03 1.29
CA DVA B 29 18.99 16.07 2.16
CB DVA B 29 18.62 17.50 2.60
CG1 DVA B 29 18.38 18.40 1.39
CG2 DVA B 29 17.40 17.49 3.50
C DVA B 29 19.29 15.16 3.33
O DVA B 29 20.39 15.19 3.89
N DAR B 30 18.32 14.34 3.68
CA DAR B 30 18.50 13.36 4.74
CB DAR B 30 18.59 11.95 4.16
CG DAR B 30 17.32 11.51 3.46
CD DAR B 30 17.47 10.21 2.69
NE DAR B 30 16.35 10.03 1.77
CZ DAR B 30 15.14 9.64 2.15
NH1 DAR B 30 14.87 9.32 3.40
NH2 DAR B 30 14.17 9.57 1.23
C DAR B 30 17.32 13.44 5.71
O DAR B 30 16.27 13.97 5.36
N DGL B 31 17.50 12.95 6.93
CA DGL B 31 16.41 12.95 7.89
C DGL B 31 16.10 11.55 8.34
O DGL B 31 16.94 10.65 8.25
CB DGL B 31 16.75 13.79 9.12
CG DGL B 31 17.88 13.21 9.95
CD DGL B 31 18.37 14.16 11.03
OE1 DGL B 31 18.63 13.69 12.16
OE2 DGL B 31 18.47 15.37 10.76
N DSN B 32 14.90 11.36 8.85
CA DSN B 32 14.54 10.14 9.55
C DSN B 32 15.31 10.13 10.86
O DSN B 32 15.43 11.16 11.53
CB DSN B 32 13.03 10.13 9.80
OG DSN B 32 12.71 9.36 10.95
N DGL B 33 15.83 8.97 11.26
CA DGL B 33 16.30 8.79 12.62
C DGL B 33 15.03 8.68 13.46
O DGL B 33 13.95 8.49 12.91
CB DGL B 33 17.19 7.56 12.76
CG DGL B 33 16.45 6.24 13.05
CD DGL B 33 17.38 5.12 13.56
OE1 DGL B 33 18.19 4.60 12.76
OE2 DGL B 33 17.28 4.77 14.75
N DSN B 34 15.14 8.85 14.77
CA DSN B 34 13.98 8.79 15.67
C DSN B 34 12.93 9.91 15.51
O DSN B 34 12.12 10.14 16.40
CB DSN B 34 13.27 7.42 15.59
OG DSN B 34 12.17 7.48 14.68
N DSN B 35 12.95 10.58 14.37
CA DSN B 35 12.04 11.72 14.14
C DSN B 35 12.72 12.77 13.27
O DSN B 35 12.29 13.01 12.14
CB DSN B 35 10.74 11.24 13.49
OG DSN B 35 10.02 10.42 14.38
N DPR B 36 13.75 13.43 13.82
CA DPR B 36 14.65 14.31 13.06
CB DPR B 36 15.66 14.81 14.11
CG DPR B 36 15.23 14.25 15.41
CD DPR B 36 13.99 13.45 15.26
C DPR B 36 13.98 15.50 12.35
O DPR B 36 14.63 16.16 11.54
N GLY B 37 12.70 15.78 12.65
CA GLY B 37 12.00 16.86 11.98
C GLY B 37 11.63 16.57 10.54
N DGN B 38 11.33 15.31 10.25
CA DGN B 38 10.85 14.91 8.92
C DGN B 38 11.99 14.52 7.99
O DGN B 38 12.69 13.54 8.21
CB DGN B 38 9.81 13.78 9.08
CG DGN B 38 10.25 12.66 10.00
CD DGN B 38 9.18 11.60 10.20
OE1 DGN B 38 9.13 10.58 9.50
NE2 DGN B 38 8.32 11.83 11.20
N DAR B 39 12.18 15.30 6.93
CA DAR B 39 13.38 15.17 6.11
CB DAR B 39 14.24 16.43 6.26
CG DAR B 39 14.74 16.67 7.67
CD DAR B 39 15.63 17.91 7.74
NE DAR B 39 15.03 18.91 8.63
CZ DAR B 39 15.32 19.07 9.92
NH1 DAR B 39 14.67 19.99 10.61
NH2 DAR B 39 16.23 18.33 10.53
C DAR B 39 12.95 15.02 4.66
O DAR B 39 11.84 15.41 4.29
N DSN B 40 13.84 14.44 3.83
CA DSN B 40 13.57 14.25 2.40
C DSN B 40 14.71 14.79 1.56
O DSN B 40 15.84 14.91 2.02
CB DSN B 40 13.43 12.77 2.06
OG DSN B 40 12.30 12.20 2.69
N DIL B 41 14.38 15.12 0.31
CA DIL B 41 15.39 15.42 -0.70
C DIL B 41 15.60 14.16 -1.53
O DIL B 41 14.64 13.55 -1.99
CB DIL B 41 14.96 16.55 -1.63
CG1 DIL B 41 14.67 17.83 -0.85
CG2 DIL B 41 16.03 16.79 -2.71
CD1 DIL B 41 14.15 18.96 -1.71
N DSN B 42 16.86 13.75 -1.71
CA DSN B 42 17.16 12.65 -2.62
C DSN B 42 17.93 13.19 -3.82
O DSN B 42 19.00 13.78 -3.67
CB DSN B 42 17.94 11.54 -1.90
OG DSN B 42 17.12 10.84 -0.97
N DLE B 43 17.39 13.00 -5.02
CA DLE B 43 17.89 13.72 -6.18
CB DLE B 43 16.93 14.84 -6.56
CG DLE B 43 17.00 15.41 -7.96
CD1 DLE B 43 15.81 16.33 -8.19
CD2 DLE B 43 18.31 16.15 -8.18
C DLE B 43 18.06 12.80 -7.37
O DLE B 43 17.12 12.12 -7.78
N DAR B 44 19.24 12.82 -7.96
CA DAR B 44 19.57 11.91 -9.06
CB DAR B 44 21.02 11.49 -8.95
CG DAR B 44 21.64 11.07 -10.27
CD DAR B 44 22.35 9.76 -10.07
NE DAR B 44 23.21 9.40 -11.18
CZ DAR B 44 23.72 8.19 -11.34
NH1 DAR B 44 23.42 7.21 -10.51
NH2 DAR B 44 24.52 7.95 -12.37
C DAR B 44 19.29 12.53 -10.43
O DAR B 44 19.80 13.60 -10.76
N DTY B 45 18.48 11.84 -11.22
CA DTY B 45 18.26 12.25 -12.59
C DTY B 45 18.25 11.07 -13.55
O DTY B 45 17.47 10.13 -13.39
CB DTY B 45 16.96 13.04 -12.72
CG DTY B 45 16.61 13.43 -14.15
CD1 DTY B 45 17.23 14.49 -14.78
CD2 DTY B 45 15.65 12.71 -14.87
CE1 DTY B 45 16.91 14.85 -16.06
CE2 DTY B 45 15.33 13.06 -16.17
CZ DTY B 45 15.96 14.12 -16.76
OH DTY B 45 15.65 14.48 -18.05
N DGL B 46 19.13 11.14 -14.55
CA DGL B 46 19.23 10.12 -15.60
C DGL B 46 19.32 8.70 -15.05
O DGL B 46 18.62 7.81 -15.50
CB DGL B 46 18.08 10.28 -16.59
CG DGL B 46 18.21 11.53 -17.47
CD DGL B 46 19.32 11.44 -18.49
OE1 DGL B 46 20.01 10.39 -18.55
OE2 DGL B 46 19.54 12.43 -19.22
N GLY B 47 20.18 8.52 -14.06
CA GLY B 47 20.46 7.20 -13.51
C GLY B 47 19.57 6.80 -12.36
N DAR B 48 18.43 7.47 -12.26
CA DAR B 48 17.49 7.22 -11.17
CB DAR B 48 16.06 7.05 -11.68
CG DAR B 48 15.91 6.09 -12.82
CD DAR B 48 14.75 6.44 -13.70
NE DAR B 48 15.18 6.67 -15.07
CZ DAR B 48 15.28 7.86 -15.65
NH1 DAR B 48 14.97 8.97 -15.00
NH2 DAR B 48 15.70 7.92 -16.91
C DAR B 48 17.49 8.20 -10.01
O DAR B 48 17.89 9.36 -10.16
N DVA B 49 17.04 7.72 -8.87
CA DVA B 49 16.97 8.58 -7.70
CB DVA B 49 17.69 7.96 -6.49
CG1 DVA B 49 19.14 7.68 -6.84
CG2 DVA B 49 17.62 8.92 -5.32
C DVA B 49 15.50 8.87 -7.42
O DVA B 49 14.68 7.98 -7.22
N DTY B 50 15.20 10.16 -7.43
CA DTY B 50 13.88 10.66 -7.12
C DTY B 50 13.91 11.18 -5.69
O DTY B 50 14.80 11.95 -5.32
CB DTY B 50 13.53 11.80 -8.09
CG DTY B 50 13.40 11.36 -9.53
CD1 DTY B 50 14.52 11.01 -10.28
CD2 DTY B 50 12.16 11.32 -10.16
CE1 DTY B 50 14.41 10.61 -11.60
CE2 DTY B 50 12.04 10.93 -11.48
CZ DTY B 50 13.16 10.58 -12.20
OH DTY B 50 13.03 10.18 -13.52
N DHI B 51 12.96 10.74 -4.87
CA DHI B 51 12.93 11.16 -3.46
C DHI B 51 11.77 12.10 -3.22
O DHI B 51 10.68 11.90 -3.71
CB DHI B 51 12.78 9.95 -2.56
CG DHI B 51 13.87 8.95 -2.72
ND1 DHI B 51 15.15 9.16 -2.26
CD2 DHI B 51 13.87 7.72 -3.29
CE1 DHI B 51 15.90 8.10 -2.54
NE2 DHI B 51 15.14 7.21 -3.16
N DTY B 52 12.00 13.14 -2.42
CA DTY B 52 10.97 14.13 -2.17
C DTY B 52 10.81 14.44 -0.69
O DTY B 52 11.76 14.90 -0.04
CB DTY B 52 11.27 15.42 -2.93
CG DTY B 52 11.37 15.20 -4.41
CD1 DTY B 52 10.24 15.22 -5.21
CD2 DTY B 52 12.59 14.97 -5.03
CE1 DTY B 52 10.31 15.03 -6.58
CE2 DTY B 52 12.69 14.78 -6.39
CZ DTY B 52 11.54 14.81 -7.16
OH DTY B 52 11.63 14.62 -8.53
N DAR B 53 9.61 14.20 -0.16
CA DAR B 53 9.32 14.64 1.18
CB DAR B 53 7.95 14.14 1.64
CG DAR B 53 7.55 14.66 3.02
CD DAR B 53 6.21 14.08 3.43
NE DAR B 53 5.19 14.35 2.43
CZ DAR B 53 4.02 13.73 2.37
NH1 DAR B 53 3.16 14.07 1.43
NH2 DAR B 53 3.71 12.76 3.22
C DAR B 53 9.40 16.15 1.31
O DAR B 53 8.93 16.89 0.45
N DIL B 54 10.04 16.62 2.37
CA DIL B 54 10.03 18.03 2.69
C DIL B 54 8.89 18.27 3.67
O DIL B 54 8.98 17.94 4.86
CB DIL B 54 11.37 18.49 3.24
CG1 DIL B 54 12.46 18.26 2.18
CG2 DIL B 54 11.31 19.94 3.66
CD1 DIL B 54 13.82 18.59 2.64
N DSG B 55 7.77 18.82 3.19
CA DSG B 55 6.64 19.04 4.07
C DSG B 55 6.88 20.22 5.01
O DSG B 55 7.64 21.15 4.71
CB DSG B 55 5.35 19.29 3.27
CG DSG B 55 5.09 18.23 2.24
OD1 DSG B 55 4.90 17.05 2.58
ND2 DSG B 55 5.05 18.61 0.98
N DTH B 56 6.21 20.16 6.15
CA DTH B 56 6.22 21.23 7.12
CB DTH B 56 7.05 20.87 8.35
CG2 DTH B 56 8.12 21.92 8.58
OG1 DTH B 56 7.66 19.60 8.14
C DTH B 56 4.79 21.41 7.57
O DTH B 56 3.95 20.52 7.40
N DCY B 57 4.52 22.57 8.13
CA DCY B 57 3.23 22.80 8.73
C DCY B 57 3.50 23.18 10.16
O DCY B 57 4.66 23.40 10.54
CB DCY B 57 2.51 23.92 7.99
SG DCY B 57 2.05 23.51 6.29
N DSN B 58 2.44 23.24 10.96
CA DSN B 58 2.55 23.62 12.36
C DSN B 58 3.34 24.91 12.50
O DSN B 58 4.30 24.98 13.28
CB DSN B 58 1.14 23.77 12.96
OG DSN B 58 0.39 22.59 12.73
N DAS B 59 2.97 25.94 11.74
CA DAS B 59 3.61 27.25 11.81
C DAS B 59 5.09 27.23 11.41
O DAS B 59 5.79 28.24 11.51
CB DAS B 59 2.83 28.29 11.01
CG DAS B 59 2.91 28.07 9.50
OD1 DAS B 59 3.19 26.93 9.09
OD2 DAS B 59 2.70 29.03 8.74
N GLY B 60 5.58 26.09 10.97
CA GLY B 60 7.00 25.95 10.75
C GLY B 60 7.52 26.07 9.33
N DLY B 61 6.75 26.71 8.45
CA DLY B 61 7.23 26.85 7.06
C DLY B 61 7.41 25.48 6.40
O DLY B 61 6.67 24.55 6.69
CB DLY B 61 6.39 27.81 6.19
CG DLY B 61 6.96 29.26 6.27
CD DLY B 61 6.41 30.26 5.23
CE DLY B 61 5.28 31.18 5.72
NZ DLY B 61 4.37 31.59 4.59
N DLE B 62 8.45 25.37 5.57
CA DLE B 62 8.76 24.12 4.91
CB DLE B 62 10.23 23.76 5.09
CG DLE B 62 10.85 23.91 6.46
CD1 DLE B 62 11.21 22.56 7.04
CD2 DLE B 62 12.08 24.76 6.30
C DLE B 62 8.49 24.24 3.43
O DLE B 62 8.56 25.34 2.87
N DTY B 63 8.23 23.12 2.77
CA DTY B 63 8.09 23.12 1.32
C DTY B 63 8.13 21.75 0.67
O DTY B 63 7.84 20.73 1.32
CB DTY B 63 6.79 23.84 0.91
CG DTY B 63 5.53 23.21 1.46
CD1 DTY B 63 5.06 23.57 2.72
CD2 DTY B 63 4.82 22.27 0.73
CE1 DTY B 63 3.92 23.01 3.23
CE2 DTY B 63 3.67 21.72 1.23
CZ DTY B 63 3.23 22.09 2.48
OH DTY B 63 2.08 21.54 3.00
N DVA B 64 8.51 21.74 -0.59
CA DVA B 64 8.33 20.58 -1.45
CB DVA B 64 9.60 20.29 -2.28
CG1 DVA B 64 10.71 19.84 -1.36
CG2 DVA B 64 9.31 19.24 -3.33
C DVA B 64 7.12 20.78 -2.35
O DVA B 64 6.26 19.91 -2.46
N DSN B 65 7.05 21.96 -2.98
CA DSN B 65 5.88 22.30 -3.77
C DSN B 65 4.90 23.05 -2.89
O DSN B 65 5.26 24.02 -2.22
CB DSN B 65 6.24 23.15 -4.98
OG DSN B 65 6.25 24.53 -4.65
N DSN B 66 3.65 22.60 -2.93
CA DSN B 66 2.55 23.10 -2.10
C DSN B 66 2.32 24.60 -2.14
O DSN B 66 1.24 25.06 -1.79
CB DSN B 66 1.27 22.46 -2.60
OG DSN B 66 0.92 23.00 -3.86
N DGL B 67 3.32 25.38 -2.54
CA DGL B 67 2.97 26.64 -3.17
C DGL B 67 4.12 27.65 -3.13
O DGL B 67 3.91 28.85 -3.35
CB DGL B 67 2.56 26.28 -4.59
CG DGL B 67 2.05 27.33 -5.50
CD DGL B 67 1.59 26.72 -6.80
OE1 DGL B 67 1.77 25.49 -6.97
OE2 DGL B 67 1.01 27.44 -7.63
N DSN B 68 5.32 27.17 -2.85
CA DSN B 68 6.50 28.02 -2.68
C DSN B 68 7.06 27.58 -1.35
O DSN B 68 7.76 26.57 -1.29
CB DSN B 68 7.51 27.80 -3.79
OG DSN B 68 6.86 27.51 -5.01
N DAR B 69 6.75 28.33 -0.29
CA DAR B 69 7.13 27.93 1.06
CB DAR B 69 5.88 27.91 1.95
CG DAR B 69 4.72 27.13 1.30
CD DAR B 69 3.63 26.66 2.26
NE DAR B 69 3.04 27.71 3.08
CZ DAR B 69 2.95 27.64 4.41
NH1 DAR B 69 2.45 28.67 5.08
NH2 DAR B 69 3.31 26.54 5.07
C DAR B 69 8.24 28.81 1.66
O DAR B 69 8.39 29.97 1.30
N DPN B 70 9.01 28.23 2.58
CA DPN B 70 10.21 28.91 3.10
C DPN B 70 10.40 28.66 4.59
O DPN B 70 10.00 27.62 5.12
CB DPN B 70 11.44 28.43 2.35
CG DPN B 70 11.31 28.49 0.87
CD1 DPN B 70 11.07 27.34 0.15
CD2 DPN B 70 11.38 29.69 0.20
CE1 DPN B 70 10.92 27.38 -1.22
CE2 DPN B 70 11.23 29.74 -1.16
CZ DPN B 70 11.00 28.59 -1.88
N DSG B 71 11.08 29.59 5.25
CA DSG B 71 11.24 29.49 6.69
C DSG B 71 12.45 28.65 7.14
O DSG B 71 12.48 28.13 8.25
CB DSG B 71 11.24 30.89 7.31
CG DSG B 71 9.87 31.53 7.25
OD1 DSG B 71 9.56 32.27 6.32
ND2 DSG B 71 9.03 31.24 8.25
N DTH B 72 13.45 28.52 6.28
CA DTH B 72 14.60 27.67 6.60
CB DTH B 72 15.89 28.50 6.80
CG2 DTH B 72 15.66 29.61 7.81
OG1 DTH B 72 16.31 29.06 5.56
C DTH B 72 14.86 26.62 5.53
O DTH B 72 14.57 26.84 4.35
N DLE B 73 15.38 25.48 5.95
CA DLE B 73 15.71 24.41 5.02
CB DLE B 73 16.29 23.22 5.78
CG DLE B 73 16.42 21.87 5.09
CD1 DLE B 73 17.31 20.94 5.91
CD2 DLE B 73 15.05 21.27 4.90
C DLE B 73 16.70 24.90 3.96
O DLE B 73 16.58 24.61 2.77
N DAL B 74 17.69 25.69 4.40
CA DAL B 74 18.69 26.24 3.51
CB DAL B 74 19.74 27.02 4.30
C DAL B 74 18.09 27.13 2.42
O DAL B 74 18.55 27.14 1.27
N DGL B 75 17.03 27.87 2.76
CA DGL B 75 16.34 28.71 1.79
C DGL B 75 15.69 27.82 0.77
O DGL B 75 15.79 28.05 -0.43
CB DGL B 75 15.27 29.55 2.47
CG DGL B 75 15.74 30.90 2.96
CD DGL B 75 14.79 31.49 3.98
OE1 DGL B 75 13.60 31.09 3.97
OE2 DGL B 75 15.22 32.34 4.79
N DLE B 76 15.01 26.79 1.25
CA DLE B 76 14.39 25.80 0.37
CB DLE B 76 13.80 24.65 1.17
CG DLE B 76 13.05 23.67 0.29
CD1 DLE B 76 13.30 22.28 0.77
CD2 DLE B 76 11.57 23.96 0.30
C DLE B 76 15.40 25.23 -0.62
O DLE B 76 15.17 25.28 -1.83
N DVA B 77 16.50 24.68 -0.11
CA DVA B 77 17.48 24.03 -0.98
CB DVA B 77 18.68 23.43 -0.22
CG1 DVA B 77 18.29 22.12 0.47
CG2 DVA B 77 19.83 23.18 -1.18
C DVA B 77 17.93 25.04 -2.01
O DVA B 77 17.81 24.82 -3.21
N DHI B 78 18.42 26.18 -1.52
CA DHI B 78 18.85 27.25 -2.42
C DHI B 78 17.84 27.58 -3.49
O DHI B 78 18.21 27.75 -4.66
CB DHI B 78 19.15 28.53 -1.64
CG DHI B 78 19.34 29.70 -2.54
ND1 DHI B 78 20.43 29.84 -3.37
CD2 DHI B 78 18.54 30.77 -2.77
CE1 DHI B 78 20.31 30.96 -4.06
NE2 DHI B 78 19.17 31.54 -3.73
N DHI B 79 16.57 27.69 -3.11
CA DHI B 79 15.52 27.97 -4.06
C DHI B 79 15.51 26.96 -5.19
O DHI B 79 15.55 27.30 -6.36
CB DHI B 79 14.15 27.98 -3.40
CG DHI B 79 13.01 28.15 -4.35
ND1 DHI B 79 12.72 29.36 -4.95
CD2 DHI B 79 12.10 27.27 -4.82
CE1 DHI B 79 11.67 29.22 -5.74
NE2 DHI B 79 11.27 27.95 -5.68
N DHI B 80 15.47 25.70 -4.79
CA DHI B 80 15.38 24.60 -5.73
C DHI B 80 16.69 24.34 -6.46
O DHI B 80 16.71 23.69 -7.50
CB DHI B 80 14.88 23.37 -4.99
CG DHI B 80 13.40 23.37 -4.78
ND1 DHI B 80 12.51 23.08 -5.78
CD2 DHI B 80 12.65 23.69 -3.68
CE1 DHI B 80 11.28 23.17 -5.32
NE2 DHI B 80 11.33 23.54 -4.06
N DSN B 81 17.77 24.89 -5.92
CA DSN B 81 19.05 24.89 -6.61
C DSN B 81 19.02 25.80 -7.83
O DSN B 81 20.01 25.88 -8.58
CB DSN B 81 20.17 25.35 -5.66
OG DSN B 81 21.20 24.39 -5.57
N DTH B 82 17.90 26.46 -8.06
CA DTH B 82 17.78 27.45 -9.12
CB DTH B 82 17.52 28.81 -8.50
CG2 DTH B 82 17.03 29.81 -9.56
OG1 DTH B 82 18.75 29.29 -7.92
C DTH B 82 16.64 27.09 -10.07
O DTH B 82 16.81 27.15 -11.28
N DVA B 83 15.49 26.75 -9.52
CA DVA B 83 14.37 26.30 -10.35
CB DVA B 83 13.34 27.42 -10.56
CG1 DVA B 83 12.37 27.05 -11.68
CG2 DVA B 83 12.61 27.70 -9.27
C DVA B 83 13.73 25.03 -9.79
O DVA B 83 13.63 24.86 -8.57
N DAL B 84 13.32 24.13 -10.69
CA DAL B 84 12.79 22.82 -10.31
CB DAL B 84 12.41 22.03 -11.54
C DAL B 84 11.59 22.94 -9.36
O DAL B 84 11.61 22.37 -8.28
N DAS B 85 10.57 23.68 -9.79
CA DAS B 85 9.42 24.01 -8.94
C DAS B 85 8.86 22.74 -8.28
O DAS B 85 8.58 22.71 -7.08
CB DAS B 85 9.81 25.07 -7.90
CG DAS B 85 8.61 25.87 -7.36
OD1 DAS B 85 7.46 25.67 -7.81
OD2 DAS B 85 8.86 26.72 -6.48
N GLY B 86 8.75 21.67 -9.07
CA GLY B 86 8.24 20.40 -8.58
C GLY B 86 9.26 19.27 -8.57
N DLE B 87 10.52 19.63 -8.34
CA DLE B 87 11.62 18.67 -8.46
CB DLE B 87 12.91 19.26 -7.94
CG DLE B 87 12.93 19.43 -6.43
CD1 DLE B 87 12.20 18.28 -5.74
CD2 DLE B 87 14.35 19.59 -5.90
C DLE B 87 11.74 18.32 -9.93
O DLE B 87 11.29 19.08 -10.79
N DIL B 88 12.34 17.17 -10.22
CA DIL B 88 12.42 16.73 -11.61
C DIL B 88 13.59 17.44 -12.30
O DIL B 88 13.66 17.49 -13.52
CB DIL B 88 12.47 15.20 -11.69
CG1 DIL B 88 11.94 14.71 -13.06
CG2 DIL B 88 13.89 14.68 -11.42
CD1 DIL B 88 12.98 14.54 -14.10
N DTH B 89 14.50 18.00 -11.51
CA DTH B 89 15.59 18.81 -12.03
CB DTH B 89 16.80 17.97 -12.39
CG2 DTH B 89 17.69 18.71 -13.38
OG1 DTH B 89 16.36 16.77 -13.01
C DTH B 89 16.00 19.71 -10.87
O DTH B 89 15.47 19.56 -9.77
N DTH B 90 16.90 20.64 -11.11
CA DTH B 90 17.42 21.46 -10.02
CB DTH B 90 18.08 22.75 -10.55
CG2 DTH B 90 17.03 23.68 -11.17
OG1 DTH B 90 19.08 22.42 -11.51
C DTH B 90 18.41 20.72 -9.13
O DTH B 90 19.19 19.89 -9.62
N DLE B 91 18.36 20.98 -7.84
CA DLE B 91 19.45 20.62 -6.94
CB DLE B 91 19.14 21.00 -5.51
CG DLE B 91 17.75 20.56 -5.05
CD1 DLE B 91 17.69 19.03 -5.08
CD2 DLE B 91 17.42 21.09 -3.68
C DLE B 91 20.64 21.39 -7.47
O DLE B 91 20.52 22.54 -7.87
N DHI B 92 21.81 20.76 -7.48
CA DHI B 92 22.90 21.33 -8.22
C DHI B 92 24.22 20.93 -7.56
O DHI B 92 25.06 21.79 -7.29
CB DHI B 92 22.84 20.79 -9.65
CG DHI B 92 23.46 21.68 -10.68
ND1 DHI B 92 24.74 22.18 -10.58
CD2 DHI B 92 22.97 22.15 -11.86
CE1 DHI B 92 25.01 22.91 -11.64
NE2 DHI B 92 23.95 22.91 -12.43
N DTY B 93 24.36 19.65 -7.26
CA DTY B 93 25.62 19.08 -6.81
C DTY B 93 25.39 18.32 -5.51
O DTY B 93 24.80 17.24 -5.53
CB DTY B 93 26.08 18.08 -7.86
CG DTY B 93 26.17 18.66 -9.25
CD1 DTY B 93 27.08 19.67 -9.56
CD2 DTY B 93 25.31 18.22 -10.25
CE1 DTY B 93 27.14 20.21 -10.84
CE2 DTY B 93 25.37 18.75 -11.53
CZ DTY B 93 26.28 19.75 -11.82
OH DTY B 93 26.32 20.27 -13.10
N DPR B 94 25.84 18.87 -4.38
CA DPR B 94 25.66 18.14 -3.11
CB DPR B 94 26.16 19.13 -2.06
CG DPR B 94 26.14 20.48 -2.72
CD DPR B 94 26.40 20.22 -4.18
C DPR B 94 26.49 16.86 -3.07
O DPR B 94 27.72 16.95 -3.17
N DAL B 95 25.84 15.72 -2.92
CA DAL B 95 26.54 14.43 -2.87
CB DAL B 95 25.55 13.30 -2.67
C DAL B 95 27.59 14.42 -1.77
O DAL B 95 27.33 14.88 -0.66
N DPR B 96 28.79 13.90 -2.09
CA DPR B 96 29.85 13.66 -1.10
CB DPR B 96 30.87 12.84 -1.89
CG DPR B 96 30.67 13.27 -3.30
CD DPR B 96 29.20 13.52 -3.45
C DPR B 96 29.35 12.85 0.10
O DPR B 96 28.58 11.91 -0.09
N DLY B 97 29.79 13.22 1.30
CA DLY B 97 29.16 12.74 2.54
C DLY B 97 29.66 11.37 3.01
O DLY B 97 28.86 10.56 3.49
CB DLY B 97 29.31 13.78 3.66
CG DLY B 97 28.43 15.01 3.46
CD DLY B 97 28.05 15.64 4.79
CE DLY B 97 27.90 17.15 4.67
NZ DLY B 97 27.36 17.81 5.89
N DAR B 98 30.94 11.11 2.88
CA DAR B 98 31.47 9.80 3.22
CB DAR B 98 32.59 9.96 4.25
CG DAR B 98 32.12 10.41 5.63
CD DAR B 98 31.65 9.31 6.56
NE DAR B 98 30.86 9.89 7.63
CZ DAR B 98 30.89 9.49 8.90
NH1 DAR B 98 30.11 10.09 9.79
NH2 DAR B 98 31.71 8.53 9.29
C DAR B 98 32.05 9.15 1.95
O DAR B 98 33.00 8.37 2.03
N DSG B 99 31.43 9.48 0.81
CA DSG B 99 31.94 9.08 -0.52
C DSG B 99 33.46 9.15 -0.66
O DSG B 99 34.08 10.17 -0.38
CB DSG B 99 31.39 7.72 -0.95
CG DSG B 99 30.14 7.83 -1.80
OD1 DSG B 99 29.35 8.78 -1.66
ND2 DSG B 99 29.94 6.87 -2.70
N DGL C 1 14.59 -25.66 -33.96
CA DGL C 1 13.72 -24.64 -33.40
C DGL C 1 14.30 -23.23 -33.49
O DGL C 1 14.25 -22.57 -34.54
CB DGL C 1 12.33 -24.67 -34.03
CG DGL C 1 11.42 -25.69 -33.40
CD DGL C 1 11.00 -26.75 -34.39
OE1 DGL C 1 11.86 -27.17 -35.19
OE2 DGL C 1 9.82 -27.16 -34.36
N DLY C 2 14.86 -22.78 -32.37
CA DLY C 2 15.20 -21.40 -32.18
C DLY C 2 14.19 -20.83 -31.18
O DLY C 2 14.54 -20.05 -30.31
CB DLY C 2 16.61 -21.27 -31.62
N DHI C 3 12.93 -21.25 -31.33
CA DHI C 3 11.86 -20.68 -30.54
C DHI C 3 11.31 -19.50 -31.30
O DHI C 3 11.16 -19.56 -32.53
CB DHI C 3 10.74 -21.69 -30.31
CG DHI C 3 11.11 -22.77 -29.35
ND1 DHI C 3 11.02 -22.63 -27.98
CD2 DHI C 3 11.51 -24.06 -29.56
CE1 DHI C 3 11.38 -23.75 -27.39
NE2 DHI C 3 11.69 -24.64 -28.34
N DSN C 4 11.01 -18.41 -30.59
CA DSN C 4 10.57 -17.16 -31.21
C DSN C 4 9.30 -17.37 -32.03
O DSN C 4 9.13 -16.77 -33.09
CB DSN C 4 10.26 -16.14 -30.11
OG DSN C 4 10.07 -16.80 -28.88
N DTR C 5 8.42 -18.23 -31.52
CA DTR C 5 7.12 -18.44 -32.13
CB DTR C 5 6.12 -18.93 -31.09
CG DTR C 5 6.63 -19.97 -30.11
CD1 DTR C 5 6.94 -19.78 -28.80
NE1 DTR C 5 7.36 -20.96 -28.22
CE2 DTR C 5 7.36 -21.93 -29.18
CZ2 DTR C 5 7.70 -23.28 -29.09
CH2 DTR C 5 7.60 -24.04 -30.22
CZ3 DTR C 5 7.15 -23.49 -31.43
CE3 DTR C 5 6.79 -22.16 -31.52
CD2 DTR C 5 6.90 -21.35 -30.39
C DTR C 5 7.13 -19.37 -33.35
O DTR C 5 6.15 -19.41 -34.09
N DTY C 6 8.22 -20.09 -33.54
CA DTY C 6 8.31 -21.02 -34.67
C DTY C 6 8.81 -20.31 -35.93
O DTY C 6 10.01 -20.06 -36.06
CB DTY C 6 9.24 -22.17 -34.36
CG DTY C 6 9.08 -23.31 -35.34
CD1 DTY C 6 8.01 -24.19 -35.22
CD2 DTY C 6 9.95 -23.48 -36.40
CE1 DTY C 6 7.83 -25.23 -36.12
CE2 DTY C 6 9.78 -24.51 -37.32
CZ DTY C 6 8.71 -25.37 -37.17
OH DTY C 6 8.52 -26.42 -38.05
N DHI C 7 7.90 -20.00 -36.84
CA DHI C 7 8.26 -19.29 -38.09
C DHI C 7 8.62 -20.21 -39.26
O DHI C 7 9.07 -19.73 -40.30
CB DHI C 7 7.16 -18.32 -38.50
CG DHI C 7 7.14 -17.06 -37.68
ND1 DHI C 7 6.99 -15.81 -38.25
CD2 DHI C 7 7.28 -16.86 -36.35
CE1 DHI C 7 7.01 -14.90 -37.30
NE2 DHI C 7 7.19 -15.50 -36.14
N GLY C 8 8.43 -21.51 -39.10
CA GLY C 8 8.83 -22.45 -40.13
C GLY C 8 8.11 -22.35 -41.46
N DPR C 9 8.88 -22.39 -42.56
CA DPR C 9 8.31 -22.40 -43.91
CB DPR C 9 9.49 -22.81 -44.79
CG DPR C 9 10.71 -22.42 -44.00
CD DPR C 9 10.34 -22.54 -42.55
C DPR C 9 7.72 -21.05 -44.37
O DPR C 9 8.34 -20.33 -45.15
N DVA C 10 6.51 -20.75 -43.90
CA DVA C 10 5.82 -19.51 -44.21
CB DVA C 10 5.92 -18.54 -43.02
CG1 DVA C 10 7.31 -17.92 -42.94
CG2 DVA C 10 4.83 -17.48 -43.09
C DVA C 10 4.35 -19.81 -44.54
O DVA C 10 3.70 -20.54 -43.80
N DSN C 11 3.82 -19.27 -45.63
CA DSN C 11 2.43 -19.56 -46.01
C DSN C 11 1.41 -18.94 -45.03
O DSN C 11 1.74 -18.11 -44.17
CB DSN C 11 2.10 -19.09 -47.44
OG DSN C 11 1.68 -17.73 -47.48
N DAR C 12 0.15 -19.35 -45.19
CA DAR C 12 -0.97 -18.84 -44.44
CB DAR C 12 -2.23 -19.50 -44.99
CG DAR C 12 -3.53 -19.31 -44.21
CD DAR C 12 -4.64 -19.79 -45.10
NE DAR C 12 -5.39 -20.95 -44.63
CZ DAR C 12 -6.65 -21.19 -45.00
NH1 DAR C 12 -7.28 -20.40 -45.85
NH2 DAR C 12 -7.27 -22.27 -44.51
C DAR C 12 -1.12 -17.33 -44.63
O DAR C 12 -1.25 -16.58 -43.67
N DSG C 13 -1.11 -16.91 -45.89
CA DSG C 13 -1.27 -15.50 -46.25
C DSG C 13 -0.13 -14.67 -45.68
O DSG C 13 -0.35 -13.56 -45.20
CB DSG C 13 -1.34 -15.35 -47.77
CG DSG C 13 -2.75 -15.56 -48.30
OD1 DSG C 13 -3.60 -16.15 -47.63
ND2 DSG C 13 -3.00 -15.06 -49.50
N DAL C 14 1.07 -15.22 -45.72
CA DAL C 14 2.23 -14.52 -45.18
CB DAL C 14 3.48 -15.29 -45.49
C DAL C 14 2.06 -14.35 -43.68
O DAL C 14 2.33 -13.27 -43.15
N DAL C 15 1.59 -15.40 -43.01
CA DAL C 15 1.30 -15.33 -41.59
CB DAL C 15 0.73 -16.66 -41.09
C DAL C 15 0.35 -14.19 -41.26
O DAL C 15 0.60 -13.41 -40.34
N DGL C 16 -0.74 -14.09 -42.04
CA DGL C 16 -1.76 -13.06 -41.79
C DGL C 16 -1.16 -11.68 -41.88
O DGL C 16 -1.46 -10.80 -41.07
CB DGL C 16 -2.94 -13.22 -42.73
CG DGL C 16 -3.61 -14.57 -42.61
CD DGL C 16 -5.01 -14.58 -43.20
OE1 DGL C 16 -5.77 -15.53 -42.90
OE2 DGL C 16 -5.35 -13.64 -43.95
N DTY C 17 -0.32 -11.47 -42.89
CA DTY C 17 0.44 -10.23 -43.00
C DTY C 17 1.38 -10.08 -41.82
O DTY C 17 1.48 -9.02 -41.23
CB DTY C 17 1.22 -10.16 -44.32
CG DTY C 17 2.35 -9.17 -44.28
CD1 DTY C 17 2.14 -7.81 -44.45
CD2 DTY C 17 3.65 -9.61 -44.04
CE1 DTY C 17 3.19 -6.91 -44.40
CE2 DTY C 17 4.71 -8.72 -43.98
CZ DTY C 17 4.48 -7.38 -44.16
OH DTY C 17 5.56 -6.53 -44.11
N DLE C 18 2.08 -11.16 -41.45
CA DLE C 18 3.04 -11.10 -40.34
CB DLE C 18 3.82 -12.41 -40.22
CG DLE C 18 4.89 -12.66 -41.28
CD1 DLE C 18 6.11 -11.79 -41.01
CD2 DLE C 18 5.28 -14.14 -41.31
C DLE C 18 2.37 -10.79 -39.00
O DLE C 18 3.04 -10.39 -38.04
N DLE C 19 1.04 -10.94 -38.93
CA DLE C 19 0.32 -10.68 -37.69
CB DLE C 19 -0.60 -11.86 -37.35
CG DLE C 19 0.03 -13.22 -37.03
CD1 DLE C 19 0.79 -13.18 -35.71
CD2 DLE C 19 -1.08 -14.26 -36.98
C DLE C 19 -0.51 -9.40 -37.80
O DLE C 19 -1.23 -9.05 -36.85
N DSN C 20 -0.41 -8.72 -38.94
CA DSN C 20 -1.27 -7.58 -39.22
C DSN C 20 -1.01 -6.41 -38.29
O DSN C 20 -1.90 -5.58 -38.09
CB DSN C 20 -1.17 -7.12 -40.68
OG DSN C 20 0.17 -7.04 -41.12
N DSN C 21 0.18 -6.35 -37.72
CA DSN C 21 0.51 -5.27 -36.79
C DSN C 21 0.50 -5.78 -35.37
O DSN C 21 1.06 -5.16 -34.46
CB DSN C 21 1.86 -4.66 -37.13
OG DSN C 21 2.84 -5.67 -37.33
N GLY C 22 -0.13 -6.94 -35.15
CA GLY C 22 -0.15 -7.54 -33.83
C GLY C 22 -1.23 -7.04 -32.90
N DIL C 23 -1.43 -7.78 -31.81
CA DIL C 23 -2.52 -7.53 -30.87
C DIL C 23 -3.11 -8.88 -30.50
O DIL C 23 -2.64 -9.91 -30.99
CB DIL C 23 -2.07 -6.73 -29.63
CG1 DIL C 23 -0.87 -7.41 -28.96
CG2 DIL C 23 -1.73 -5.30 -29.99
CD1 DIL C 23 -0.37 -6.65 -27.76
N DSG C 24 -4.12 -8.86 -29.64
CA DSG C 24 -4.77 -10.09 -29.19
C DSG C 24 -3.72 -10.99 -28.57
O DSG C 24 -3.05 -10.59 -27.61
CB DSG C 24 -5.83 -9.76 -28.14
CG DSG C 24 -6.90 -8.81 -28.66
OD1 DSG C 24 -6.62 -7.66 -28.98
ND2 DSG C 24 -8.13 -9.29 -28.73
N GLY C 25 -3.55 -12.18 -29.13
CA GLY C 25 -2.55 -13.10 -28.62
C GLY C 25 -1.32 -13.21 -29.48
N DSN C 26 -1.16 -12.27 -30.41
CA DSN C 26 -0.07 -12.32 -31.36
C DSN C 26 -0.21 -13.59 -32.19
O DSN C 26 -1.20 -13.78 -32.91
CB DSN C 26 -0.07 -11.07 -32.26
OG DSN C 26 0.68 -10.01 -31.69
N DPN C 27 0.75 -14.49 -32.07
CA DPN C 27 0.61 -15.77 -32.73
C DPN C 27 1.89 -16.22 -33.38
O DPN C 27 2.95 -15.61 -33.18
CB DPN C 27 0.13 -16.83 -31.73
CG DPN C 27 1.24 -17.45 -30.93
CD1 DPN C 27 1.77 -16.79 -29.83
CD2 DPN C 27 1.73 -18.71 -31.24
CE1 DPN C 27 2.78 -17.36 -29.07
CE2 DPN C 27 2.75 -19.28 -30.50
CZ DPN C 27 3.26 -18.62 -29.40
N DLE C 28 1.80 -17.27 -34.18
CA DLE C 28 2.96 -17.93 -34.74
CB DLE C 28 3.50 -17.15 -35.96
CG DLE C 28 2.69 -17.06 -37.24
CD1 DLE C 28 2.93 -15.72 -37.92
CD2 DLE C 28 3.05 -18.19 -38.20
C DLE C 28 2.69 -19.38 -35.11
O DLE C 28 1.55 -19.81 -35.27
N DVA C 29 3.77 -20.15 -35.25
CA DVA C 29 3.65 -21.51 -35.71
CB DVA C 29 4.25 -22.49 -34.69
CG1 DVA C 29 3.61 -22.28 -33.32
CG2 DVA C 29 4.05 -23.92 -35.16
C DVA C 29 4.35 -21.61 -37.06
O DVA C 29 5.50 -21.17 -37.19
N DAR C 30 3.65 -22.14 -38.05
CA DAR C 30 4.17 -22.24 -39.40
CB DAR C 30 3.46 -21.26 -40.34
CG DAR C 30 1.97 -21.59 -40.50
CD DAR C 30 1.20 -20.52 -41.23
NE DAR C 30 -0.23 -20.71 -41.07
CZ DAR C 30 -0.95 -21.61 -41.73
NH1 DAR C 30 -2.23 -21.73 -41.45
NH2 DAR C 30 -0.41 -22.36 -42.67
C DAR C 30 3.95 -23.67 -39.89
O DAR C 30 3.03 -24.36 -39.46
N DGL C 31 4.81 -24.11 -40.80
CA DGL C 31 4.74 -25.43 -41.39
C DGL C 31 4.52 -25.35 -42.91
O DGL C 31 5.00 -24.42 -43.57
CB DGL C 31 6.06 -26.18 -41.11
CG DGL C 31 7.24 -25.50 -41.78
CD DGL C 31 8.58 -26.01 -41.33
OE1 DGL C 31 9.49 -26.14 -42.18
OE2 DGL C 31 8.74 -26.24 -40.11
N DSN C 32 3.79 -26.30 -43.46
CA DSN C 32 3.69 -26.44 -44.90
C DSN C 32 5.08 -26.62 -45.52
O DSN C 32 5.91 -27.33 -44.95
CB DSN C 32 2.81 -27.63 -45.24
OG DSN C 32 3.16 -28.19 -46.51
N DGL C 33 5.35 -25.97 -46.64
CA DGL C 33 6.52 -26.32 -47.44
C DGL C 33 6.26 -27.67 -48.13
O DGL C 33 5.10 -28.07 -48.25
CB DGL C 33 6.95 -25.20 -48.40
CG DGL C 33 6.27 -25.14 -49.76
CD DGL C 33 7.04 -24.24 -50.74
OE1 DGL C 33 6.66 -24.16 -51.93
OE2 DGL C 33 8.01 -23.60 -50.30
N DSN C 34 7.30 -28.40 -48.48
CA DSN C 34 7.16 -29.75 -49.07
C DSN C 34 6.61 -30.80 -48.08
O DSN C 34 6.69 -32.00 -48.34
CB DSN C 34 6.32 -29.75 -50.36
OG DSN C 34 4.94 -29.63 -50.08
N DSN C 35 6.05 -30.34 -46.96
CA DSN C 35 5.55 -31.23 -45.90
C DSN C 35 5.75 -30.60 -44.53
O DSN C 35 4.79 -30.27 -43.85
CB DSN C 35 4.06 -31.55 -46.08
OG DSN C 35 3.86 -32.76 -46.75
N DPR C 36 7.03 -30.46 -44.12
CA DPR C 36 7.34 -29.70 -42.89
CB DPR C 36 8.87 -29.72 -42.83
CG DPR C 36 9.35 -30.56 -43.96
CD DPR C 36 8.20 -31.10 -44.73
C DPR C 36 6.73 -30.32 -41.64
O DPR C 36 6.67 -29.67 -40.60
N GLY C 37 6.30 -31.57 -41.74
CA GLY C 37 5.66 -32.23 -40.62
C GLY C 37 4.28 -31.66 -40.30
N DGN C 38 3.63 -31.04 -41.28
CA DGN C 38 2.28 -30.52 -41.11
C DGN C 38 2.35 -29.09 -40.65
O DGN C 38 2.90 -28.23 -41.34
CB DGN C 38 1.51 -30.53 -42.44
CG DGN C 38 1.51 -31.82 -43.24
CD DGN C 38 0.76 -31.65 -44.55
OE1 DGN C 38 0.27 -32.62 -45.14
NE2 DGN C 38 0.66 -30.41 -45.02
N DAR C 39 1.79 -28.79 -39.48
CA DAR C 39 1.97 -27.47 -38.91
CB DAR C 39 2.96 -27.48 -37.75
CG DAR C 39 4.34 -27.83 -38.17
CD DAR C 39 5.26 -27.71 -37.01
NE DAR C 39 6.54 -28.33 -37.30
CZ DAR C 39 6.77 -29.62 -37.15
NH1 DAR C 39 5.81 -30.45 -36.75
NH2 DAR C 39 7.98 -30.10 -37.40
C DAR C 39 0.67 -26.86 -38.46
O DAR C 39 -0.28 -27.57 -38.14
N DSN C 40 0.63 -25.53 -38.44
CA DSN C 40 -0.53 -24.79 -38.00
C DSN C 40 -0.15 -23.68 -37.05
O DSN C 40 0.97 -23.20 -37.03
CB DSN C 40 -1.28 -24.21 -39.18
OG DSN C 40 -1.79 -25.27 -39.97
N DIL C 41 -1.14 -23.27 -36.25
CA DIL C 41 -1.02 -22.08 -35.44
C DIL C 41 -1.76 -20.98 -36.17
O DIL C 41 -2.89 -21.18 -36.66
CB DIL C 41 -1.65 -22.31 -34.07
CG1 DIL C 41 -1.01 -23.51 -33.37
CG2 DIL C 41 -1.47 -21.07 -33.21
CD1 DIL C 41 -1.67 -23.84 -32.06
N DSN C 42 -1.14 -19.82 -36.26
CA DSN C 42 -1.83 -18.64 -36.75
C DSN C 42 -1.94 -17.69 -35.58
O DSN C 42 -0.95 -17.33 -34.97
CB DSN C 42 -1.05 -17.99 -37.88
OG DSN C 42 -1.08 -18.81 -39.04
N DLE C 43 -3.17 -17.30 -35.26
CA DLE C 43 -3.41 -16.57 -34.02
CB DLE C 43 -3.99 -17.50 -32.95
CG DLE C 43 -4.71 -16.87 -31.77
CD1 DLE C 43 -5.44 -17.92 -30.96
CD2 DLE C 43 -3.71 -16.13 -30.89
C DLE C 43 -4.32 -15.36 -34.27
O DLE C 43 -5.34 -15.47 -34.93
N DAR C 44 -3.91 -14.22 -33.74
CA DAR C 44 -4.62 -12.97 -33.96
CB DAR C 44 -3.63 -11.82 -34.15
CG DAR C 44 -4.14 -10.42 -33.76
CD DAR C 44 -3.83 -9.38 -34.83
NE DAR C 44 -4.02 -8.02 -34.35
CZ DAR C 44 -4.03 -6.95 -35.12
NH1 DAR C 44 -4.16 -5.75 -34.56
NH2 DAR C 44 -3.91 -7.03 -36.43
C DAR C 44 -5.56 -12.67 -32.80
O DAR C 44 -5.17 -12.71 -31.62
N DTY C 45 -6.82 -12.39 -33.13
CA DTY C 45 -7.80 -11.96 -32.15
C DTY C 45 -8.71 -10.92 -32.77
O DTY C 45 -9.25 -11.12 -33.86
CB DTY C 45 -8.60 -13.13 -31.60
CG DTY C 45 -9.72 -12.74 -30.68
CD1 DTY C 45 -9.48 -12.37 -29.36
CD2 DTY C 45 -11.04 -12.79 -31.12
CE1 DTY C 45 -10.52 -12.03 -28.51
CE2 DTY C 45 -12.09 -12.46 -30.27
CZ DTY C 45 -11.82 -12.08 -28.97
OH DTY C 45 -12.87 -11.75 -28.15
N DGL C 46 -8.86 -9.80 -32.07
CA DGL C 46 -9.68 -8.68 -32.47
C DGL C 46 -9.49 -8.34 -33.93
O DGL C 46 -10.46 -8.22 -34.68
CB DGL C 46 -11.15 -8.94 -32.18
CG DGL C 46 -11.56 -8.95 -30.70
CD DGL C 46 -11.45 -7.60 -29.99
OE1 DGL C 46 -10.75 -6.69 -30.46
OE2 DGL C 46 -12.15 -7.43 -28.96
N GLY C 47 -8.25 -8.20 -34.35
CA GLY C 47 -7.94 -7.78 -35.70
C GLY C 47 -7.99 -8.88 -36.75
N DAR C 48 -8.62 -9.99 -36.43
CA DAR C 48 -8.63 -11.14 -37.34
CB DAR C 48 -10.01 -11.82 -37.45
CG DAR C 48 -11.20 -10.92 -37.73
CD DAR C 48 -12.49 -11.52 -37.17
NE DAR C 48 -13.18 -10.63 -36.23
CZ DAR C 48 -13.28 -10.83 -34.92
NH1 DAR C 48 -13.93 -9.93 -34.19
NH2 DAR C 48 -12.80 -11.91 -34.35
C DAR C 48 -7.58 -12.21 -37.06
O DAR C 48 -7.09 -12.35 -35.94
N DVA C 49 -7.25 -12.97 -38.10
CA DVA C 49 -6.33 -14.08 -37.97
CB DVA C 49 -5.17 -13.99 -38.95
CG1 DVA C 49 -4.35 -12.72 -38.68
CG2 DVA C 49 -4.29 -15.23 -38.79
C DVA C 49 -7.04 -15.41 -38.06
O DVA C 49 -7.57 -15.80 -39.09
N DTY C 50 -7.00 -16.12 -36.94
CA DTY C 50 -7.55 -17.46 -36.82
C DTY C 50 -6.48 -18.52 -37.02
O DTY C 50 -5.39 -18.45 -36.42
CB DTY C 50 -8.15 -17.65 -35.43
CG DTY C 50 -9.32 -16.75 -35.12
CD1 DTY C 50 -9.12 -15.39 -34.88
CD2 DTY C 50 -10.59 -17.26 -35.03
CE1 DTY C 50 -10.19 -14.56 -34.57
CE2 DTY C 50 -11.66 -16.45 -34.73
CZ DTY C 50 -11.45 -15.11 -34.51
OH DTY C 50 -12.54 -14.31 -34.19
N DHI C 51 -6.80 -19.52 -37.83
CA DHI C 51 -5.85 -20.58 -38.11
C DHI C 51 -6.29 -21.90 -37.50
O DHI C 51 -7.48 -22.21 -37.46
CB DHI C 51 -5.67 -20.74 -39.61
CG DHI C 51 -5.18 -19.51 -40.28
ND1 DHI C 51 -3.87 -19.08 -40.19
CD2 DHI C 51 -5.82 -18.57 -41.03
CE1 DHI C 51 -3.71 -17.97 -40.86
NE2 DHI C 51 -4.88 -17.63 -41.39
N DTY C 52 -5.33 -22.66 -37.03
CA DTY C 52 -5.62 -23.93 -36.40
C DTY C 52 -4.63 -24.96 -36.89
O DTY C 52 -3.43 -24.82 -36.67
CB DTY C 52 -5.59 -23.81 -34.87
CG DTY C 52 -6.59 -22.81 -34.36
CD1 DTY C 52 -7.89 -23.20 -34.06
CD2 DTY C 52 -6.25 -21.47 -34.19
CE1 DTY C 52 -8.82 -22.29 -33.59
CE2 DTY C 52 -7.18 -20.54 -33.72
CZ DTY C 52 -8.46 -20.96 -33.43
OH DTY C 52 -9.39 -20.07 -32.96
N DAR C 53 -5.13 -25.99 -37.55
CA DAR C 53 -4.28 -27.11 -37.91
CB DAR C 53 -5.00 -28.05 -38.87
CG DAR C 53 -4.16 -29.26 -39.29
CD DAR C 53 -4.92 -30.18 -40.24
NE DAR C 53 -6.16 -30.66 -39.65
CZ DAR C 53 -7.14 -31.25 -40.33
NH1 DAR C 53 -8.23 -31.67 -39.66
NH2 DAR C 53 -7.07 -31.45 -41.63
C DAR C 53 -3.90 -27.85 -36.64
O DAR C 53 -4.76 -28.18 -35.81
N DIL C 54 -2.60 -28.08 -36.47
CA DIL C 54 -2.08 -28.92 -35.41
C DIL C 54 -2.15 -30.37 -35.85
O DIL C 54 -1.34 -30.81 -36.68
CB DIL C 54 -0.64 -28.53 -35.10
CG1 DIL C 54 -0.57 -27.09 -34.64
CG2 DIL C 54 -0.04 -29.51 -34.07
CD1 DIL C 54 0.82 -26.60 -34.38
N DSG C 55 -3.09 -31.11 -35.32
CA DSG C 55 -3.22 -32.51 -35.71
C DSG C 55 -2.09 -33.36 -35.10
O DSG C 55 -1.43 -32.94 -34.16
CB DSG C 55 -4.58 -33.06 -35.30
CG DSG C 55 -5.71 -32.21 -35.83
OD1 DSG C 55 -5.89 -32.09 -37.03
ND2 DSG C 55 -6.44 -31.59 -34.91
N DTH C 56 -1.90 -34.54 -35.66
CA DTH C 56 -0.90 -35.45 -35.13
CB DTH C 56 0.29 -35.59 -36.10
CG2 DTH C 56 1.29 -34.44 -35.90
OG1 DTH C 56 -0.21 -35.57 -37.45
C DTH C 56 -1.46 -36.82 -34.89
O DTH C 56 -2.62 -37.11 -35.19
N DCY C 57 -0.62 -37.68 -34.33
CA DCY C 57 -0.94 -39.09 -34.18
C DCY C 57 0.28 -39.84 -34.69
O DCY C 57 1.38 -39.28 -34.70
CB DCY C 57 -1.23 -39.43 -32.72
SG DCY C 57 -2.74 -38.65 -32.09
N DSN C 58 0.09 -41.08 -35.09
CA DSN C 58 1.16 -41.90 -35.66
C DSN C 58 2.42 -41.95 -34.82
O DSN C 58 3.52 -42.09 -35.36
CB DSN C 58 0.66 -43.32 -35.89
OG DSN C 58 -0.51 -43.34 -36.69
N DAS C 59 2.28 -41.83 -33.50
CA DAS C 59 3.44 -41.95 -32.61
C DAS C 59 4.05 -40.62 -32.24
O DAS C 59 4.89 -40.53 -31.34
CB DAS C 59 3.09 -42.81 -31.37
CG DAS C 59 2.09 -42.14 -30.45
OD1 DAS C 59 1.66 -42.79 -29.47
OD2 DAS C 59 1.70 -40.99 -30.72
N GLY C 60 3.63 -39.58 -32.94
CA GLY C 60 4.28 -38.30 -32.82
C GLY C 60 3.58 -37.29 -31.95
N DLY C 61 2.49 -37.67 -31.29
CA DLY C 61 1.80 -36.68 -30.46
C DLY C 61 1.10 -35.62 -31.29
O DLY C 61 0.72 -35.85 -32.44
CB DLY C 61 0.87 -37.31 -29.41
CG DLY C 61 1.55 -37.48 -28.04
CD DLY C 61 0.59 -37.86 -26.91
CE DLY C 61 1.33 -37.94 -25.56
NZ DLY C 61 0.47 -37.67 -24.36
N DLE C 62 0.95 -34.43 -30.71
CA DLE C 62 0.36 -33.28 -31.37
CB DLE C 62 1.39 -32.15 -31.53
CG DLE C 62 2.81 -32.38 -32.05
CD1 DLE C 62 3.41 -31.06 -32.41
CD2 DLE C 62 3.72 -33.06 -31.06
C DLE C 62 -0.79 -32.76 -30.54
O DLE C 62 -0.76 -32.86 -29.31
N DTY C 63 -1.79 -32.19 -31.19
CA DTY C 63 -2.86 -31.52 -30.45
C DTY C 63 -3.59 -30.54 -31.34
O DTY C 63 -3.51 -30.61 -32.56
CB DTY C 63 -3.85 -32.54 -29.88
CG DTY C 63 -4.55 -33.41 -30.91
CD1 DTY C 63 -3.94 -34.54 -31.42
CD2 DTY C 63 -5.84 -33.11 -31.34
CE1 DTY C 63 -4.59 -35.34 -32.35
CE2 DTY C 63 -6.49 -33.90 -32.26
CZ DTY C 63 -5.87 -35.01 -32.77
OH DTY C 63 -6.52 -35.81 -33.68
N DVA C 64 -4.31 -29.62 -30.70
CA DVA C 64 -5.30 -28.81 -31.39
CB DVA C 64 -5.13 -27.34 -31.05
CG1 DVA C 64 -3.79 -26.84 -31.54
CG2 DVA C 64 -6.25 -26.53 -31.68
C DVA C 64 -6.68 -29.32 -30.98
O DVA C 64 -7.53 -29.56 -31.83
N DSN C 65 -6.86 -29.48 -29.68
CA DSN C 65 -8.07 -30.08 -29.11
C DSN C 65 -7.81 -31.55 -28.79
O DSN C 65 -6.79 -31.89 -28.23
CB DSN C 65 -8.45 -29.40 -27.79
OG DSN C 65 -8.68 -28.01 -27.97
N DSN C 66 -8.77 -32.40 -29.13
CA DSN C 66 -8.63 -33.84 -28.96
C DSN C 66 -8.41 -34.22 -27.49
O DSN C 66 -7.81 -35.26 -27.21
CB DSN C 66 -9.84 -34.58 -29.52
OG DSN C 66 -9.76 -35.98 -29.25
N DGL C 67 -8.89 -33.40 -26.58
CA DGL C 67 -8.74 -33.70 -25.16
C DGL C 67 -7.31 -33.46 -24.64
O DGL C 67 -6.86 -34.13 -23.72
CB DGL C 67 -9.75 -32.91 -24.32
CG DGL C 67 -9.43 -31.42 -24.16
CD DGL C 67 -9.02 -31.05 -22.73
OE1 DGL C 67 -8.10 -31.69 -22.17
OE2 DGL C 67 -9.63 -30.11 -22.17
N DSN C 68 -6.61 -32.50 -25.25
CA DSN C 68 -5.27 -32.18 -24.80
C DSN C 68 -4.19 -32.52 -25.82
O DSN C 68 -4.07 -31.87 -26.84
CB DSN C 68 -5.15 -30.70 -24.44
OG DSN C 68 -5.74 -30.45 -23.18
N DAR C 69 -3.42 -33.57 -25.52
CA DAR C 69 -2.33 -33.99 -26.40
CB DAR C 69 -2.63 -35.34 -27.07
CG DAR C 69 -3.94 -35.31 -27.87
CD DAR C 69 -4.98 -36.32 -27.47
NE DAR C 69 -5.18 -36.39 -26.02
CZ DAR C 69 -6.20 -37.01 -25.44
NH1 DAR C 69 -6.21 -37.12 -24.11
NH2 DAR C 69 -7.22 -37.50 -26.14
C DAR C 69 -0.95 -33.95 -25.74
O DAR C 69 -0.81 -34.26 -24.56
N DPN C 70 0.05 -33.56 -26.52
CA DPN C 70 1.40 -33.36 -26.02
C DPN C 70 2.43 -34.01 -26.91
O DPN C 70 2.17 -34.29 -28.07
CB DPN C 70 1.71 -31.86 -25.91
CG DPN C 70 0.72 -31.11 -25.08
CD1 DPN C 70 0.90 -30.98 -23.72
CD2 DPN C 70 -0.40 -30.55 -25.67
CE1 DPN C 70 -0.01 -30.30 -22.96
CE2 DPN C 70 -1.32 -29.87 -24.91
CZ DPN C 70 -1.13 -29.75 -23.55
N DSG C 71 3.62 -34.25 -26.37
CA DSG C 71 4.67 -34.95 -27.09
C DSG C 71 5.59 -34.01 -27.90
O DSG C 71 6.10 -34.40 -28.95
CB DSG C 71 5.51 -35.82 -26.16
CG DSG C 71 4.74 -37.05 -25.66
OD1 DSG C 71 4.12 -37.01 -24.58
ND2 DSG C 71 4.77 -38.12 -26.44
N DTH C 72 5.80 -32.78 -27.42
CA DTH C 72 6.62 -31.83 -28.17
CB DTH C 72 7.88 -31.43 -27.38
CG2 DTH C 72 8.63 -32.65 -26.90
OG1 DTH C 72 7.51 -30.63 -26.24
C DTH C 72 5.87 -30.56 -28.53
O DTH C 72 4.97 -30.14 -27.81
N DLE C 73 6.27 -29.93 -29.63
CA DLE C 73 5.63 -28.70 -30.06
CB DLE C 73 6.25 -28.22 -31.38
CG DLE C 73 5.48 -27.13 -32.16
CD1 DLE C 73 6.34 -26.57 -33.26
CD2 DLE C 73 4.18 -27.66 -32.73
C DLE C 73 5.63 -27.59 -29.00
O DLE C 73 4.63 -26.90 -28.82
N DAL C 74 6.74 -27.43 -28.28
CA DAL C 74 6.80 -26.41 -27.24
CB DAL C 74 8.20 -26.34 -26.62
C DAL C 74 5.74 -26.66 -26.16
O DAL C 74 5.08 -25.73 -25.69
N DGL C 75 5.55 -27.93 -25.79
CA DGL C 75 4.54 -28.32 -24.82
C DGL C 75 3.16 -27.85 -25.22
O DGL C 75 2.42 -27.30 -24.40
CB DGL C 75 4.50 -29.83 -24.61
CG DGL C 75 5.35 -30.35 -23.46
CD DGL C 75 5.57 -31.86 -23.54
OE1 DGL C 75 6.70 -32.31 -23.23
OE2 DGL C 75 4.63 -32.58 -23.91
N DLE C 76 2.79 -28.09 -26.48
CA DLE C 76 1.50 -27.65 -26.99
CB DLE C 76 1.29 -28.08 -28.42
CG DLE C 76 -0.13 -27.75 -28.87
CD1 DLE C 76 -0.16 -27.35 -30.31
CD2 DLE C 76 -1.08 -28.91 -28.61
C DLE C 76 1.37 -26.13 -26.89
O DLE C 76 0.31 -25.61 -26.57
N DVA C 77 2.46 -25.43 -27.19
CA DVA C 77 2.42 -23.98 -27.19
CB DVA C 77 3.65 -23.36 -27.91
CG1 DVA C 77 3.50 -23.50 -29.42
CG2 DVA C 77 3.85 -21.91 -27.52
C DVA C 77 2.22 -23.42 -25.78
O DVA C 77 1.41 -22.52 -25.58
N DHI C 78 2.91 -24.00 -24.79
CA DHI C 78 2.81 -23.53 -23.41
C DHI C 78 1.39 -23.73 -22.85
O DHI C 78 0.84 -22.82 -22.22
CB DHI C 78 3.88 -24.23 -22.55
CG DHI C 78 3.88 -23.80 -21.11
ND1 DHI C 78 4.90 -24.18 -20.25
CD2 DHI C 78 3.05 -23.03 -20.39
CE1 DHI C 78 4.66 -23.65 -19.05
NE2 DHI C 78 3.54 -22.95 -19.12
N DHI C 79 0.79 -24.89 -23.07
CA DHI C 79 -0.57 -25.16 -22.59
C DHI C 79 -1.59 -24.16 -23.12
O DHI C 79 -2.37 -23.59 -22.37
CB DHI C 79 -1.01 -26.57 -23.00
CG DHI C 79 -2.45 -26.88 -22.64
ND1 DHI C 79 -2.82 -27.28 -21.38
CD2 DHI C 79 -3.57 -26.87 -23.38
CE1 DHI C 79 -4.13 -27.49 -21.35
NE2 DHI C 79 -4.61 -27.25 -22.57
N DHI C 80 -1.56 -23.98 -24.43
CA DHI C 80 -2.52 -23.10 -25.08
C DHI C 80 -2.18 -21.65 -24.83
O DHI C 80 -3.01 -20.77 -24.98
CB DHI C 80 -2.58 -23.42 -26.56
CG DHI C 80 -3.37 -24.65 -26.85
ND1 DHI C 80 -4.75 -24.68 -26.73
CD2 DHI C 80 -3.00 -25.89 -27.21
CE1 DHI C 80 -5.18 -25.88 -27.03
NE2 DHI C 80 -4.13 -26.65 -27.33
N DSN C 81 -0.93 -21.41 -24.41
CA DSN C 81 -0.52 -20.10 -23.94
C DSN C 81 -1.05 -19.86 -22.53
O DSN C 81 -0.94 -18.75 -22.00
CB DSN C 81 1.01 -19.98 -23.98
OG DSN C 81 1.50 -19.21 -22.91
N DTH C 82 -1.64 -20.90 -21.93
CA DTH C 82 -2.10 -20.86 -20.55
CB DTH C 82 -1.46 -22.00 -19.75
CG2 DTH C 82 -2.20 -22.21 -18.43
OG1 DTH C 82 -0.09 -21.68 -19.47
C DTH C 82 -3.63 -20.94 -20.45
O DTH C 82 -4.25 -20.26 -19.64
N DVA C 83 -4.22 -21.79 -21.29
CA DVA C 83 -5.68 -21.86 -21.38
CB DVA C 83 -6.26 -22.98 -20.49
CG1 DVA C 83 -7.76 -22.79 -20.33
CG2 DVA C 83 -5.95 -24.35 -21.07
C DVA C 83 -6.05 -21.97 -22.86
O DVA C 83 -5.34 -22.62 -23.62
N DAL C 84 -7.13 -21.30 -23.27
CA DAL C 84 -7.49 -21.23 -24.69
CB DAL C 84 -8.73 -20.40 -24.91
C DAL C 84 -7.68 -22.64 -25.26
O DAL C 84 -7.06 -22.98 -26.26
N DAS C 85 -8.52 -23.43 -24.60
CA DAS C 85 -8.69 -24.84 -24.92
C DAS C 85 -9.01 -25.12 -26.40
O DAS C 85 -8.39 -25.96 -27.04
CB DAS C 85 -7.43 -25.64 -24.52
CG DAS C 85 -7.69 -27.13 -24.37
OD1 DAS C 85 -6.73 -27.86 -24.02
OD2 DAS C 85 -8.83 -27.58 -24.59
N GLY C 86 -10.02 -24.41 -26.92
CA GLY C 86 -10.41 -24.60 -28.30
C GLY C 86 -9.95 -23.47 -29.20
N DLE C 87 -8.76 -22.97 -28.92
CA DLE C 87 -8.26 -21.77 -29.57
CB DLE C 87 -6.86 -21.47 -29.06
CG DLE C 87 -5.76 -22.44 -29.51
CD1 DLE C 87 -5.98 -22.89 -30.95
CD2 DLE C 87 -4.39 -21.82 -29.33
C DLE C 87 -9.20 -20.65 -29.13
O DLE C 87 -9.79 -20.72 -28.06
N DIL C 88 -9.36 -19.62 -29.95
CA DIL C 88 -10.26 -18.54 -29.57
C DIL C 88 -9.67 -17.66 -28.46
O DIL C 88 -10.40 -16.94 -27.78
CB DIL C 88 -10.73 -17.72 -30.78
CG1 DIL C 88 -11.97 -16.91 -30.39
CG2 DIL C 88 -9.61 -16.85 -31.32
CD1 DIL C 88 -12.52 -16.06 -31.47
N DTH C 89 -8.35 -17.70 -28.26
CA DTH C 89 -7.72 -16.98 -27.16
CB DTH C 89 -7.38 -15.53 -27.55
CG2 DTH C 89 -7.22 -14.66 -26.28
OG1 DTH C 89 -8.46 -14.99 -28.32
C DTH C 89 -6.41 -17.70 -26.88
O DTH C 89 -6.06 -18.64 -27.59
N DTH C 90 -5.69 -17.22 -25.86
CA DTH C 90 -4.37 -17.76 -25.52
CB DTH C 90 -3.99 -17.43 -24.08
CG2 DTH C 90 -4.92 -18.14 -23.09
OG1 DTH C 90 -4.05 -16.00 -23.88
C DTH C 90 -3.27 -17.21 -26.40
O DTH C 90 -3.21 -16.02 -26.68
N DLE C 91 -2.36 -18.10 -26.81
CA DLE C 91 -1.08 -17.72 -27.38
CB DLE C 91 -0.30 -18.97 -27.73
CG DLE C 91 -1.16 -20.03 -28.41
CD1 DLE C 91 -1.65 -19.50 -29.73
CD2 DLE C 91 -0.37 -21.30 -28.64
C DLE C 91 -0.31 -16.89 -26.35
O DLE C 91 -0.13 -17.30 -25.22
N DHI C 92 0.15 -15.71 -26.76
CA DHI C 92 0.71 -14.75 -25.82
C DHI C 92 1.96 -14.11 -26.40
O DHI C 92 3.03 -14.14 -25.79
CB DHI C 92 -0.36 -13.69 -25.51
CG DHI C 92 -0.17 -13.00 -24.19
ND1 DHI C 92 -0.93 -13.31 -23.08
CD2 DHI C 92 0.68 -12.02 -23.81
CE1 DHI C 92 -0.55 -12.55 -22.07
NE2 DHI C 92 0.42 -11.75 -22.48
N DTY C 93 1.83 -13.54 -27.59
CA DTY C 93 2.89 -12.74 -28.19
C DTY C 93 3.42 -13.33 -29.48
O DTY C 93 2.77 -13.25 -30.51
CB DTY C 93 2.36 -11.34 -28.49
CG DTY C 93 1.88 -10.59 -27.28
CD1 DTY C 93 2.76 -10.22 -26.28
CD2 DTY C 93 0.53 -10.23 -27.13
CE1 DTY C 93 2.34 -9.53 -25.17
CE2 DTY C 93 0.11 -9.54 -26.00
CZ DTY C 93 1.02 -9.18 -25.03
OH DTY C 93 0.62 -8.49 -23.91
N DPR C 94 4.62 -13.93 -29.41
CA DPR C 94 5.22 -14.48 -30.63
CB DPR C 94 6.52 -15.14 -30.11
CG DPR C 94 6.31 -15.34 -28.65
CD DPR C 94 5.41 -14.22 -28.21
C DPR C 94 5.56 -13.38 -31.61
O DPR C 94 6.20 -12.43 -31.20
N DAL C 95 5.13 -13.51 -32.85
CA DAL C 95 5.41 -12.49 -33.87
CB DAL C 95 4.70 -12.83 -35.18
C DAL C 95 6.90 -12.34 -34.13
O DAL C 95 7.61 -13.33 -34.17
N DPR C 96 7.36 -11.10 -34.27
CA DPR C 96 8.73 -10.89 -34.77
CB DPR C 96 8.78 -9.36 -34.95
CG DPR C 96 7.80 -8.85 -33.94
CD DPR C 96 6.69 -9.85 -33.89
C DPR C 96 8.85 -11.58 -36.12
O DPR C 96 7.88 -11.56 -36.87
N DLY C 97 9.98 -12.19 -36.41
CA DLY C 97 10.04 -13.12 -37.55
C DLY C 97 10.12 -12.54 -38.96
O DLY C 97 9.57 -13.13 -39.91
CB DLY C 97 11.10 -14.20 -37.34
CG DLY C 97 10.71 -15.23 -36.31
CD DLY C 97 11.33 -16.59 -36.58
CE DLY C 97 11.63 -17.32 -35.28
NZ DLY C 97 12.06 -18.71 -35.52
N DAR C 98 10.77 -11.40 -39.13
CA DAR C 98 10.77 -10.76 -40.44
CB DAR C 98 12.17 -10.86 -41.06
CG DAR C 98 12.60 -12.27 -41.47
CD DAR C 98 12.04 -12.76 -42.81
NE DAR C 98 10.59 -12.93 -42.80
CZ DAR C 98 9.95 -13.93 -43.39
NH1 DAR C 98 8.62 -13.95 -43.38
NH2 DAR C 98 10.60 -14.91 -44.00
C DAR C 98 10.34 -9.31 -40.29
O DAR C 98 10.95 -8.40 -40.86
N DSG C 99 9.25 -9.11 -39.54
CA DSG C 99 8.80 -7.79 -39.11
C DSG C 99 9.97 -6.93 -38.63
O DSG C 99 10.83 -7.39 -37.88
CB DSG C 99 7.97 -7.05 -40.18
CG DSG C 99 6.47 -7.29 -40.04
OD1 DSG C 99 6.04 -8.37 -39.60
ND2 DSG C 99 5.67 -6.28 -40.35
N DGL D 1 -13.38 -56.22 -43.93
CA DGL D 1 -12.91 -56.88 -42.72
C DGL D 1 -12.69 -58.37 -42.93
O DGL D 1 -11.55 -58.83 -43.09
CB DGL D 1 -11.61 -56.23 -42.22
CG DGL D 1 -11.76 -54.81 -41.70
CD DGL D 1 -11.74 -53.77 -42.81
OE1 DGL D 1 -12.33 -54.02 -43.88
OE2 DGL D 1 -11.10 -52.72 -42.61
N DLY D 2 -13.79 -59.12 -42.92
CA DLY D 2 -13.73 -60.57 -42.86
C DLY D 2 -13.53 -61.02 -41.42
O DLY D 2 -14.13 -62.00 -40.98
CB DLY D 2 -15.00 -61.18 -43.42
N DHI D 3 -12.71 -60.28 -40.67
CA DHI D 3 -12.29 -60.74 -39.36
C DHI D 3 -11.26 -61.84 -39.47
O DHI D 3 -10.40 -61.84 -40.35
CB DHI D 3 -11.76 -59.59 -38.49
CG DHI D 3 -12.85 -58.82 -37.80
ND1 DHI D 3 -13.35 -59.20 -36.57
CD2 DHI D 3 -13.51 -57.70 -38.15
CE1 DHI D 3 -14.29 -58.34 -36.21
NE2 DHI D 3 -14.40 -57.43 -37.15
N DSN D 4 -11.39 -62.79 -38.57
CA DSN D 4 -10.55 -63.97 -38.54
C DSN D 4 -9.05 -63.62 -38.54
O DSN D 4 -8.26 -64.27 -39.22
CB DSN D 4 -10.98 -64.88 -37.39
OG DSN D 4 -11.77 -64.15 -36.44
N DTR D 5 -8.67 -62.55 -37.83
CA DTR D 5 -7.28 -62.15 -37.69
CB DTR D 5 -7.04 -61.65 -36.26
CG DTR D 5 -8.17 -60.81 -35.73
CD1 DTR D 5 -9.09 -61.18 -34.79
NE1 DTR D 5 -9.98 -60.16 -34.56
CE2 DTR D 5 -9.67 -59.11 -35.39
CZ2 DTR D 5 -10.29 -57.86 -35.52
CH2 DTR D 5 -9.75 -56.99 -36.44
CZ3 DTR D 5 -8.63 -57.33 -37.20
CE3 DTR D 5 -8.01 -58.57 -37.06
CD2 DTR D 5 -8.54 -59.49 -36.14
C DTR D 5 -6.82 -61.07 -38.66
O DTR D 5 -5.67 -60.64 -38.60
N DTY D 6 -7.68 -60.64 -39.57
CA DTY D 6 -7.33 -59.55 -40.47
C DTY D 6 -6.75 -60.01 -41.80
O DTY D 6 -7.48 -60.43 -42.70
CB DTY D 6 -8.52 -58.63 -40.69
CG DTY D 6 -8.10 -57.34 -41.31
CD1 DTY D 6 -7.46 -56.39 -40.53
CD2 DTY D 6 -8.28 -57.08 -42.65
CE1 DTY D 6 -7.05 -55.20 -41.07
CE2 DTY D 6 -7.88 -55.89 -43.20
CZ DTY D 6 -7.25 -54.95 -42.40
OH DTY D 6 -6.82 -53.75 -42.91
N DHI D 7 -5.44 -59.88 -41.96
CA DHI D 7 -4.78 -60.39 -43.15
C DHI D 7 -4.50 -59.37 -44.25
O DHI D 7 -3.85 -59.69 -45.23
CB DHI D 7 -3.49 -61.09 -42.75
CG DHI D 7 -3.72 -62.39 -42.04
ND1 DHI D 7 -3.02 -63.54 -42.34
CD2 DHI D 7 -4.58 -62.72 -41.03
CE1 DHI D 7 -3.42 -64.52 -41.56
NE2 DHI D 7 -4.37 -64.05 -40.76
N GLY D 8 -4.99 -58.14 -44.07
CA GLY D 8 -4.85 -57.13 -45.09
C GLY D 8 -3.41 -56.84 -45.46
N DPR D 9 -3.11 -56.78 -46.77
CA DPR D 9 -1.80 -56.39 -47.32
CB DPR D 9 -2.09 -56.12 -48.78
CG DPR D 9 -3.26 -56.93 -49.08
CD DPR D 9 -4.08 -57.03 -47.84
C DPR D 9 -0.77 -57.50 -47.21
O DPR D 9 -0.70 -58.35 -48.11
N DVA D 10 0.03 -57.49 -46.15
CA DVA D 10 1.02 -58.53 -45.92
CB DVA D 10 0.45 -59.66 -45.01
CG1 DVA D 10 -0.54 -60.54 -45.77
CG2 DVA D 10 1.57 -60.52 -44.46
C DVA D 10 2.21 -57.85 -45.28
O DVA D 10 2.05 -57.10 -44.31
N DSN D 11 3.40 -58.10 -45.81
CA DSN D 11 4.62 -57.46 -45.29
C DSN D 11 4.98 -58.02 -43.93
O DSN D 11 4.48 -59.08 -43.54
CB DSN D 11 5.79 -57.66 -46.25
OG DSN D 11 6.44 -58.90 -46.01
N DAR D 12 5.85 -57.31 -43.22
CA DAR D 12 6.37 -57.78 -41.94
CB DAR D 12 7.44 -56.86 -41.41
CG DAR D 12 7.83 -57.21 -39.99
CD DAR D 12 9.12 -56.53 -39.64
NE DAR D 12 9.11 -55.13 -40.05
CZ DAR D 12 9.83 -54.19 -39.47
NH1 DAR D 12 9.70 -52.93 -39.87
NH2 DAR D 12 10.69 -54.47 -38.50
C DAR D 12 7.03 -59.15 -42.07
O DAR D 12 6.76 -60.05 -41.29
N DSG D 13 7.93 -59.28 -43.03
CA DSG D 13 8.63 -60.56 -43.22
C DSG D 13 7.66 -61.70 -43.52
O DSG D 13 7.84 -62.81 -43.04
CB DSG D 13 9.70 -60.45 -44.29
CG DSG D 13 11.02 -59.93 -43.76
OD1 DSG D 13 11.09 -59.35 -42.68
ND2 DSG D 13 12.09 -60.12 -44.53
N DAL D 14 6.62 -61.41 -44.31
CA DAL D 14 5.62 -62.42 -44.66
CB DAL D 14 4.74 -61.91 -45.78
C DAL D 14 4.77 -62.78 -43.45
O DAL D 14 4.37 -63.93 -43.27
N DAL D 15 4.48 -61.77 -42.62
CA DAL D 15 3.76 -62.00 -41.37
CB DAL D 15 3.56 -60.71 -40.62
C DAL D 15 4.53 -63.01 -40.51
O DAL D 15 3.94 -63.96 -40.00
N DGL D 16 5.83 -62.77 -40.36
CA DGL D 16 6.67 -63.62 -39.52
C DGL D 16 6.65 -65.05 -40.00
O DGL D 16 6.64 -65.99 -39.20
CB DGL D 16 8.11 -63.12 -39.48
CG DGL D 16 8.27 -61.69 -39.01
CD DGL D 16 9.67 -61.38 -38.52
OE1 DGL D 16 10.60 -62.16 -38.79
OE2 DGL D 16 9.84 -60.32 -37.86
N DTY D 17 6.60 -65.22 -41.31
CA DTY D 17 6.47 -66.54 -41.90
C DTY D 17 5.13 -67.16 -41.55
O DTY D 17 5.05 -68.34 -41.20
CB DTY D 17 6.63 -66.47 -43.42
CG DTY D 17 6.17 -67.71 -44.12
CD1 DTY D 17 6.98 -68.84 -44.18
CD2 DTY D 17 4.91 -67.78 -44.73
CE1 DTY D 17 6.56 -69.98 -44.82
CE2 DTY D 17 4.49 -68.92 -45.36
CZ DTY D 17 5.32 -70.02 -45.42
OH DTY D 17 4.90 -71.16 -46.06
N DLE D 18 4.06 -66.37 -41.66
CA DLE D 18 2.73 -66.88 -41.41
CB DLE D 18 1.67 -65.85 -41.79
CG DLE D 18 1.45 -65.56 -43.27
CD1 DLE D 18 0.74 -66.71 -43.98
CD2 DLE D 18 0.65 -64.26 -43.44
C DLE D 18 2.55 -67.26 -39.94
O DLE D 18 1.61 -67.98 -39.60
N DLE D 19 3.44 -66.78 -39.08
CA DLE D 19 3.32 -67.07 -37.65
CB DLE D 19 3.49 -65.80 -36.79
CG DLE D 19 2.42 -64.70 -36.93
CD1 DLE D 19 1.08 -65.16 -36.39
CD2 DLE D 19 2.88 -63.45 -36.21
C DLE D 19 4.25 -68.16 -37.15
O DLE D 19 4.16 -68.58 -36.00
N DSN D 20 5.15 -68.64 -38.01
CA DSN D 20 6.17 -69.59 -37.57
C DSN D 20 5.59 -70.88 -36.98
O DSN D 20 6.18 -71.46 -36.07
CB DSN D 20 7.18 -69.91 -38.68
OG DSN D 20 6.53 -70.16 -39.91
N DSN D 21 4.43 -71.31 -37.46
CA DSN D 21 3.80 -72.52 -36.95
C DSN D 21 2.78 -72.17 -35.86
O DSN D 21 1.79 -72.87 -35.66
CB DSN D 21 3.11 -73.31 -38.06
OG DSN D 21 2.32 -72.48 -38.87
N GLY D 22 3.04 -71.08 -35.15
CA GLY D 22 2.13 -70.64 -34.10
C GLY D 22 2.53 -71.11 -32.72
N DIL D 23 1.86 -70.53 -31.73
CA DIL D 23 2.16 -70.71 -30.31
C DIL D 23 1.96 -69.36 -29.67
O DIL D 23 1.50 -68.43 -30.33
CB DIL D 23 1.27 -71.80 -29.65
CG1 DIL D 23 0.02 -71.17 -29.04
CG2 DIL D 23 0.95 -72.94 -30.61
CD1 DIL D 23 -0.89 -72.15 -28.40
N DSG D 24 2.32 -69.22 -28.39
CA DSG D 24 2.13 -67.95 -27.71
C DSG D 24 0.66 -67.51 -27.81
O DSG D 24 -0.25 -68.28 -27.48
CB DSG D 24 2.59 -68.02 -26.26
CG DSG D 24 4.06 -68.36 -26.14
OD1 DSG D 24 4.80 -68.35 -27.13
ND2 DSG D 24 4.51 -68.64 -24.92
N GLY D 25 0.46 -66.31 -28.30
CA GLY D 25 -0.89 -65.77 -28.51
C GLY D 25 -1.23 -65.62 -29.98
N DSN D 26 -0.60 -66.45 -30.81
CA DSN D 26 -0.78 -66.39 -32.26
C DSN D 26 -0.51 -65.01 -32.84
O DSN D 26 0.56 -64.45 -32.63
CB DSN D 26 0.12 -67.43 -32.94
OG DSN D 26 -0.53 -68.69 -33.01
N DPN D 27 -1.46 -64.46 -33.57
CA DPN D 27 -1.33 -63.08 -34.02
C DPN D 27 -2.15 -62.78 -35.27
O DPN D 27 -3.15 -63.46 -35.56
CB DPN D 27 -1.75 -62.11 -32.92
CG DPN D 27 -3.23 -61.85 -32.85
CD1 DPN D 27 -4.09 -62.78 -32.26
CD2 DPN D 27 -3.77 -60.69 -33.38
CE1 DPN D 27 -5.46 -62.55 -32.20
CE2 DPN D 27 -5.15 -60.44 -33.33
CZ DPN D 27 -5.98 -61.39 -32.74
N DLE D 28 -1.73 -61.78 -36.03
CA DLE D 28 -2.50 -61.28 -37.16
CB DLE D 28 -1.99 -61.87 -38.48
CG DLE D 28 -0.57 -61.49 -38.95
CD1 DLE D 28 0.04 -62.65 -39.73
CD2 DLE D 28 -0.53 -60.23 -39.80
C DLE D 28 -2.41 -59.76 -37.22
O DLE D 28 -1.50 -59.15 -36.64
N DVA D 29 -3.34 -59.14 -37.94
CA DVA D 29 -3.27 -57.71 -38.20
CB DVA D 29 -4.55 -56.99 -37.75
CG1 DVA D 29 -4.82 -57.27 -36.27
CG2 DVA D 29 -4.42 -55.48 -38.01
C DVA D 29 -3.01 -57.50 -39.67
O DVA D 29 -3.69 -58.09 -40.52
N DAR D 30 -2.02 -56.68 -39.98
CA DAR D 30 -1.63 -56.45 -41.37
CB DAR D 30 -0.27 -57.08 -41.64
CG DAR D 30 0.86 -56.47 -40.85
CD DAR D 30 2.10 -57.30 -40.95
NE DAR D 30 3.04 -56.91 -39.91
CZ DAR D 30 3.83 -55.85 -39.96
NH1 DAR D 30 4.61 -55.57 -38.92
NH2 DAR D 30 3.86 -55.06 -41.02
C DAR D 30 -1.58 -54.95 -41.64
O DAR D 30 -1.57 -54.13 -40.72
N DGL D 31 -1.52 -54.60 -42.91
CA DGL D 31 -1.46 -53.20 -43.31
C DGL D 31 -0.41 -53.07 -44.39
O DGL D 31 -0.24 -53.97 -45.21
CB DGL D 31 -2.84 -52.79 -43.85
CG DGL D 31 -3.24 -53.50 -45.13
CD DGL D 31 -4.72 -53.36 -45.45
OE1 DGL D 31 -5.06 -53.13 -46.63
OE2 DGL D 31 -5.55 -53.46 -44.51
N DSN D 32 0.32 -51.96 -44.36
CA DSN D 32 1.20 -51.60 -45.46
C DSN D 32 0.43 -51.63 -46.78
O DSN D 32 -0.75 -51.28 -46.83
CB DSN D 32 1.80 -50.21 -45.21
OG DSN D 32 2.14 -49.55 -46.43
N DGL D 33 1.08 -52.08 -47.85
CA DGL D 33 0.55 -51.83 -49.19
C DGL D 33 0.80 -50.36 -49.48
O DGL D 33 1.53 -49.71 -48.73
CB DGL D 33 1.19 -52.77 -50.23
CG DGL D 33 2.50 -52.28 -50.85
CD DGL D 33 2.90 -53.03 -52.12
OE1 DGL D 33 2.57 -54.24 -52.24
OE2 DGL D 33 3.54 -52.42 -52.99
N DSN D 34 0.19 -49.81 -50.52
CA DSN D 34 0.31 -48.38 -50.83
C DSN D 34 -0.43 -47.45 -49.84
O DSN D 34 -1.05 -46.47 -50.25
CB DSN D 34 1.79 -47.95 -51.01
OG DSN D 34 2.40 -48.63 -52.10
N DSN D 35 -0.36 -47.76 -48.55
CA DSN D 35 -1.06 -46.95 -47.55
C DSN D 35 -1.93 -47.80 -46.62
O DSN D 35 -1.50 -48.15 -45.51
CB DSN D 35 -0.04 -46.20 -46.70
OG DSN D 35 1.18 -46.02 -47.40
N DPR D 36 -3.17 -48.09 -47.03
CA DPR D 36 -4.07 -49.04 -46.34
CB DPR D 36 -5.31 -49.10 -47.25
CG DPR D 36 -5.10 -48.13 -48.34
CD DPR D 36 -3.81 -47.42 -48.18
C DPR D 36 -4.51 -48.62 -44.93
O DPR D 36 -5.18 -49.40 -44.26
N GLY D 37 -4.16 -47.42 -44.49
CA GLY D 37 -4.53 -46.98 -43.14
C GLY D 37 -3.53 -47.34 -42.05
N DGN D 38 -2.28 -47.57 -42.46
CA DGN D 38 -1.17 -47.79 -41.57
C DGN D 38 -1.06 -49.28 -41.25
O DGN D 38 -0.73 -50.09 -42.12
CB DGN D 38 0.08 -47.34 -42.30
CG DGN D 38 -0.03 -45.91 -42.76
CD DGN D 38 1.13 -45.48 -43.63
OE1 DGN D 38 2.19 -46.13 -43.64
NE2 DGN D 38 0.94 -44.41 -44.37
N DAR D 39 -1.33 -49.64 -40.01
CA DAR D 39 -1.50 -51.05 -39.72
CB DAR D 39 -2.99 -51.33 -39.52
CG DAR D 39 -3.75 -51.07 -40.81
CD DAR D 39 -5.24 -51.31 -40.76
NE DAR D 39 -5.92 -50.09 -41.16
CZ DAR D 39 -7.16 -50.03 -41.62
NH1 DAR D 39 -7.67 -48.84 -41.96
NH2 DAR D 39 -7.92 -51.10 -41.72
C DAR D 39 -0.67 -51.51 -38.54
O DAR D 39 -0.39 -50.72 -37.63
N DSN D 40 -0.26 -52.78 -38.57
CA DSN D 40 0.53 -53.32 -37.47
C DSN D 40 -0.06 -54.59 -36.92
O DSN D 40 -0.80 -55.31 -37.59
CB DSN D 40 1.95 -53.60 -37.93
OG DSN D 40 2.58 -52.38 -38.29
N DIL D 41 0.26 -54.86 -35.65
CA DIL D 41 0.00 -56.15 -35.02
C DIL D 41 1.27 -56.99 -35.11
O DIL D 41 2.36 -56.50 -34.79
CB DIL D 41 -0.41 -55.98 -33.56
CG1 DIL D 41 -1.67 -55.13 -33.44
CG2 DIL D 41 -0.57 -57.34 -32.88
CD1 DIL D 41 -2.08 -54.85 -32.00
N DSN D 42 1.13 -58.22 -35.55
CA DSN D 42 2.26 -59.14 -35.51
C DSN D 42 1.92 -60.28 -34.55
O DSN D 42 0.95 -61.01 -34.74
CB DSN D 42 2.64 -59.64 -36.90
OG DSN D 42 3.20 -58.59 -37.65
N DLE D 43 2.73 -60.44 -33.51
CA DLE D 43 2.36 -61.29 -32.39
CB DLE D 43 1.98 -60.39 -31.21
CG DLE D 43 1.96 -60.91 -29.78
CD1 DLE D 43 1.79 -59.72 -28.84
CD2 DLE D 43 0.82 -61.89 -29.61
C DLE D 43 3.45 -62.29 -31.99
O DLE D 43 4.59 -61.92 -31.69
N DAR D 44 3.10 -63.57 -31.98
CA DAR D 44 4.07 -64.62 -31.70
CB DAR D 44 3.73 -65.89 -32.48
CG DAR D 44 4.26 -67.18 -31.85
CD DAR D 44 4.99 -68.04 -32.88
NE DAR D 44 5.27 -69.40 -32.39
CZ DAR D 44 6.09 -70.25 -32.97
NH1 DAR D 44 6.77 -69.92 -34.06
NH2 DAR D 44 6.25 -71.47 -32.45
C DAR D 44 4.10 -64.89 -30.20
O DAR D 44 3.06 -65.12 -29.58
N DTY D 45 5.30 -64.86 -29.63
CA DTY D 45 5.51 -65.20 -28.21
C DTY D 45 6.87 -65.85 -27.96
O DTY D 45 7.92 -65.24 -28.19
CB DTY D 45 5.39 -63.96 -27.35
CG DTY D 45 5.75 -64.21 -25.90
CD1 DTY D 45 4.85 -64.82 -25.05
CD2 DTY D 45 7.00 -63.85 -25.39
CE1 DTY D 45 5.17 -65.05 -23.71
CE2 DTY D 45 7.32 -64.07 -24.08
CZ DTY D 45 6.40 -64.68 -23.23
OH DTY D 45 6.72 -64.91 -21.91
N DGL D 46 6.83 -67.08 -27.45
CA DGL D 46 8.04 -67.83 -27.11
C DGL D 46 8.97 -67.97 -28.31
O DGL D 46 10.17 -67.79 -28.21
CB DGL D 46 8.76 -67.24 -25.89
CG DGL D 46 8.03 -67.51 -24.57
CD DGL D 46 8.13 -68.97 -24.12
OE1 DGL D 46 8.77 -69.77 -24.84
OE2 DGL D 46 7.52 -69.32 -23.10
N GLY D 47 8.35 -68.27 -29.45
CA GLY D 47 9.09 -68.57 -30.66
C GLY D 47 9.57 -67.37 -31.43
N DAR D 48 9.28 -66.16 -30.93
CA DAR D 48 9.64 -64.95 -31.66
CB DAR D 48 10.62 -64.05 -30.90
CG DAR D 48 11.76 -64.77 -30.22
CD DAR D 48 12.37 -63.94 -29.10
NE DAR D 48 11.52 -63.69 -27.94
CZ DAR D 48 11.50 -64.46 -26.86
NH1 DAR D 48 10.76 -64.10 -25.82
NH2 DAR D 48 12.22 -65.57 -26.78
C DAR D 48 8.40 -64.16 -32.04
O DAR D 48 7.33 -64.29 -31.43
N DVA D 49 8.55 -63.30 -33.06
CA DVA D 49 7.44 -62.48 -33.50
CB DVA D 49 7.22 -62.61 -35.02
CG1 DVA D 49 6.90 -64.03 -35.39
CG2 DVA D 49 6.10 -61.68 -35.45
C DVA D 49 7.61 -61.03 -33.09
O DVA D 49 8.55 -60.36 -33.49
N DTY D 50 6.66 -60.55 -32.30
CA DTY D 50 6.60 -59.14 -31.90
C DTY D 50 5.72 -58.33 -32.85
O DTY D 50 4.62 -58.74 -33.21
CB DTY D 50 6.10 -59.02 -30.45
CG DTY D 50 7.06 -59.64 -29.45
CD1 DTY D 50 7.20 -61.02 -29.34
CD2 DTY D 50 7.87 -58.83 -28.67
CE1 DTY D 50 8.09 -61.57 -28.43
CE2 DTY D 50 8.77 -59.37 -27.77
CZ DTY D 50 8.87 -60.74 -27.66
OH DTY D 50 9.77 -61.26 -26.76
N DHI D 51 6.23 -57.18 -33.27
CA DHI D 51 5.48 -56.34 -34.20
C DHI D 51 5.07 -55.03 -33.55
O DHI D 51 5.88 -54.39 -32.89
CB DHI D 51 6.32 -56.05 -35.44
CG DHI D 51 6.73 -57.28 -36.19
ND1 DHI D 51 5.86 -58.01 -36.97
CD2 DHI D 51 7.93 -57.90 -36.31
CE1 DHI D 51 6.49 -59.02 -37.52
NE2 DHI D 51 7.76 -58.97 -37.15
N DTY D 52 3.82 -54.64 -33.72
CA DTY D 52 3.33 -53.41 -33.09
C DTY D 52 2.59 -52.51 -34.05
O DTY D 52 1.59 -52.91 -34.63
CB DTY D 52 2.40 -53.71 -31.92
CG DTY D 52 3.05 -54.53 -30.85
CD1 DTY D 52 3.73 -53.91 -29.80
CD2 DTY D 52 3.00 -55.91 -30.88
CE1 DTY D 52 4.34 -54.66 -28.81
CE2 DTY D 52 3.60 -56.66 -29.88
CZ DTY D 52 4.28 -56.03 -28.86
OH DTY D 52 4.87 -56.78 -27.87
N DAR D 53 3.09 -51.28 -34.20
CA DAR D 53 2.37 -50.26 -34.94
CB DAR D 53 3.20 -48.98 -35.02
CG DAR D 53 2.51 -47.82 -35.68
CD DAR D 53 3.42 -46.61 -35.73
NE DAR D 53 3.89 -46.22 -34.41
CZ DAR D 53 4.92 -45.41 -34.20
NH1 DAR D 53 5.24 -45.09 -32.95
NH2 DAR D 53 5.62 -44.90 -35.20
C DAR D 53 1.03 -49.94 -34.29
O DAR D 53 0.97 -49.71 -33.07
N DIL D 54 -0.04 -49.97 -35.07
CA DIL D 54 -1.33 -49.49 -34.59
C DIL D 54 -1.35 -48.01 -34.88
O DIL D 54 -1.41 -47.61 -36.03
CB DIL D 54 -2.51 -50.20 -35.26
CG1 DIL D 54 -2.46 -51.70 -34.99
CG2 DIL D 54 -3.83 -49.61 -34.77
CD1 DIL D 54 -3.57 -52.46 -35.71
N DSG D 55 -1.30 -47.19 -33.83
CA DSG D 55 -1.30 -45.74 -34.02
C DSG D 55 -2.69 -45.16 -34.22
O DSG D 55 -3.61 -45.45 -33.45
CB DSG D 55 -0.62 -45.02 -32.86
CG DSG D 55 0.78 -45.51 -32.61
OD1 DSG D 55 1.66 -45.39 -33.46
ND2 DSG D 55 1.00 -46.09 -31.44
N DTH D 56 -2.84 -44.33 -35.24
CA DTH D 56 -4.06 -43.58 -35.48
CB DTH D 56 -4.52 -43.65 -36.94
CG2 DTH D 56 -5.37 -44.86 -37.18
OG1 DTH D 56 -3.36 -43.69 -37.79
C DTH D 56 -3.87 -42.13 -35.13
O DTH D 56 -2.75 -41.64 -35.02
N DCY D 57 -4.97 -41.43 -34.96
CA DCY D 57 -4.93 -39.99 -34.78
C DCY D 57 -5.81 -39.36 -35.82
O DCY D 57 -6.64 -40.04 -36.43
CB DCY D 57 -5.37 -39.61 -33.37
SG DCY D 57 -4.21 -40.09 -32.05
N DSN D 58 -5.63 -38.07 -36.05
CA DSN D 58 -6.44 -37.37 -37.03
C DSN D 58 -7.95 -37.44 -36.74
O DSN D 58 -8.76 -37.35 -37.66
CB DSN D 58 -5.96 -35.93 -37.17
OG DSN D 58 -4.59 -35.92 -37.47
N DAS D 59 -8.34 -37.60 -35.48
CA DAS D 59 -9.76 -37.64 -35.15
C DAS D 59 -10.31 -39.05 -35.32
O DAS D 59 -11.49 -39.31 -35.07
CB DAS D 59 -10.04 -37.14 -33.71
CG DAS D 59 -9.59 -38.12 -32.64
OD1 DAS D 59 -8.63 -38.89 -32.88
OD2 DAS D 59 -10.20 -38.14 -31.55
N GLY D 60 -9.44 -39.97 -35.74
CA GLY D 60 -9.85 -41.30 -36.12
C GLY D 60 -9.67 -42.41 -35.10
N DLY D 61 -9.16 -42.08 -33.92
CA DLY D 61 -8.97 -43.10 -32.89
C DLY D 61 -7.71 -43.94 -33.12
O DLY D 61 -6.73 -43.46 -33.68
CB DLY D 61 -8.98 -42.47 -31.50
CG DLY D 61 -10.36 -42.41 -30.84
CD DLY D 61 -10.28 -41.93 -29.39
CE DLY D 61 -11.66 -41.90 -28.74
NZ DLY D 61 -11.71 -40.91 -27.64
N DLE D 62 -7.73 -45.21 -32.69
CA DLE D 62 -6.59 -46.10 -32.90
CB DLE D 62 -7.02 -47.33 -33.70
CG DLE D 62 -7.91 -47.19 -34.92
CD1 DLE D 62 -7.17 -47.57 -36.18
CD2 DLE D 62 -9.10 -48.12 -34.72
C DLE D 62 -6.10 -46.60 -31.54
O DLE D 62 -6.90 -46.78 -30.63
N DTY D 63 -4.80 -46.84 -31.44
CA DTY D 63 -4.24 -47.44 -30.22
C DTY D 63 -2.85 -48.03 -30.44
O DTY D 63 -2.20 -47.73 -31.44
CB DTY D 63 -4.18 -46.41 -29.09
CG DTY D 63 -3.32 -45.20 -29.41
CD1 DTY D 63 -1.97 -45.20 -29.14
CD2 DTY D 63 -3.88 -44.06 -29.98
CE1 DTY D 63 -1.18 -44.11 -29.42
CE2 DTY D 63 -3.10 -42.97 -30.28
CZ DTY D 63 -1.75 -43.00 -29.99
OH DTY D 63 -0.95 -41.91 -30.26
N DVA D 64 -2.42 -48.85 -29.49
CA DVA D 64 -1.03 -49.25 -29.39
CB DVA D 64 -0.89 -50.76 -29.23
CG1 DVA D 64 -1.41 -51.46 -30.49
CG2 DVA D 64 0.56 -51.16 -28.94
C DVA D 64 -0.39 -48.51 -28.22
O DVA D 64 0.76 -48.09 -28.28
N DSN D 65 -1.17 -48.34 -27.16
CA DSN D 65 -0.79 -47.51 -26.02
C DSN D 65 -1.89 -46.49 -25.82
O DSN D 65 -3.06 -46.84 -25.63
CB DSN D 65 -0.62 -48.35 -24.77
OG DSN D 65 -1.83 -49.01 -24.47
N DSN D 66 -1.53 -45.20 -25.87
CA DSN D 66 -2.50 -44.11 -25.79
C DSN D 66 -3.30 -44.11 -24.50
O DSN D 66 -4.28 -43.38 -24.35
CB DSN D 66 -1.82 -42.76 -26.01
OG DSN D 66 -0.67 -42.63 -25.19
N DGL D 67 -2.83 -44.93 -23.56
CA DGL D 67 -3.48 -45.14 -22.28
C DGL D 67 -4.93 -45.56 -22.57
O DGL D 67 -5.86 -45.15 -21.86
CB DGL D 67 -2.73 -46.25 -21.57
CG DGL D 67 -1.45 -45.77 -20.90
CD DGL D 67 -0.53 -46.91 -20.49
OE1 DGL D 67 0.63 -46.92 -20.99
OE2 DGL D 67 -0.93 -47.77 -19.70
N DSN D 68 -5.11 -46.35 -23.62
CA DSN D 68 -6.43 -46.78 -24.03
C DSN D 68 -6.58 -46.72 -25.55
O DSN D 68 -5.93 -47.47 -26.27
CB DSN D 68 -6.71 -48.19 -23.53
OG DSN D 68 -6.10 -48.39 -22.26
N DAR D 69 -7.43 -45.81 -26.01
CA DAR D 69 -7.68 -45.60 -27.43
CB DAR D 69 -7.53 -44.12 -27.77
CG DAR D 69 -6.21 -43.53 -27.32
CD DAR D 69 -6.18 -42.01 -27.33
NE DAR D 69 -4.80 -41.54 -27.43
CZ DAR D 69 -4.42 -40.31 -27.14
NH1 DAR D 69 -5.28 -39.37 -26.82
NH2 DAR D 69 -3.12 -40.01 -27.17
C DAR D 69 -9.09 -46.08 -27.80
O DAR D 69 -10.00 -46.09 -26.97
N DPN D 70 -9.29 -46.48 -29.06
CA DPN D 70 -10.54 -47.09 -29.47
C DPN D 70 -11.06 -46.55 -30.81
O DPN D 70 -10.29 -45.97 -31.59
CB DPN D 70 -10.41 -48.62 -29.49
CG DPN D 70 -9.89 -49.19 -28.20
CD1 DPN D 70 -10.78 -49.56 -27.20
CD2 DPN D 70 -8.53 -49.30 -27.97
CE1 DPN D 70 -10.30 -50.05 -26.00
CE2 DPN D 70 -8.06 -49.80 -26.78
CZ DPN D 70 -8.95 -50.17 -25.79
N DSG D 71 -12.34 -46.74 -31.06
CA DSG D 71 -12.95 -46.17 -32.27
C DSG D 71 -12.97 -47.13 -33.48
O DSG D 71 -13.04 -46.66 -34.61
CB DSG D 71 -14.34 -45.59 -31.96
CG DSG D 71 -14.26 -44.29 -31.17
OD1 DSG D 71 -14.31 -44.27 -29.94
ND2 DSG D 71 -14.19 -43.17 -31.89
N DTH D 72 -12.89 -48.43 -33.25
CA DTH D 72 -12.77 -49.40 -34.35
CB DTH D 72 -14.09 -50.18 -34.64
CG2 DTH D 72 -15.24 -49.22 -34.91
OG1 DTH D 72 -14.41 -51.04 -33.55
C DTH D 72 -11.64 -50.40 -34.13
O DTH D 72 -11.27 -50.72 -32.99
N DLE D 73 -11.08 -50.91 -35.23
CA DLE D 73 -9.98 -51.86 -35.16
CB DLE D 73 -9.53 -52.23 -36.58
CG DLE D 73 -8.18 -52.94 -36.70
CD1 DLE D 73 -7.99 -53.53 -38.08
CD2 DLE D 73 -7.07 -51.96 -36.38
C DLE D 73 -10.36 -53.12 -34.36
O DLE D 73 -9.54 -53.67 -33.62
N DAL D 74 -11.61 -53.56 -34.49
CA DAL D 74 -12.06 -54.73 -33.74
CB DAL D 74 -13.48 -55.11 -34.16
C DAL D 74 -12.01 -54.46 -32.24
O DAL D 74 -11.57 -55.30 -31.45
N DGL D 75 -12.47 -53.26 -31.84
CA DGL D 75 -12.44 -52.84 -30.45
C DGL D 75 -11.06 -52.97 -29.87
O DGL D 75 -10.89 -53.49 -28.77
CB DGL D 75 -12.86 -51.38 -30.32
CG DGL D 75 -14.35 -51.16 -30.09
CD DGL D 75 -14.77 -49.73 -30.39
OE1 DGL D 75 -15.86 -49.55 -30.97
OE2 DGL D 75 -14.02 -48.79 -30.04
N DLE D 76 -10.06 -52.48 -30.61
CA DLE D 76 -8.67 -52.59 -30.19
CB DLE D 76 -7.74 -51.91 -31.18
CG DLE D 76 -6.30 -51.87 -30.69
CD1 DLE D 76 -5.33 -52.02 -31.83
CD2 DLE D 76 -6.03 -50.60 -29.93
C DLE D 76 -8.26 -54.05 -30.02
O DLE D 76 -7.69 -54.42 -29.01
N DVA D 77 -8.58 -54.86 -31.03
CA DVA D 77 -8.17 -56.26 -31.02
CB DVA D 77 -8.59 -57.00 -32.29
CG1 DVA D 77 -7.73 -56.58 -33.46
CG2 DVA D 77 -8.47 -58.50 -32.08
C DVA D 77 -8.74 -56.94 -29.81
O DVA D 77 -8.01 -57.54 -29.00
N DHI D 78 -10.05 -56.81 -29.66
CA DHI D 78 -10.75 -57.46 -28.56
C DHI D 78 -10.24 -56.99 -27.21
O DHI D 78 -10.05 -57.80 -26.31
CB DHI D 78 -12.26 -57.23 -28.68
CG DHI D 78 -13.03 -57.83 -27.55
ND1 DHI D 78 -12.85 -59.14 -27.14
CD2 DHI D 78 -14.01 -57.32 -26.75
CE1 DHI D 78 -13.66 -59.40 -26.13
NE2 DHI D 78 -14.38 -58.32 -25.87
N DHI D 79 -9.99 -55.70 -27.07
CA DHI D 79 -9.44 -55.17 -25.81
C DHI D 79 -8.11 -55.83 -25.49
O DHI D 79 -7.89 -56.26 -24.36
CB DHI D 79 -9.21 -53.67 -25.91
CG DHI D 79 -8.50 -53.09 -24.72
ND1 DHI D 79 -9.14 -52.77 -23.55
CD2 DHI D 79 -7.20 -52.76 -24.55
CE1 DHI D 79 -8.25 -52.28 -22.69
NE2 DHI D 79 -7.07 -52.26 -23.28
N DHI D 80 -7.23 -55.88 -26.47
CA DHI D 80 -5.90 -56.44 -26.28
C DHI D 80 -5.93 -57.96 -26.23
O DHI D 80 -4.97 -58.61 -25.80
CB DHI D 80 -4.96 -55.95 -27.37
CG DHI D 80 -4.45 -54.56 -27.13
ND1 DHI D 80 -3.52 -54.28 -26.16
CD2 DHI D 80 -4.80 -53.37 -27.68
CE1 DHI D 80 -3.28 -52.98 -26.15
NE2 DHI D 80 -4.05 -52.40 -27.07
N DSN D 81 -7.06 -58.52 -26.65
CA DSN D 81 -7.30 -59.93 -26.49
C DSN D 81 -7.64 -60.23 -25.00
O DSN D 81 -7.92 -61.37 -24.63
CB DSN D 81 -8.40 -60.37 -27.46
OG DSN D 81 -8.65 -61.77 -27.34
N DTH D 82 -7.59 -59.21 -24.16
CA DTH D 82 -7.98 -59.31 -22.76
CB DTH D 82 -9.23 -58.45 -22.47
CG2 DTH D 82 -9.37 -58.16 -20.98
OG1 DTH D 82 -10.40 -59.14 -22.94
C DTH D 82 -6.87 -58.89 -21.79
O DTH D 82 -6.65 -59.54 -20.77
N DVA D 83 -6.18 -57.80 -22.10
CA DVA D 83 -5.05 -57.37 -21.29
CB DVA D 83 -5.47 -56.27 -20.29
CG1 DVA D 83 -4.43 -56.11 -19.18
CG2 DVA D 83 -5.67 -54.95 -21.01
C DVA D 83 -3.94 -56.90 -22.23
O DVA D 83 -4.21 -56.39 -23.31
N DAL D 84 -2.69 -57.10 -21.81
CA DAL D 84 -1.54 -56.78 -22.68
CB DAL D 84 -0.26 -57.18 -22.01
C DAL D 84 -1.53 -55.30 -23.03
O DAL D 84 -1.62 -54.94 -24.21
N DAS D 85 -1.38 -54.45 -22.00
CA DAS D 85 -1.49 -53.01 -22.15
C DAS D 85 -0.52 -52.48 -23.22
O DAS D 85 -0.90 -51.70 -24.10
CB DAS D 85 -2.94 -52.60 -22.46
CG DAS D 85 -3.23 -51.15 -22.13
OD1 DAS D 85 -2.38 -50.51 -21.46
OD2 DAS D 85 -4.31 -50.66 -22.52
N GLY D 86 0.72 -52.95 -23.13
CA GLY D 86 1.76 -52.58 -24.08
C GLY D 86 2.29 -53.76 -24.87
N DLE D 87 1.39 -54.67 -25.27
CA DLE D 87 1.80 -55.92 -25.89
CB DLE D 87 0.59 -56.65 -26.50
CG DLE D 87 -0.05 -56.19 -27.82
CD1 DLE D 87 -1.45 -56.74 -27.92
CD2 DLE D 87 -0.04 -54.68 -28.02
C DLE D 87 2.51 -56.84 -24.88
O DLE D 87 2.31 -56.70 -23.68
N DIL D 88 3.33 -57.75 -25.39
CA DIL D 88 4.08 -58.68 -24.54
C DIL D 88 3.19 -59.85 -24.09
O DIL D 88 3.49 -60.51 -23.12
CB DIL D 88 5.34 -59.19 -25.24
CG1 DIL D 88 6.33 -59.77 -24.23
CG2 DIL D 88 4.99 -60.22 -26.30
CD1 DIL D 88 7.27 -58.74 -23.64
N DTH D 89 2.10 -60.06 -24.81
CA DTH D 89 1.12 -61.11 -24.50
CB DTH D 89 1.56 -62.43 -25.18
CG2 DTH D 89 0.50 -63.54 -25.07
OG1 DTH D 89 2.79 -62.87 -24.58
C DTH D 89 -0.22 -60.68 -25.05
O DTH D 89 -0.30 -59.81 -25.92
N DTH D 90 -1.29 -61.28 -24.53
CA DTH D 90 -2.63 -61.05 -25.05
CB DTH D 90 -3.68 -61.68 -24.12
CG2 DTH D 90 -3.67 -60.97 -22.78
OG1 DTH D 90 -3.37 -63.07 -23.93
C DTH D 90 -2.78 -61.65 -26.46
O DTH D 90 -2.29 -62.75 -26.73
N DLE D 91 -3.44 -60.92 -27.34
CA DLE D 91 -3.89 -61.50 -28.60
CB DLE D 91 -4.58 -60.44 -29.46
CG DLE D 91 -3.90 -59.07 -29.58
CD1 DLE D 91 -2.57 -59.22 -30.27
CD2 DLE D 91 -4.79 -58.10 -30.34
C DLE D 91 -4.86 -62.59 -28.27
O DLE D 91 -5.70 -62.45 -27.39
N DHI D 92 -4.76 -63.72 -28.97
CA DHI D 92 -5.51 -64.89 -28.57
C DHI D 92 -5.88 -65.75 -29.76
O DHI D 92 -7.04 -66.12 -29.93
CB DHI D 92 -4.70 -65.69 -27.54
CG DHI D 92 -5.54 -66.58 -26.66
ND1 DHI D 92 -4.99 -67.47 -25.77
CD2 DHI D 92 -6.88 -66.71 -26.54
CE1 DHI D 92 -5.96 -68.11 -25.15
NE2 DHI D 92 -7.12 -67.67 -25.60
N DTY D 93 -4.90 -66.04 -30.61
CA DTY D 93 -5.11 -67.03 -31.64
C DTY D 93 -4.87 -66.42 -33.02
O DTY D 93 -3.72 -66.22 -33.41
CB DTY D 93 -4.15 -68.20 -31.44
CG DTY D 93 -4.20 -68.78 -30.05
CD1 DTY D 93 -5.36 -69.33 -29.53
CD2 DTY D 93 -3.05 -68.82 -29.27
CE1 DTY D 93 -5.40 -69.86 -28.26
CE2 DTY D 93 -3.07 -69.37 -27.99
CZ DTY D 93 -4.25 -69.88 -27.49
OH DTY D 93 -4.25 -70.41 -26.22
N DPR D 94 -5.95 -66.11 -33.74
CA DPR D 94 -5.79 -65.57 -35.11
CB DPR D 94 -7.24 -65.39 -35.59
CG DPR D 94 -8.07 -65.37 -34.35
CD DPR D 94 -7.37 -66.23 -33.36
C DPR D 94 -5.06 -66.55 -36.00
O DPR D 94 -5.40 -67.73 -36.01
N DAL D 95 -4.05 -66.08 -36.72
CA DAL D 95 -3.29 -66.95 -37.61
CB DAL D 95 -2.06 -66.22 -38.11
C DAL D 95 -4.17 -67.36 -38.77
O DAL D 95 -4.99 -66.56 -39.24
N DPR D 96 -4.06 -68.61 -39.21
CA DPR D 96 -4.70 -69.03 -40.46
CB DPR D 96 -4.17 -70.45 -40.66
CG DPR D 96 -3.87 -70.93 -39.28
CD DPR D 96 -3.37 -69.72 -38.53
C DPR D 96 -4.23 -68.14 -41.60
O DPR D 96 -3.08 -67.70 -41.57
N DLY D 97 -5.09 -67.85 -42.57
CA DLY D 97 -4.80 -66.78 -43.51
C DLY D 97 -3.87 -67.16 -44.67
O DLY D 97 -2.96 -66.40 -45.03
CB DLY D 97 -6.09 -66.10 -43.98
CG DLY D 97 -6.72 -65.26 -42.88
CD DLY D 97 -7.53 -64.09 -43.41
CE DLY D 97 -8.68 -63.81 -42.46
NZ DLY D 97 -9.43 -62.57 -42.78
N DAR D 98 -4.06 -68.35 -45.25
CA DAR D 98 -3.13 -68.85 -46.27
CB DAR D 98 -3.89 -69.23 -47.55
CG DAR D 98 -4.35 -68.04 -48.39
CD DAR D 98 -5.85 -67.80 -48.25
NE DAR D 98 -6.29 -66.63 -49.00
CZ DAR D 98 -6.56 -65.45 -48.44
NH1 DAR D 98 -7.01 -64.46 -49.22
NH2 DAR D 98 -6.38 -65.23 -47.16
C DAR D 98 -2.30 -70.04 -45.77
O DAR D 98 -1.89 -70.89 -46.56
N DSG D 99 -2.04 -70.08 -44.46
CA DSG D 99 -1.40 -71.24 -43.80
C DSG D 99 -1.90 -72.61 -44.30
O DSG D 99 -3.07 -72.78 -44.66
CB DSG D 99 0.13 -71.18 -43.85
CG DSG D 99 0.75 -70.56 -42.60
OD1 DSG D 99 0.13 -69.71 -41.93
ND2 DSG D 99 1.96 -71.00 -42.25
N SER E 6 -12.97 29.01 43.91
CA SER E 6 -12.62 28.16 42.78
C SER E 6 -13.00 28.82 41.44
N SER E 7 -12.35 29.94 41.13
CA SER E 7 -12.61 30.67 39.90
C SER E 7 -11.39 31.50 39.55
N VAL E 8 -11.36 31.98 38.31
CA VAL E 8 -10.32 32.89 37.83
C VAL E 8 -10.99 34.00 37.02
N PRO E 9 -10.89 35.28 37.42
CA PRO E 9 -10.14 35.81 38.56
C PRO E 9 -10.73 35.30 39.85
N THR E 10 -9.98 35.43 40.93
CA THR E 10 -10.33 34.81 42.20
C THR E 10 -10.96 35.79 43.16
N LYS E 11 -10.82 37.07 42.89
CA LYS E 11 -11.31 38.13 43.74
C LYS E 11 -11.93 39.22 42.85
N LEU E 12 -12.90 39.97 43.38
CA LEU E 12 -13.55 41.00 42.57
C LEU E 12 -14.23 42.03 43.48
N GLU E 13 -14.05 43.31 43.15
CA GLU E 13 -14.49 44.39 44.01
C GLU E 13 -14.86 45.59 43.15
N VAL E 14 -15.88 46.31 43.61
CA VAL E 14 -16.23 47.61 43.05
C VAL E 14 -15.41 48.65 43.79
N VAL E 15 -14.56 49.38 43.07
CA VAL E 15 -13.69 50.35 43.71
C VAL E 15 -14.37 51.71 43.81
N ALA E 16 -14.99 52.15 42.73
CA ALA E 16 -15.71 53.41 42.67
C ALA E 16 -16.97 53.22 41.84
N ALA E 17 -17.95 54.09 42.06
CA ALA E 17 -19.24 53.96 41.39
C ALA E 17 -19.83 55.34 41.16
N THR E 18 -20.43 55.52 39.97
CA THR E 18 -21.26 56.67 39.66
C THR E 18 -22.66 56.14 39.41
N PRO E 19 -23.68 56.98 39.22
CA PRO E 19 -25.02 56.43 38.92
C PRO E 19 -25.09 55.60 37.64
N THR E 20 -24.20 55.81 36.68
CA THR E 20 -24.29 55.09 35.41
C THR E 20 -23.05 54.29 35.06
N SER E 21 -21.98 54.36 35.84
CA SER E 21 -20.76 53.63 35.55
C SER E 21 -20.22 52.97 36.81
N LEU E 22 -19.34 51.99 36.59
CA LEU E 22 -18.73 51.23 37.67
C LEU E 22 -17.26 50.97 37.35
N LEU E 23 -16.41 51.08 38.37
CA LEU E 23 -15.01 50.68 38.26
C LEU E 23 -14.79 49.44 39.11
N ILE E 24 -14.42 48.34 38.46
CA ILE E 24 -14.21 47.07 39.13
C ILE E 24 -12.74 46.69 39.01
N SER E 25 -12.19 46.09 40.06
CA SER E 25 -10.84 45.59 40.04
C SER E 25 -10.84 44.13 40.47
N TRP E 26 -9.76 43.42 40.11
CA TRP E 26 -9.59 42.04 40.55
C TRP E 26 -8.09 41.75 40.64
N ASP E 27 -7.75 40.68 41.39
CA ASP E 27 -6.37 40.22 41.47
C ASP E 27 -6.04 39.32 40.29
N ALA E 28 -5.05 39.75 39.50
CA ALA E 28 -4.59 38.96 38.37
C ALA E 28 -4.01 37.64 38.85
N PRO E 29 -4.08 36.59 38.04
CA PRO E 29 -3.58 35.28 38.47
C PRO E 29 -2.08 35.16 38.30
N ALA E 30 -1.52 34.14 38.95
CA ALA E 30 -0.11 33.83 38.75
C ALA E 30 0.13 33.25 37.35
N VAL E 31 -0.87 32.63 36.76
CA VAL E 31 -0.74 32.12 35.41
C VAL E 31 -1.18 33.20 34.44
N THR E 32 -0.82 33.02 33.17
CA THR E 32 -1.09 34.00 32.12
C THR E 32 -2.52 33.87 31.63
N VAL E 33 -3.30 34.94 31.78
CA VAL E 33 -4.61 35.01 31.15
C VAL E 33 -4.42 35.52 29.73
N ASP E 34 -5.03 34.82 28.77
CA ASP E 34 -4.97 35.29 27.39
C ASP E 34 -5.68 36.63 27.23
N HIS E 35 -6.92 36.70 27.68
CA HIS E 35 -7.65 37.96 27.73
C HIS E 35 -8.87 37.75 28.60
N TYR E 36 -9.43 38.86 29.08
CA TYR E 36 -10.63 38.82 29.91
C TYR E 36 -11.87 39.15 29.11
N VAL E 37 -13.01 38.66 29.60
CA VAL E 37 -14.32 39.11 29.11
C VAL E 37 -15.11 39.58 30.31
N ILE E 38 -15.53 40.84 30.28
CA ILE E 38 -16.40 41.42 31.30
C ILE E 38 -17.83 41.44 30.76
N THR E 39 -18.74 40.82 31.49
CA THR E 39 -20.14 40.77 31.11
C THR E 39 -20.98 41.39 32.20
N TYR E 40 -22.15 41.89 31.82
CA TYR E 40 -23.02 42.53 32.78
C TYR E 40 -24.42 42.66 32.20
N GLY E 41 -25.42 42.55 33.07
CA GLY E 41 -26.79 42.68 32.66
C GLY E 41 -27.68 42.81 33.88
N GLU E 42 -28.91 43.24 33.63
CA GLU E 42 -29.87 43.43 34.70
C GLU E 42 -30.21 42.08 35.35
N THR E 43 -30.14 42.04 36.68
CA THR E 43 -30.43 40.82 37.44
C THR E 43 -31.87 40.34 37.21
N GLY E 44 -32.75 41.17 36.64
CA GLY E 44 -34.09 40.73 36.28
C GLY E 44 -34.11 39.37 35.59
N GLY E 45 -33.18 39.15 34.66
CA GLY E 45 -32.95 37.80 34.18
C GLY E 45 -32.93 37.57 32.68
N ASN E 46 -33.82 38.23 31.93
CA ASN E 46 -33.88 38.08 30.48
C ASN E 46 -33.47 39.32 29.70
N SER E 47 -32.93 40.33 30.35
CA SER E 47 -32.62 41.60 29.67
C SER E 47 -31.22 41.52 29.06
N PRO E 48 -31.07 41.90 27.76
CA PRO E 48 -29.87 41.52 26.98
C PRO E 48 -28.54 41.73 27.70
N VAL E 49 -27.73 40.67 27.80
CA VAL E 49 -26.47 40.76 28.52
C VAL E 49 -25.48 41.50 27.63
N GLN E 50 -24.90 42.58 28.16
CA GLN E 50 -23.87 43.34 27.46
C GLN E 50 -22.51 42.74 27.77
N GLU E 51 -21.53 42.93 26.87
CA GLU E 51 -20.19 42.46 27.18
C GLU E 51 -19.13 43.17 26.35
N PHE E 52 -17.90 43.18 26.89
CA PHE E 52 -16.72 43.66 26.17
C PHE E 52 -15.49 42.91 26.70
N THR E 53 -14.37 43.05 25.99
CA THR E 53 -13.13 42.35 26.35
C THR E 53 -12.11 43.33 26.93
N VAL E 54 -11.15 42.75 27.67
CA VAL E 54 -10.08 43.49 28.35
C VAL E 54 -8.81 42.66 28.27
N PRO E 55 -7.66 43.28 27.97
CA PRO E 55 -6.42 42.49 27.79
C PRO E 55 -6.04 41.68 29.03
N GLY E 56 -5.45 40.51 28.78
CA GLY E 56 -5.00 39.63 29.85
C GLY E 56 -3.98 40.25 30.77
N SER E 57 -3.50 41.45 30.46
CA SER E 57 -2.53 42.15 31.30
C SER E 57 -3.16 43.13 32.29
N LYS E 58 -4.46 43.44 32.15
CA LYS E 58 -5.16 44.33 33.05
C LYS E 58 -5.81 43.58 34.19
N SER E 59 -6.13 44.32 35.25
CA SER E 59 -6.89 43.79 36.38
C SER E 59 -8.03 44.72 36.76
N THR E 60 -8.46 45.57 35.82
CA THR E 60 -9.53 46.53 36.03
C THR E 60 -10.29 46.73 34.73
N ALA E 61 -11.47 47.31 34.86
CA ALA E 61 -12.30 47.65 33.71
C ALA E 61 -13.36 48.65 34.17
N THR E 62 -13.79 49.51 33.26
CA THR E 62 -14.86 50.45 33.51
C THR E 62 -16.10 50.05 32.71
N ILE E 63 -17.23 49.91 33.40
CA ILE E 63 -18.52 49.61 32.79
C ILE E 63 -19.37 50.87 32.83
N SER E 64 -19.87 51.28 31.67
CA SER E 64 -20.59 52.55 31.53
C SER E 64 -21.99 52.33 30.96
N GLY E 65 -22.73 53.42 30.85
CA GLY E 65 -24.06 53.41 30.26
C GLY E 65 -25.06 52.55 31.00
N LEU E 66 -24.99 52.55 32.33
CA LEU E 66 -25.88 51.76 33.16
C LEU E 66 -27.09 52.59 33.57
N LYS E 67 -28.20 51.89 33.78
CA LYS E 67 -29.39 52.55 34.31
C LYS E 67 -29.17 52.87 35.78
N PRO E 68 -29.27 54.13 36.19
CA PRO E 68 -29.05 54.47 37.60
C PRO E 68 -30.15 53.90 38.49
N GLY E 69 -29.73 53.21 39.56
CA GLY E 69 -30.65 52.59 40.50
C GLY E 69 -30.99 51.15 40.24
N VAL E 70 -30.56 50.59 39.11
CA VAL E 70 -30.92 49.24 38.70
C VAL E 70 -29.84 48.27 39.13
N ASP E 71 -30.25 47.06 39.53
CA ASP E 71 -29.36 46.04 40.07
C ASP E 71 -28.75 45.25 38.92
N TYR E 72 -27.44 45.37 38.75
CA TYR E 72 -26.74 44.62 37.71
C TYR E 72 -25.89 43.52 38.35
N THR E 73 -25.68 42.45 37.59
CA THR E 73 -24.80 41.36 37.94
C THR E 73 -23.59 41.39 37.00
N ILE E 74 -22.40 41.50 37.58
CA ILE E 74 -21.17 41.71 36.83
C ILE E 74 -20.33 40.44 36.90
N THR E 75 -19.93 39.93 35.74
CA THR E 75 -19.13 38.72 35.63
C THR E 75 -17.86 39.00 34.83
N VAL E 76 -16.75 38.44 35.30
CA VAL E 76 -15.45 38.57 34.65
C VAL E 76 -14.99 37.16 34.29
N TYR E 77 -14.70 36.93 33.01
CA TYR E 77 -14.10 35.66 32.62
C TYR E 77 -12.63 35.82 32.30
N ALA E 78 -11.88 34.73 32.45
CA ALA E 78 -10.47 34.66 32.10
C ALA E 78 -10.21 33.48 31.17
N SER E 79 -9.48 33.73 30.08
CA SER E 79 -9.20 32.71 29.08
C SER E 79 -7.77 32.22 29.20
N ASP E 80 -7.60 30.93 28.99
CA ASP E 80 -6.30 30.26 28.89
C ASP E 80 -6.08 29.85 27.44
N TYR E 81 -4.92 30.19 26.89
CA TYR E 81 -4.59 29.82 25.53
C TYR E 81 -3.30 29.02 25.53
N TYR E 82 -3.36 27.80 24.96
CA TYR E 82 -2.28 26.83 25.10
C TYR E 82 -2.51 25.72 24.09
N ASP E 83 -1.47 25.34 23.33
CA ASP E 83 -1.60 24.31 22.30
C ASP E 83 -2.68 24.65 21.29
N GLY E 84 -2.75 25.91 20.88
CA GLY E 84 -3.72 26.33 19.89
C GLY E 84 -5.17 26.24 20.32
N GLU E 85 -5.44 26.08 21.61
CA GLU E 85 -6.81 26.00 22.10
C GLU E 85 -7.04 27.08 23.15
N ILE E 86 -8.18 27.76 23.03
CA ILE E 86 -8.63 28.77 23.99
C ILE E 86 -9.67 28.15 24.88
N SER E 87 -9.58 28.43 26.18
CA SER E 87 -10.52 27.84 27.12
C SER E 87 -10.75 28.80 28.27
N TRP E 88 -11.87 28.63 28.96
CA TRP E 88 -12.34 29.60 29.94
C TRP E 88 -12.34 28.98 31.33
N TYR E 89 -11.66 29.65 32.27
CA TYR E 89 -11.73 29.30 33.67
C TYR E 89 -13.16 29.50 34.19
N SER E 90 -13.44 28.94 35.34
CA SER E 90 -14.71 29.26 35.98
C SER E 90 -14.73 30.75 36.31
N PRO E 91 -15.78 31.46 35.97
CA PRO E 91 -15.79 32.91 36.18
C PRO E 91 -16.12 33.28 37.62
N ILE E 92 -16.02 34.57 37.89
CA ILE E 92 -16.39 35.15 39.19
C ILE E 92 -17.42 36.24 38.92
N SER E 93 -18.37 36.37 39.84
CA SER E 93 -19.49 37.29 39.63
C SER E 93 -19.88 37.98 40.93
N ILE E 94 -20.39 39.20 40.80
CA ILE E 94 -20.92 39.95 41.93
C ILE E 94 -22.20 40.64 41.47
N ASN E 95 -23.01 41.05 42.44
CA ASN E 95 -24.22 41.81 42.21
C ASN E 95 -24.04 43.22 42.74
N TYR E 96 -24.45 44.21 41.95
CA TYR E 96 -24.37 45.60 42.37
C TYR E 96 -25.59 46.35 41.88
N ARG E 97 -26.10 47.23 42.75
CA ARG E 97 -27.25 48.07 42.44
C ARG E 97 -26.77 49.53 42.49
N THR E 98 -26.92 50.22 41.37
CA THR E 98 -26.47 51.61 41.26
C THR E 98 -27.39 52.59 41.99
N SER F 6 12.86 -10.36 -10.77
CA SER F 6 12.70 -9.46 -9.62
C SER F 6 12.81 -8.00 -10.07
N SER F 7 11.83 -7.56 -10.86
CA SER F 7 11.80 -6.20 -11.37
C SER F 7 10.35 -5.82 -11.65
N VAL F 8 10.15 -4.51 -11.88
CA VAL F 8 8.84 -3.97 -12.21
C VAL F 8 8.98 -3.02 -13.40
N PRO F 9 8.33 -3.28 -14.54
CA PRO F 9 7.40 -4.38 -14.83
C PRO F 9 8.09 -5.74 -14.80
N THR F 10 7.33 -6.83 -14.84
CA THR F 10 7.89 -8.15 -14.65
C THR F 10 8.11 -8.88 -15.97
N LYS F 11 7.51 -8.39 -17.04
CA LYS F 11 7.60 -9.03 -18.34
C LYS F 11 7.76 -7.93 -19.40
N LEU F 12 8.43 -8.24 -20.51
CA LEU F 12 8.62 -7.23 -21.54
C LEU F 12 9.00 -7.87 -22.86
N GLU F 13 8.38 -7.43 -23.94
CA GLU F 13 8.61 -8.06 -25.23
C GLU F 13 8.27 -7.08 -26.35
N VAL F 14 8.90 -7.34 -27.49
CA VAL F 14 8.53 -6.69 -28.75
C VAL F 14 7.34 -7.44 -29.32
N VAL F 15 6.23 -6.74 -29.51
CA VAL F 15 5.02 -7.33 -30.06
C VAL F 15 4.98 -7.22 -31.59
N ALA F 16 5.36 -6.05 -32.11
CA ALA F 16 5.44 -5.84 -33.54
C ALA F 16 6.70 -5.05 -33.83
N ALA F 17 7.22 -5.20 -35.05
CA ALA F 17 8.49 -4.59 -35.40
C ALA F 17 8.50 -4.25 -36.88
N THR F 18 9.04 -3.08 -37.20
CA THR F 18 9.41 -2.72 -38.56
C THR F 18 10.92 -2.53 -38.51
N PRO F 19 11.60 -2.32 -39.64
CA PRO F 19 13.03 -2.05 -39.56
C PRO F 19 13.39 -0.80 -38.76
N THR F 20 12.48 0.15 -38.57
CA THR F 20 12.81 1.40 -37.89
C THR F 20 11.99 1.66 -36.64
N SER F 21 10.98 0.86 -36.33
CA SER F 21 10.13 1.10 -35.18
C SER F 21 9.89 -0.22 -34.45
N LEU F 22 9.46 -0.09 -33.19
CA LEU F 22 9.18 -1.25 -32.35
C LEU F 22 7.93 -1.00 -31.51
N LEU F 23 7.13 -2.04 -31.35
CA LEU F 23 5.99 -2.04 -30.44
C LEU F 23 6.33 -2.93 -29.24
N ILE F 24 6.35 -2.35 -28.07
CA ILE F 24 6.70 -3.08 -26.86
C ILE F 24 5.49 -3.13 -25.96
N SER F 25 5.33 -4.24 -25.27
CA SER F 25 4.32 -4.40 -24.25
C SER F 25 5.00 -4.91 -22.98
N TRP F 26 4.30 -4.74 -21.86
CA TRP F 26 4.75 -5.29 -20.60
C TRP F 26 3.52 -5.58 -19.77
N ASP F 27 3.69 -6.45 -18.77
CA ASP F 27 2.62 -6.75 -17.82
C ASP F 27 2.61 -5.69 -16.73
N ALA F 28 1.51 -4.95 -16.66
CA ALA F 28 1.33 -3.98 -15.61
C ALA F 28 1.24 -4.69 -14.26
N PRO F 29 1.72 -4.05 -13.20
CA PRO F 29 1.68 -4.67 -11.89
C PRO F 29 0.29 -4.55 -11.29
N ALA F 30 0.07 -5.30 -10.21
CA ALA F 30 -1.14 -5.14 -9.43
C ALA F 30 -1.15 -3.83 -8.64
N VAL F 31 0.01 -3.26 -8.35
CA VAL F 31 0.10 -1.99 -7.62
C VAL F 31 0.05 -0.80 -8.58
N THR F 32 -0.15 0.40 -8.04
CA THR F 32 -0.27 1.59 -8.88
C THR F 32 1.12 2.07 -9.30
N VAL F 33 1.38 2.06 -10.61
CA VAL F 33 2.57 2.71 -11.15
C VAL F 33 2.29 4.19 -11.33
N ASP F 34 3.17 5.03 -10.81
CA ASP F 34 3.01 6.47 -10.98
C ASP F 34 3.15 6.85 -12.45
N HIS F 35 4.26 6.46 -13.07
CA HIS F 35 4.46 6.62 -14.51
C HIS F 35 5.67 5.77 -14.90
N TYR F 36 5.72 5.40 -16.17
CA TYR F 36 6.84 4.61 -16.65
C TYR F 36 7.84 5.54 -17.35
N VAL F 37 9.10 5.14 -17.36
CA VAL F 37 10.13 5.76 -18.19
C VAL F 37 10.72 4.67 -19.04
N ILE F 38 10.64 4.84 -20.36
CA ILE F 38 11.21 3.92 -21.32
C ILE F 38 12.47 4.55 -21.87
N THR F 39 13.58 3.83 -21.73
CA THR F 39 14.86 4.29 -22.24
C THR F 39 15.34 3.28 -23.28
N TYR F 40 16.16 3.76 -24.21
CA TYR F 40 16.61 2.88 -25.27
C TYR F 40 17.82 3.50 -25.92
N GLY F 41 18.73 2.64 -26.36
CA GLY F 41 19.93 3.09 -27.02
C GLY F 41 20.64 1.91 -27.63
N GLU F 42 21.57 2.23 -28.52
CA GLU F 42 22.34 1.17 -29.17
C GLU F 42 23.17 0.43 -28.14
N THR F 43 23.13 -0.90 -28.19
CA THR F 43 23.86 -1.73 -27.24
C THR F 43 25.36 -1.48 -27.29
N GLY F 44 25.89 -1.11 -28.46
CA GLY F 44 27.29 -0.72 -28.55
C GLY F 44 27.65 0.36 -27.55
N GLY F 45 26.81 1.38 -27.46
CA GLY F 45 26.86 2.38 -26.42
C GLY F 45 26.93 3.74 -27.02
N ASN F 46 27.41 4.69 -26.21
CA ASN F 46 27.60 6.07 -26.63
C ASN F 46 26.33 6.75 -27.12
N SER F 47 25.78 6.34 -28.29
CA SER F 47 24.66 7.07 -28.91
C SER F 47 23.70 7.54 -27.84
N PRO F 48 23.45 8.86 -27.73
CA PRO F 48 22.80 9.41 -26.53
C PRO F 48 21.56 8.60 -26.22
N VAL F 49 21.48 8.03 -25.02
CA VAL F 49 20.36 7.16 -24.73
C VAL F 49 19.12 8.04 -24.62
N GLN F 50 18.14 7.76 -25.48
CA GLN F 50 16.93 8.54 -25.42
C GLN F 50 15.97 7.92 -24.43
N GLU F 51 15.01 8.73 -23.97
CA GLU F 51 14.00 8.23 -23.06
C GLU F 51 12.74 9.06 -23.19
N PHE F 52 11.63 8.44 -22.83
CA PHE F 52 10.36 9.15 -22.74
C PHE F 52 9.53 8.48 -21.66
N THR F 53 8.47 9.17 -21.25
CA THR F 53 7.61 8.69 -20.18
C THR F 53 6.28 8.23 -20.77
N VAL F 54 5.59 7.39 -20.01
CA VAL F 54 4.34 6.78 -20.43
C VAL F 54 3.47 6.71 -19.18
N PRO F 55 2.17 7.00 -19.27
CA PRO F 55 1.33 6.98 -18.07
C PRO F 55 1.31 5.61 -17.42
N GLY F 56 1.20 5.61 -16.08
CA GLY F 56 1.14 4.38 -15.30
C GLY F 56 -0.06 3.51 -15.64
N SER F 57 -0.98 4.00 -16.46
CA SER F 57 -2.15 3.25 -16.87
C SER F 57 -1.94 2.49 -18.17
N LYS F 58 -0.84 2.73 -18.87
CA LYS F 58 -0.53 2.02 -20.10
C LYS F 58 0.37 0.83 -19.81
N SER F 59 0.36 -0.14 -20.73
CA SER F 59 1.29 -1.26 -20.68
C SER F 59 1.91 -1.50 -22.05
N THR F 60 1.94 -0.48 -22.90
CA THR F 60 2.49 -0.59 -24.23
C THR F 60 3.15 0.74 -24.59
N ALA F 61 3.98 0.70 -25.62
CA ALA F 61 4.62 1.91 -26.11
C ALA F 61 5.16 1.63 -27.50
N THR F 62 5.22 2.68 -28.32
CA THR F 62 5.81 2.59 -29.65
C THR F 62 7.10 3.40 -29.68
N ILE F 63 8.17 2.75 -30.12
CA ILE F 63 9.49 3.38 -30.30
C ILE F 63 9.78 3.49 -31.79
N SER F 64 10.13 4.69 -32.25
CA SER F 64 10.33 4.95 -33.68
C SER F 64 11.73 5.47 -33.96
N GLY F 65 12.02 5.65 -35.24
CA GLY F 65 13.28 6.23 -35.67
C GLY F 65 14.52 5.43 -35.33
N LEU F 66 14.45 4.10 -35.46
CA LEU F 66 15.60 3.26 -35.14
C LEU F 66 16.43 2.98 -36.38
N LYS F 67 17.74 2.81 -36.16
CA LYS F 67 18.65 2.40 -37.24
C LYS F 67 18.39 0.94 -37.58
N PRO F 68 18.02 0.63 -38.83
CA PRO F 68 17.69 -0.76 -39.18
C PRO F 68 18.93 -1.65 -39.12
N GLY F 69 18.78 -2.80 -38.45
CA GLY F 69 19.85 -3.77 -38.33
C GLY F 69 20.71 -3.62 -37.10
N VAL F 70 20.53 -2.57 -36.31
CA VAL F 70 21.37 -2.31 -35.16
C VAL F 70 20.69 -2.87 -33.92
N ASP F 71 21.49 -3.44 -33.02
CA ASP F 71 21.00 -4.11 -31.83
C ASP F 71 20.87 -3.07 -30.72
N TYR F 72 19.63 -2.80 -30.28
CA TYR F 72 19.39 -1.81 -29.23
C TYR F 72 19.01 -2.47 -27.91
N THR F 73 19.24 -1.73 -26.83
CA THR F 73 18.86 -2.12 -25.48
C THR F 73 17.69 -1.26 -25.01
N ILE F 74 16.58 -1.89 -24.66
CA ILE F 74 15.35 -1.22 -24.28
C ILE F 74 15.11 -1.50 -22.80
N THR F 75 14.98 -0.44 -22.00
CA THR F 75 14.75 -0.58 -20.57
C THR F 75 13.48 0.16 -20.19
N VAL F 76 12.67 -0.46 -19.33
CA VAL F 76 11.42 0.12 -18.84
C VAL F 76 11.55 0.25 -17.33
N TYR F 77 11.41 1.47 -16.81
CA TYR F 77 11.35 1.62 -15.36
C TYR F 77 9.93 1.94 -14.93
N ALA F 78 9.63 1.59 -13.69
CA ALA F 78 8.34 1.89 -13.07
C ALA F 78 8.58 2.65 -11.77
N SER F 79 7.81 3.71 -11.57
CA SER F 79 7.93 4.55 -10.39
C SER F 79 6.79 4.28 -9.43
N ASP F 80 7.10 4.35 -8.14
CA ASP F 80 6.14 4.32 -7.04
C ASP F 80 6.12 5.68 -6.39
N TYR F 81 4.92 6.24 -6.18
CA TYR F 81 4.75 7.52 -5.51
C TYR F 81 3.87 7.34 -4.28
N TYR F 82 4.39 7.74 -3.12
CA TYR F 82 3.77 7.40 -1.86
C TYR F 82 4.46 8.18 -0.77
N ASP F 83 3.68 8.77 0.14
CA ASP F 83 4.21 9.57 1.24
C ASP F 83 5.07 10.72 0.72
N GLY F 84 4.60 11.36 -0.34
CA GLY F 84 5.32 12.49 -0.90
C GLY F 84 6.69 12.15 -1.45
N GLU F 85 6.98 10.86 -1.63
CA GLU F 85 8.27 10.43 -2.16
C GLU F 85 8.01 9.58 -3.40
N ILE F 86 8.74 9.85 -4.47
CA ILE F 86 8.70 9.04 -5.68
C ILE F 86 9.96 8.19 -5.71
N SER F 87 9.81 6.93 -6.11
CA SER F 87 10.95 6.03 -6.10
C SER F 87 10.80 5.01 -7.23
N TRP F 88 11.91 4.36 -7.59
CA TRP F 88 11.99 3.54 -8.79
C TRP F 88 12.21 2.08 -8.45
N TYR F 89 11.34 1.22 -8.98
CA TYR F 89 11.57 -0.22 -8.91
C TYR F 89 12.79 -0.61 -9.72
N SER F 90 13.25 -1.83 -9.52
CA SER F 90 14.27 -2.40 -10.38
C SER F 90 13.72 -2.46 -11.80
N PRO F 91 14.45 -1.98 -12.80
CA PRO F 91 13.95 -1.98 -14.17
C PRO F 91 14.10 -3.35 -14.83
N ILE F 92 13.47 -3.46 -16.00
CA ILE F 92 13.56 -4.63 -16.86
C ILE F 92 14.01 -4.17 -18.24
N SER F 93 14.85 -4.98 -18.88
CA SER F 93 15.43 -4.58 -20.15
C SER F 93 15.62 -5.79 -21.06
N ILE F 94 15.63 -5.53 -22.37
CA ILE F 94 15.81 -6.55 -23.40
C ILE F 94 16.72 -6.02 -24.49
N ASN F 95 17.29 -6.93 -25.28
CA ASN F 95 18.07 -6.59 -26.45
C ASN F 95 17.28 -6.99 -27.68
N TYR F 96 17.22 -6.10 -28.67
CA TYR F 96 16.51 -6.40 -29.90
C TYR F 96 17.28 -5.80 -31.07
N ARG F 97 17.30 -6.53 -32.19
CA ARG F 97 17.98 -6.13 -33.42
C ARG F 97 16.95 -5.90 -34.51
N THR F 98 16.92 -4.69 -35.06
CA THR F 98 15.98 -4.37 -36.12
C THR F 98 16.40 -4.97 -37.46
N SER G 6 25.57 -1.04 -9.82
CA SER G 6 24.31 -0.71 -9.15
C SER G 6 23.84 -1.85 -8.25
N SER G 7 24.67 -2.16 -7.26
CA SER G 7 24.37 -3.16 -6.26
C SER G 7 25.22 -2.85 -5.04
N VAL G 8 24.90 -3.49 -3.94
CA VAL G 8 25.69 -3.33 -2.72
C VAL G 8 25.89 -4.74 -2.17
N PRO G 9 27.12 -5.24 -2.07
CA PRO G 9 28.45 -4.63 -2.34
C PRO G 9 28.66 -4.30 -3.81
N THR G 10 29.77 -3.64 -4.15
CA THR G 10 30.03 -3.15 -5.50
C THR G 10 30.83 -4.17 -6.31
N LYS G 11 31.34 -5.21 -5.64
CA LYS G 11 32.06 -6.33 -6.24
C LYS G 11 31.65 -7.66 -5.64
N LEU G 12 32.13 -8.67 -6.34
CA LEU G 12 32.22 -10.01 -5.82
C LEU G 12 33.39 -10.69 -6.53
N GLU G 13 34.24 -11.36 -5.77
CA GLU G 13 35.54 -11.81 -6.27
C GLU G 13 35.92 -13.11 -5.57
N VAL G 14 36.46 -14.05 -6.34
CA VAL G 14 37.11 -15.22 -5.77
C VAL G 14 38.60 -14.90 -5.58
N VAL G 15 39.05 -14.90 -4.34
CA VAL G 15 40.47 -14.64 -4.06
C VAL G 15 41.28 -15.94 -4.05
N ALA G 16 40.76 -16.97 -3.40
CA ALA G 16 41.40 -18.28 -3.35
C ALA G 16 40.32 -19.34 -3.50
N ALA G 17 40.72 -20.52 -3.98
CA ALA G 17 39.77 -21.57 -4.26
C ALA G 17 40.41 -22.93 -4.02
N THR G 18 39.65 -23.82 -3.39
CA THR G 18 40.01 -25.22 -3.27
C THR G 18 38.96 -26.04 -4.00
N PRO G 19 39.13 -27.35 -4.19
CA PRO G 19 38.06 -28.14 -4.81
C PRO G 19 36.76 -28.11 -4.04
N THR G 20 36.81 -27.85 -2.74
CA THR G 20 35.61 -27.87 -1.90
C THR G 20 35.36 -26.58 -1.13
N SER G 21 36.26 -25.59 -1.17
CA SER G 21 36.04 -24.34 -0.46
C SER G 21 36.39 -23.16 -1.36
N LEU G 22 35.91 -21.98 -0.95
CA LEU G 22 36.15 -20.74 -1.67
C LEU G 22 36.38 -19.63 -0.67
N LEU G 23 37.32 -18.74 -0.98
CA LEU G 23 37.49 -17.51 -0.24
C LEU G 23 37.04 -16.35 -1.13
N ILE G 24 35.99 -15.66 -0.71
CA ILE G 24 35.46 -14.56 -1.50
C ILE G 24 35.62 -13.27 -0.71
N SER G 25 35.85 -12.18 -1.44
CA SER G 25 35.91 -10.84 -0.87
C SER G 25 34.94 -9.93 -1.62
N TRP G 26 34.62 -8.79 -1.01
CA TRP G 26 33.82 -7.77 -1.67
C TRP G 26 34.24 -6.41 -1.15
N ASP G 27 33.86 -5.37 -1.88
CA ASP G 27 34.12 -4.00 -1.46
C ASP G 27 33.05 -3.56 -0.47
N ALA G 28 33.46 -3.29 0.76
CA ALA G 28 32.54 -2.79 1.77
C ALA G 28 32.03 -1.41 1.35
N PRO G 29 30.79 -1.08 1.72
CA PRO G 29 30.22 0.21 1.32
C PRO G 29 30.67 1.32 2.25
N ALA G 30 30.48 2.56 1.76
CA ALA G 30 30.70 3.73 2.61
C ALA G 30 29.63 3.85 3.68
N VAL G 31 28.46 3.27 3.45
CA VAL G 31 27.35 3.28 4.41
C VAL G 31 27.44 2.07 5.32
N THR G 32 26.63 2.07 6.37
CA THR G 32 26.61 1.00 7.34
C THR G 32 25.79 -0.17 6.83
N VAL G 33 26.42 -1.32 6.65
CA VAL G 33 25.69 -2.57 6.39
C VAL G 33 25.31 -3.17 7.73
N ASP G 34 24.03 -3.54 7.87
CA ASP G 34 23.59 -4.22 9.08
C ASP G 34 24.21 -5.61 9.20
N HIS G 35 24.08 -6.42 8.15
CA HIS G 35 24.74 -7.72 8.07
C HIS G 35 24.65 -8.18 6.61
N TYR G 36 25.52 -9.11 6.25
CA TYR G 36 25.52 -9.68 4.92
C TYR G 36 24.82 -11.03 4.92
N VAL G 37 24.27 -11.40 3.77
CA VAL G 37 23.81 -12.77 3.55
C VAL G 37 24.49 -13.28 2.31
N ILE G 38 25.24 -14.37 2.46
CA ILE G 38 25.89 -15.00 1.32
C ILE G 38 25.09 -16.24 0.94
N THR G 39 24.65 -16.30 -0.30
CA THR G 39 23.93 -17.46 -0.79
C THR G 39 24.71 -18.07 -1.94
N TYR G 40 24.52 -19.37 -2.13
CA TYR G 40 25.19 -20.05 -3.22
C TYR G 40 24.53 -21.40 -3.45
N GLY G 41 24.56 -21.83 -4.70
CA GLY G 41 23.97 -23.09 -5.08
C GLY G 41 24.45 -23.44 -6.47
N GLU G 42 24.22 -24.69 -6.82
CA GLU G 42 24.65 -25.16 -8.14
C GLU G 42 23.94 -24.33 -9.20
N THR G 43 24.71 -23.84 -10.18
CA THR G 43 24.15 -23.05 -11.27
C THR G 43 23.08 -23.83 -12.05
N GLY G 44 22.97 -25.15 -11.83
CA GLY G 44 21.88 -25.93 -12.38
C GLY G 44 20.58 -25.17 -12.21
N GLY G 45 20.37 -24.58 -11.04
CA GLY G 45 19.38 -23.53 -10.91
C GLY G 45 18.33 -23.76 -9.85
N ASN G 46 18.23 -25.01 -9.43
CA ASN G 46 16.95 -25.56 -9.01
C ASN G 46 17.15 -26.61 -7.95
N SER G 47 18.36 -26.71 -7.39
CA SER G 47 18.86 -27.71 -6.47
C SER G 47 19.35 -27.00 -5.21
N PRO G 48 19.07 -27.52 -4.00
CA PRO G 48 19.00 -26.68 -2.79
C PRO G 48 20.06 -25.61 -2.60
N VAL G 49 19.57 -24.38 -2.47
CA VAL G 49 20.40 -23.19 -2.33
C VAL G 49 20.90 -23.06 -0.89
N GLN G 50 22.20 -22.83 -0.73
CA GLN G 50 22.86 -22.56 0.55
C GLN G 50 22.69 -21.10 0.94
N GLU G 51 22.74 -20.82 2.25
CA GLU G 51 22.93 -19.45 2.69
C GLU G 51 23.47 -19.42 4.12
N PHE G 52 24.21 -18.36 4.43
CA PHE G 52 24.63 -18.06 5.80
C PHE G 52 24.84 -16.54 5.93
N THR G 53 24.98 -16.06 7.16
CA THR G 53 25.12 -14.63 7.41
C THR G 53 26.56 -14.30 7.80
N VAL G 54 26.91 -13.04 7.61
CA VAL G 54 28.26 -12.51 7.88
C VAL G 54 28.09 -11.12 8.47
N PRO G 55 28.85 -10.78 9.53
CA PRO G 55 28.66 -9.47 10.17
C PRO G 55 28.88 -8.33 9.19
N GLY G 56 28.10 -7.26 9.40
CA GLY G 56 28.21 -6.09 8.54
C GLY G 56 29.55 -5.42 8.55
N SER G 57 30.46 -5.83 9.43
CA SER G 57 31.80 -5.24 9.50
C SER G 57 32.84 -6.01 8.70
N LYS G 58 32.52 -7.23 8.25
CA LYS G 58 33.40 -8.02 7.43
C LYS G 58 33.06 -7.78 5.96
N SER G 59 34.03 -8.02 5.09
CA SER G 59 33.80 -7.97 3.64
C SER G 59 34.51 -9.12 2.94
N THR G 60 34.63 -10.26 3.65
CA THR G 60 35.23 -11.49 3.17
C THR G 60 34.42 -12.65 3.72
N ALA G 61 34.60 -13.84 3.13
CA ALA G 61 33.92 -15.02 3.65
C ALA G 61 34.51 -16.28 3.04
N THR G 62 34.43 -17.37 3.80
CA THR G 62 34.84 -18.68 3.32
C THR G 62 33.61 -19.55 3.10
N ILE G 63 33.48 -20.09 1.90
CA ILE G 63 32.42 -21.01 1.51
C ILE G 63 33.04 -22.40 1.40
N SER G 64 32.47 -23.38 2.11
CA SER G 64 33.04 -24.72 2.16
C SER G 64 31.98 -25.76 1.79
N GLY G 65 32.40 -27.02 1.74
CA GLY G 65 31.49 -28.13 1.51
C GLY G 65 30.82 -28.13 0.16
N LEU G 66 31.56 -27.77 -0.89
CA LEU G 66 31.04 -27.73 -2.25
C LEU G 66 31.32 -29.03 -2.98
N LYS G 67 30.49 -29.33 -3.98
CA LYS G 67 30.76 -30.46 -4.85
C LYS G 67 31.94 -30.09 -5.74
N PRO G 68 33.04 -30.84 -5.69
CA PRO G 68 34.20 -30.47 -6.51
C PRO G 68 33.88 -30.63 -8.00
N GLY G 69 34.18 -29.58 -8.78
CA GLY G 69 33.92 -29.59 -10.21
C GLY G 69 32.60 -29.00 -10.67
N VAL G 70 31.73 -28.58 -9.75
CA VAL G 70 30.39 -28.07 -10.05
C VAL G 70 30.39 -26.55 -9.98
N ASP G 71 29.59 -25.93 -10.84
CA ASP G 71 29.58 -24.48 -10.97
C ASP G 71 28.57 -23.91 -9.99
N TYR G 72 28.99 -23.08 -9.03
CA TYR G 72 27.99 -22.51 -8.14
C TYR G 72 27.75 -21.07 -8.52
N THR G 73 26.59 -20.57 -8.15
CA THR G 73 26.22 -19.18 -8.33
C THR G 73 26.33 -18.55 -6.96
N ILE G 74 27.19 -17.55 -6.84
CA ILE G 74 27.54 -17.01 -5.54
C ILE G 74 26.94 -15.61 -5.47
N THR G 75 26.08 -15.39 -4.49
CA THR G 75 25.39 -14.12 -4.34
C THR G 75 25.62 -13.58 -2.93
N VAL G 76 25.88 -12.28 -2.85
CA VAL G 76 26.10 -11.58 -1.58
C VAL G 76 25.04 -10.49 -1.45
N TYR G 77 24.28 -10.51 -0.36
CA TYR G 77 23.37 -9.41 -0.10
C TYR G 77 23.89 -8.53 1.01
N ALA G 78 23.43 -7.28 1.01
CA ALA G 78 23.72 -6.31 2.06
C ALA G 78 22.42 -5.74 2.59
N SER G 79 22.32 -5.66 3.92
CA SER G 79 21.11 -5.17 4.57
C SER G 79 21.32 -3.75 5.09
N ASP G 80 20.26 -2.95 4.99
CA ASP G 80 20.16 -1.62 5.58
C ASP G 80 19.15 -1.65 6.71
N TYR G 81 19.54 -1.12 7.87
CA TYR G 81 18.63 -1.03 9.02
C TYR G 81 18.57 0.41 9.49
N TYR G 82 17.35 0.95 9.56
CA TYR G 82 17.12 2.36 9.77
C TYR G 82 15.63 2.55 10.09
N ASP G 83 15.32 3.34 11.12
CA ASP G 83 13.91 3.56 11.55
C ASP G 83 13.18 2.26 11.82
N GLY G 84 13.84 1.34 12.51
CA GLY G 84 13.26 0.07 12.88
C GLY G 84 12.89 -0.85 11.74
N GLU G 85 13.39 -0.57 10.53
CA GLU G 85 13.08 -1.42 9.39
C GLU G 85 14.36 -1.91 8.73
N ILE G 86 14.37 -3.20 8.42
CA ILE G 86 15.47 -3.86 7.71
C ILE G 86 15.06 -4.00 6.25
N SER G 87 16.01 -3.74 5.35
CA SER G 87 15.73 -3.82 3.92
C SER G 87 16.99 -4.22 3.18
N TRP G 88 16.85 -4.71 1.96
CA TRP G 88 17.94 -5.32 1.22
C TRP G 88 18.30 -4.50 -0.02
N TYR G 89 19.58 -4.16 -0.14
CA TYR G 89 20.09 -3.57 -1.37
C TYR G 89 20.01 -4.57 -2.52
N SER G 90 20.17 -4.08 -3.73
CA SER G 90 20.30 -4.99 -4.86
C SER G 90 21.56 -5.83 -4.66
N PRO G 91 21.48 -7.14 -4.76
CA PRO G 91 22.65 -7.99 -4.48
C PRO G 91 23.60 -8.05 -5.67
N ILE G 92 24.76 -8.64 -5.42
CA ILE G 92 25.75 -8.90 -6.45
C ILE G 92 26.09 -10.38 -6.46
N SER G 93 26.28 -10.94 -7.66
CA SER G 93 26.47 -12.37 -7.77
C SER G 93 27.47 -12.69 -8.88
N ILE G 94 28.15 -13.83 -8.72
CA ILE G 94 29.14 -14.30 -9.68
C ILE G 94 28.95 -15.80 -9.87
N ASN G 95 29.54 -16.31 -10.95
CA ASN G 95 29.64 -17.74 -11.20
C ASN G 95 31.10 -18.16 -11.04
N TYR G 96 31.32 -19.23 -10.29
CA TYR G 96 32.67 -19.76 -10.10
C TYR G 96 32.60 -21.28 -10.04
N ARG G 97 33.61 -21.94 -10.61
CA ARG G 97 33.67 -23.39 -10.57
C ARG G 97 34.93 -23.97 -9.91
N THR G 98 34.69 -24.82 -8.91
CA THR G 98 35.72 -25.58 -8.23
C THR G 98 36.32 -26.73 -9.10
N SER H 6 -24.45 25.15 34.64
CA SER H 6 -23.09 24.87 34.18
C SER H 6 -22.36 23.96 35.15
N SER H 7 -22.88 22.74 35.29
CA SER H 7 -22.28 21.73 36.15
C SER H 7 -22.70 20.38 35.64
N VAL H 8 -22.00 19.34 36.09
CA VAL H 8 -22.29 17.97 35.74
C VAL H 8 -22.25 17.13 37.00
N PRO H 9 -23.34 16.52 37.44
CA PRO H 9 -24.68 16.46 36.80
C PRO H 9 -25.35 17.82 36.82
N THR H 10 -26.49 17.98 36.14
CA THR H 10 -27.13 19.28 35.96
C THR H 10 -28.25 19.52 36.96
N LYS H 11 -28.72 18.48 37.63
CA LYS H 11 -29.77 18.59 38.61
C LYS H 11 -29.39 17.72 39.79
N LEU H 12 -29.89 18.06 40.96
CA LEU H 12 -29.60 17.32 42.18
C LEU H 12 -30.71 17.58 43.17
N GLU H 13 -31.20 16.52 43.80
CA GLU H 13 -32.42 16.63 44.58
C GLU H 13 -32.39 15.58 45.65
N VAL H 14 -33.01 15.89 46.77
CA VAL H 14 -33.36 14.88 47.76
C VAL H 14 -34.70 14.29 47.36
N VAL H 15 -34.72 12.99 47.08
CA VAL H 15 -35.94 12.31 46.67
C VAL H 15 -36.70 11.76 47.87
N ALA H 16 -35.99 11.19 48.83
CA ALA H 16 -36.59 10.68 50.06
C ALA H 16 -35.70 11.03 51.24
N ALA H 17 -36.30 11.13 52.42
CA ALA H 17 -35.56 11.59 53.59
C ALA H 17 -36.08 10.93 54.86
N THR H 18 -35.15 10.54 55.74
CA THR H 18 -35.45 10.14 57.11
C THR H 18 -34.69 11.13 57.99
N PRO H 19 -34.86 11.12 59.31
CA PRO H 19 -34.06 12.04 60.15
C PRO H 19 -32.57 11.81 60.04
N THR H 20 -32.11 10.61 59.65
CA THR H 20 -30.69 10.32 59.61
C THR H 20 -30.18 9.92 58.23
N SER H 21 -31.06 9.73 57.24
CA SER H 21 -30.60 9.35 55.91
C SER H 21 -31.35 10.14 54.85
N LEU H 22 -30.77 10.16 53.65
CA LEU H 22 -31.30 10.88 52.50
C LEU H 22 -31.09 10.06 51.25
N LEU H 23 -32.07 10.11 50.35
CA LEU H 23 -31.95 9.55 49.01
C LEU H 23 -31.84 10.69 48.02
N ILE H 24 -30.72 10.78 47.31
CA ILE H 24 -30.49 11.85 46.36
C ILE H 24 -30.43 11.26 44.95
N SER H 25 -30.96 12.00 44.00
CA SER H 25 -30.89 11.66 42.59
C SER H 25 -30.33 12.85 41.82
N TRP H 26 -29.84 12.55 40.62
CA TRP H 26 -29.36 13.58 39.72
C TRP H 26 -29.61 13.13 38.29
N ASP H 27 -29.60 14.10 37.37
CA ASP H 27 -29.73 13.80 35.95
C ASP H 27 -28.36 13.42 35.40
N ALA H 28 -28.23 12.18 34.97
CA ALA H 28 -27.00 11.76 34.33
C ALA H 28 -26.82 12.50 33.00
N PRO H 29 -25.59 12.83 32.62
CA PRO H 29 -25.37 13.54 31.36
C PRO H 29 -25.35 12.56 30.19
N ALA H 30 -25.44 13.12 28.98
CA ALA H 30 -25.38 12.33 27.76
C ALA H 30 -23.99 11.72 27.51
N VAL H 31 -22.94 12.30 28.08
CA VAL H 31 -21.58 11.79 27.90
C VAL H 31 -21.26 10.73 28.97
N THR H 32 -20.17 10.00 28.77
CA THR H 32 -19.79 8.94 29.69
C THR H 32 -19.14 9.53 30.93
N VAL H 33 -19.76 9.34 32.08
CA VAL H 33 -19.12 9.66 33.35
C VAL H 33 -18.27 8.47 33.78
N ASP H 34 -17.00 8.73 34.09
CA ASP H 34 -16.14 7.68 34.61
C ASP H 34 -16.64 7.20 35.97
N HIS H 35 -16.84 8.12 36.90
CA HIS H 35 -17.45 7.76 38.16
C HIS H 35 -17.84 9.04 38.87
N TYR H 36 -18.77 8.93 39.80
CA TYR H 36 -19.21 10.07 40.59
C TYR H 36 -18.52 10.04 41.93
N VAL H 37 -18.42 11.22 42.53
CA VAL H 37 -18.05 11.37 43.93
C VAL H 37 -19.14 12.17 44.60
N ILE H 38 -19.72 11.60 45.63
CA ILE H 38 -20.70 12.29 46.46
C ILE H 38 -19.99 12.70 47.74
N THR H 39 -20.03 13.99 48.06
CA THR H 39 -19.46 14.49 49.30
C THR H 39 -20.54 15.18 50.10
N TYR H 40 -20.34 15.22 51.41
CA TYR H 40 -21.34 15.81 52.27
C TYR H 40 -20.71 16.15 53.60
N GLY H 41 -21.18 17.24 54.18
CA GLY H 41 -20.69 17.68 55.47
C GLY H 41 -21.60 18.75 55.98
N GLU H 42 -21.48 19.02 57.27
CA GLU H 42 -22.31 20.04 57.88
C GLU H 42 -22.00 21.40 57.28
N THR H 43 -23.07 22.14 56.95
CA THR H 43 -22.90 23.47 56.40
C THR H 43 -22.15 24.40 57.37
N GLY H 44 -22.11 24.04 58.66
CA GLY H 44 -21.33 24.81 59.62
C GLY H 44 -19.91 25.09 59.20
N GLY H 45 -19.22 24.09 58.66
CA GLY H 45 -17.94 24.37 58.04
C GLY H 45 -16.82 23.47 58.55
N ASN H 46 -16.41 23.67 59.81
CA ASN H 46 -15.35 22.89 60.43
C ASN H 46 -15.64 21.41 60.65
N SER H 47 -16.82 20.93 60.28
CA SER H 47 -17.15 19.58 60.71
C SER H 47 -16.84 18.60 59.57
N PRO H 48 -16.03 17.56 59.83
CA PRO H 48 -15.36 16.80 58.77
C PRO H 48 -16.20 16.35 57.59
N VAL H 49 -15.79 16.74 56.38
CA VAL H 49 -16.53 16.43 55.16
C VAL H 49 -16.25 14.99 54.77
N GLN H 50 -17.31 14.19 54.67
CA GLN H 50 -17.28 12.79 54.22
C GLN H 50 -17.48 12.71 52.71
N GLU H 51 -17.01 11.61 52.10
CA GLU H 51 -17.27 11.41 50.68
C GLU H 51 -17.18 9.94 50.33
N PHE H 52 -17.86 9.57 49.23
CA PHE H 52 -17.75 8.23 48.68
C PHE H 52 -17.99 8.31 47.17
N THR H 53 -17.68 7.22 46.48
CA THR H 53 -17.76 7.16 45.03
C THR H 53 -18.94 6.30 44.59
N VAL H 54 -19.38 6.52 43.35
CA VAL H 54 -20.54 5.85 42.76
C VAL H 54 -20.25 5.59 41.28
N PRO H 55 -20.59 4.42 40.74
CA PRO H 55 -20.29 4.15 39.33
C PRO H 55 -20.94 5.17 38.40
N GLY H 56 -20.24 5.49 37.31
CA GLY H 56 -20.73 6.47 36.35
C GLY H 56 -22.04 6.08 35.69
N SER H 57 -22.54 4.88 35.96
CA SER H 57 -23.78 4.37 35.41
C SER H 57 -25.00 4.60 36.30
N LYS H 58 -24.80 4.98 37.57
CA LYS H 58 -25.91 5.28 38.47
C LYS H 58 -26.21 6.76 38.47
N SER H 59 -27.44 7.10 38.89
CA SER H 59 -27.84 8.49 39.07
C SER H 59 -28.53 8.71 40.41
N THR H 60 -28.26 7.85 41.38
CA THR H 60 -28.87 7.94 42.72
C THR H 60 -27.84 7.50 43.75
N ALA H 61 -28.09 7.87 45.00
CA ALA H 61 -27.20 7.47 46.08
C ALA H 61 -27.89 7.69 47.41
N THR H 62 -27.55 6.87 48.40
CA THR H 62 -28.09 7.02 49.74
C THR H 62 -27.00 7.48 50.69
N ILE H 63 -27.27 8.56 51.41
CA ILE H 63 -26.39 9.07 52.46
C ILE H 63 -27.03 8.75 53.79
N SER H 64 -26.29 8.09 54.68
CA SER H 64 -26.85 7.66 55.95
C SER H 64 -26.02 8.22 57.10
N GLY H 65 -26.48 7.95 58.32
CA GLY H 65 -25.74 8.34 59.50
C GLY H 65 -25.61 9.84 59.68
N LEU H 66 -26.66 10.60 59.38
CA LEU H 66 -26.62 12.04 59.52
C LEU H 66 -27.17 12.45 60.88
N LYS H 67 -26.69 13.59 61.37
CA LYS H 67 -27.26 14.17 62.59
C LYS H 67 -28.63 14.73 62.26
N PRO H 68 -29.70 14.26 62.90
CA PRO H 68 -31.06 14.73 62.58
C PRO H 68 -31.25 16.18 62.98
N GLY H 69 -31.80 16.97 62.05
CA GLY H 69 -32.04 18.37 62.32
C GLY H 69 -30.92 19.29 61.90
N VAL H 70 -29.79 18.75 61.46
CA VAL H 70 -28.63 19.54 61.12
C VAL H 70 -28.62 19.77 59.61
N ASP H 71 -28.18 20.96 59.20
CA ASP H 71 -28.15 21.37 57.80
C ASP H 71 -26.82 20.93 57.18
N TYR H 72 -26.88 20.00 56.22
CA TYR H 72 -25.67 19.56 55.53
C TYR H 72 -25.66 20.08 54.09
N THR H 73 -24.45 20.11 53.52
CA THR H 73 -24.21 20.44 52.12
C THR H 73 -23.77 19.19 51.36
N ILE H 74 -24.52 18.84 50.32
CA ILE H 74 -24.30 17.62 49.56
C ILE H 74 -23.81 18.02 48.18
N THR H 75 -22.64 17.50 47.79
CA THR H 75 -22.02 17.83 46.52
C THR H 75 -21.72 16.56 45.72
N VAL H 76 -22.02 16.61 44.43
CA VAL H 76 -21.81 15.49 43.52
C VAL H 76 -20.83 15.93 42.45
N TYR H 77 -19.70 15.25 42.33
CA TYR H 77 -18.83 15.52 41.20
C TYR H 77 -18.91 14.37 40.21
N ALA H 78 -18.64 14.71 38.95
CA ALA H 78 -18.59 13.76 37.85
C ALA H 78 -17.25 13.91 37.16
N SER H 79 -16.65 12.76 36.84
CA SER H 79 -15.33 12.70 36.23
C SER H 79 -15.42 12.36 34.75
N ASP H 80 -14.52 12.95 33.98
CA ASP H 80 -14.28 12.61 32.59
C ASP H 80 -12.93 11.93 32.50
N TYR H 81 -12.88 10.79 31.81
CA TYR H 81 -11.62 10.07 31.60
C TYR H 81 -11.38 9.91 30.11
N TYR H 82 -10.23 10.40 29.65
CA TYR H 82 -10.00 10.54 28.23
C TYR H 82 -8.53 10.85 27.97
N ASP H 83 -7.89 10.17 27.01
CA ASP H 83 -6.48 10.40 26.70
C ASP H 83 -5.59 10.20 27.92
N GLY H 84 -5.86 9.16 28.68
CA GLY H 84 -5.05 8.85 29.85
C GLY H 84 -5.09 9.90 30.93
N GLU H 85 -6.06 10.82 30.86
CA GLU H 85 -6.19 11.86 31.86
C GLU H 85 -7.61 11.84 32.43
N ILE H 86 -7.68 11.92 33.76
CA ILE H 86 -8.95 12.02 34.49
C ILE H 86 -9.12 13.47 34.88
N SER H 87 -10.34 13.98 34.73
CA SER H 87 -10.60 15.37 35.07
C SER H 87 -12.04 15.50 35.51
N TRP H 88 -12.32 16.58 36.24
CA TRP H 88 -13.56 16.76 36.95
C TRP H 88 -14.34 17.93 36.38
N TYR H 89 -15.62 17.69 36.08
CA TYR H 89 -16.55 18.75 35.73
C TYR H 89 -16.82 19.66 36.93
N SER H 90 -17.42 20.80 36.64
CA SER H 90 -17.91 21.66 37.70
C SER H 90 -18.97 20.92 38.51
N PRO H 91 -18.87 20.88 39.83
CA PRO H 91 -19.80 20.09 40.64
C PRO H 91 -21.15 20.77 40.84
N ILE H 92 -22.06 20.01 41.43
CA ILE H 92 -23.39 20.46 41.79
C ILE H 92 -23.57 20.21 43.28
N SER H 93 -24.22 21.13 43.99
CA SER H 93 -24.30 21.00 45.43
C SER H 93 -25.64 21.55 45.92
N ILE H 94 -26.11 21.03 47.05
CA ILE H 94 -27.37 21.43 47.65
C ILE H 94 -27.23 21.53 49.17
N ASN H 95 -28.16 22.25 49.78
CA ASN H 95 -28.29 22.33 51.22
C ASN H 95 -29.57 21.63 51.62
N TYR H 96 -29.50 20.77 52.63
CA TYR H 96 -30.67 20.07 53.08
C TYR H 96 -30.61 19.98 54.60
N ARG H 97 -31.76 20.13 55.22
CA ARG H 97 -31.93 20.11 56.67
C ARG H 97 -32.80 18.90 57.01
N THR H 98 -32.20 17.93 57.69
CA THR H 98 -32.91 16.71 58.08
C THR H 98 -33.80 16.94 59.29
CL CL I . -21.78 19.24 5.98
CL CL J . 25.60 25.08 1.36
CL CL K . 9.98 -20.84 -25.65
CL CL L . -13.60 -61.38 -34.53
#